data_9KMS
#
_entry.id   9KMS
#
_cell.length_a   1.00
_cell.length_b   1.00
_cell.length_c   1.00
_cell.angle_alpha   90.00
_cell.angle_beta   90.00
_cell.angle_gamma   90.00
#
_symmetry.space_group_name_H-M   'P 1'
#
loop_
_entity.id
_entity.type
_entity.pdbx_description
1 polymer 'C-reactive protein'
2 polymer 'CRP antibody2'
#
loop_
_entity_poly.entity_id
_entity_poly.type
_entity_poly.pdbx_seq_one_letter_code
_entity_poly.pdbx_strand_id
1 'polypeptide(L)'
;QTDMSRKAFVFPKESDTSYVSLKAPLTKPLKAFTVCLHFYTELSSTRGYSIFSYATKRQDNEILIFWSKDIGYSFTVGGS
EILFEVPEVTVAPVHICTSWESASGIVEFWVDGKPRVRKSLKKGYTVGAEASIILGQEQDSFGGNFEGSQSLVGDIGNVN
MWDFVLSPDEINTIYLGGPFSPNVLNWRALKYEVQGEVFTKPQLWP
;
C,A,E,G,I
2 'polypeptide(L)'
;MAHVQLVESGGGLVQAGGSLRLSCAASRDIFSRYTVGWYRQAPGKQRDLVALITNGGSTHYVDSVKGRFTISRDNAKNTV
YLQMNSLKSEDTAIYYCNAFRASFDRTPLYSWGQGTLVTVSS
;
D,B,F,H,J
#
# COMPACT_ATOMS: atom_id res chain seq x y z
N GLN A 1 -29.67 11.44 35.59
CA GLN A 1 -28.91 12.48 34.83
C GLN A 1 -27.45 12.47 35.26
N THR A 2 -26.60 11.79 34.50
CA THR A 2 -25.20 11.62 34.83
C THR A 2 -24.34 12.14 33.69
N ASP A 3 -23.20 12.71 34.08
CA ASP A 3 -22.26 13.20 33.10
C ASP A 3 -21.35 12.06 32.73
N MET A 4 -21.30 11.71 31.45
CA MET A 4 -20.51 10.59 30.97
C MET A 4 -19.23 11.04 30.27
N SER A 5 -18.87 12.31 30.38
CA SER A 5 -17.66 12.79 29.74
C SER A 5 -16.46 11.99 30.23
N ARG A 6 -15.56 11.67 29.30
CA ARG A 6 -14.40 10.83 29.61
C ARG A 6 -14.81 9.46 30.08
N LYS A 7 -15.99 9.00 29.65
CA LYS A 7 -16.48 7.67 30.02
C LYS A 7 -17.28 7.11 28.86
N ALA A 8 -17.29 5.78 28.77
CA ALA A 8 -17.94 5.09 27.68
C ALA A 8 -18.66 3.86 28.20
N PHE A 9 -19.67 3.43 27.45
CA PHE A 9 -20.48 2.29 27.83
C PHE A 9 -19.79 1.00 27.41
N VAL A 10 -19.56 0.13 28.39
CA VAL A 10 -18.81 -1.10 28.18
C VAL A 10 -19.74 -2.14 27.57
N PHE A 11 -19.45 -2.49 26.30
CA PHE A 11 -20.24 -3.49 25.56
C PHE A 11 -19.29 -4.64 25.30
N PRO A 12 -19.09 -5.58 26.13
CA PRO A 12 -18.08 -6.61 25.85
C PRO A 12 -18.61 -7.96 25.40
N LYS A 13 -19.96 -8.18 25.42
CA LYS A 13 -20.51 -9.46 25.02
C LYS A 13 -21.55 -9.28 23.92
N GLU A 14 -21.51 -10.16 22.93
CA GLU A 14 -22.60 -10.27 21.97
C GLU A 14 -23.79 -10.92 22.65
N SER A 15 -24.93 -10.23 22.66
CA SER A 15 -26.12 -10.74 23.32
C SER A 15 -27.30 -9.85 22.98
N ASP A 16 -28.49 -10.39 23.20
CA ASP A 16 -29.72 -9.63 23.05
C ASP A 16 -30.16 -8.95 24.34
N THR A 17 -29.36 -9.05 25.40
CA THR A 17 -29.65 -8.41 26.68
C THR A 17 -28.85 -7.15 26.92
N SER A 18 -27.58 -7.13 26.49
CA SER A 18 -26.73 -5.97 26.71
C SER A 18 -27.33 -4.80 25.94
N TYR A 19 -27.69 -3.74 26.65
CA TYR A 19 -28.17 -2.51 26.01
C TYR A 19 -28.27 -1.42 27.07
N VAL A 20 -28.56 -0.21 26.61
CA VAL A 20 -28.68 0.95 27.48
C VAL A 20 -29.81 1.77 26.85
N SER A 21 -30.90 1.94 27.58
CA SER A 21 -31.98 2.82 27.18
C SER A 21 -31.63 4.26 27.58
N LEU A 22 -31.37 5.10 26.59
CA LEU A 22 -31.00 6.49 26.85
C LEU A 22 -32.26 7.34 26.81
N LYS A 23 -32.63 7.90 27.96
CA LYS A 23 -33.77 8.81 28.02
C LYS A 23 -33.44 10.11 27.31
N ALA A 24 -34.49 10.80 26.86
CA ALA A 24 -34.35 12.09 26.21
C ALA A 24 -35.58 12.93 26.50
N PRO A 25 -35.41 14.22 26.79
CA PRO A 25 -36.59 15.08 27.02
C PRO A 25 -37.32 15.46 25.74
N LEU A 26 -36.87 14.98 24.59
CA LEU A 26 -37.49 15.33 23.31
C LEU A 26 -39.00 15.14 23.37
N THR A 27 -39.73 16.16 22.94
CA THR A 27 -41.18 16.15 22.93
C THR A 27 -41.78 16.41 21.56
N LYS A 28 -41.19 17.32 20.77
CA LYS A 28 -41.70 17.61 19.43
C LYS A 28 -41.05 16.67 18.42
N PRO A 29 -41.82 15.99 17.57
CA PRO A 29 -41.19 15.10 16.59
C PRO A 29 -40.15 15.84 15.77
N LEU A 30 -38.94 15.26 15.73
CA LEU A 30 -37.79 15.98 15.19
C LEU A 30 -37.90 16.10 13.68
N LYS A 31 -37.98 17.34 13.19
CA LYS A 31 -37.85 17.62 11.78
C LYS A 31 -36.40 17.75 11.34
N ALA A 32 -35.47 17.71 12.29
CA ALA A 32 -34.04 17.83 12.00
C ALA A 32 -33.29 17.43 13.24
N PHE A 33 -32.13 16.81 13.04
CA PHE A 33 -31.35 16.32 14.18
C PHE A 33 -29.93 16.01 13.72
N THR A 34 -29.11 15.74 14.77
CA THR A 34 -27.76 15.31 14.52
C THR A 34 -27.29 14.46 15.70
N VAL A 35 -26.87 13.19 15.43
CA VAL A 35 -26.29 12.36 16.48
C VAL A 35 -24.80 12.23 16.21
N CYS A 36 -24.00 12.59 17.21
CA CYS A 36 -22.56 12.42 17.22
C CYS A 36 -22.19 11.42 18.30
N LEU A 37 -21.29 10.50 17.99
CA LEU A 37 -20.87 9.54 19.00
C LEU A 37 -19.53 8.96 18.59
N HIS A 38 -18.66 8.78 19.59
CA HIS A 38 -17.36 8.18 19.38
C HIS A 38 -17.44 6.75 19.89
N PHE A 39 -17.41 5.79 18.98
CA PHE A 39 -17.49 4.38 19.33
C PHE A 39 -16.27 3.66 18.80
N TYR A 40 -16.14 2.40 19.22
CA TYR A 40 -14.99 1.62 18.82
C TYR A 40 -15.31 0.15 19.01
N THR A 41 -15.09 -0.66 17.99
CA THR A 41 -15.33 -2.10 18.05
C THR A 41 -14.59 -2.75 16.90
N GLU A 42 -14.23 -4.02 17.11
CA GLU A 42 -13.52 -4.75 16.09
C GLU A 42 -14.45 -5.71 15.36
N LEU A 43 -15.75 -5.65 15.65
CA LEU A 43 -16.67 -6.47 14.87
C LEU A 43 -16.75 -6.02 13.42
N SER A 44 -16.18 -4.87 13.08
CA SER A 44 -16.25 -4.37 11.72
C SER A 44 -15.82 -5.45 10.72
N SER A 45 -14.84 -6.26 11.10
CA SER A 45 -14.34 -7.34 10.26
C SER A 45 -14.87 -8.71 10.64
N THR A 46 -15.91 -8.77 11.49
CA THR A 46 -16.53 -10.05 11.81
C THR A 46 -18.02 -10.04 11.48
N ARG A 47 -18.69 -8.92 11.73
CA ARG A 47 -20.11 -8.80 11.42
C ARG A 47 -20.54 -7.36 11.66
N GLY A 48 -21.80 -7.08 11.34
CA GLY A 48 -22.35 -5.77 11.58
C GLY A 48 -22.76 -5.58 13.03
N TYR A 49 -23.09 -4.34 13.38
CA TYR A 49 -23.47 -4.04 14.74
C TYR A 49 -24.30 -2.76 14.76
N SER A 50 -25.18 -2.66 15.75
CA SER A 50 -25.98 -1.46 15.91
C SER A 50 -25.13 -0.42 16.60
N ILE A 51 -24.62 0.56 15.84
CA ILE A 51 -23.79 1.62 16.42
C ILE A 51 -24.66 2.54 17.26
N PHE A 52 -25.86 2.84 16.77
CA PHE A 52 -26.80 3.64 17.54
C PHE A 52 -28.20 3.32 17.05
N SER A 53 -29.14 3.18 17.99
CA SER A 53 -30.51 2.78 17.68
C SER A 53 -31.49 3.75 18.29
N TYR A 54 -32.56 4.03 17.53
CA TYR A 54 -33.60 4.99 17.90
C TYR A 54 -34.92 4.45 17.36
N ALA A 55 -35.83 4.10 18.25
CA ALA A 55 -37.08 3.47 17.86
C ALA A 55 -38.26 4.39 18.16
N THR A 56 -39.39 4.05 17.54
CA THR A 56 -40.66 4.69 17.76
C THR A 56 -41.76 3.64 17.75
N LYS A 57 -42.93 3.99 18.27
CA LYS A 57 -44.01 3.01 18.33
C LYS A 57 -44.44 2.64 16.92
N ARG A 58 -44.16 3.50 15.94
CA ARG A 58 -44.45 3.18 14.55
C ARG A 58 -43.27 2.54 13.84
N GLN A 59 -42.05 3.03 14.09
CA GLN A 59 -40.85 2.55 13.42
C GLN A 59 -39.86 2.02 14.46
N ASP A 60 -39.39 0.80 14.25
CA ASP A 60 -38.40 0.22 15.14
C ASP A 60 -37.04 0.85 14.94
N ASN A 61 -36.66 1.20 13.70
CA ASN A 61 -35.38 1.83 13.44
C ASN A 61 -35.57 3.26 12.96
N GLU A 62 -36.36 4.00 13.71
CA GLU A 62 -36.61 5.39 13.35
C GLU A 62 -35.31 6.15 13.07
N ILE A 63 -34.25 5.90 13.80
CA ILE A 63 -32.95 6.48 13.48
C ILE A 63 -31.92 5.46 13.92
N LEU A 64 -31.16 4.94 13.00
CA LEU A 64 -30.23 3.87 13.34
C LEU A 64 -28.98 3.81 12.52
N ILE A 65 -27.84 3.98 13.20
CA ILE A 65 -26.54 3.88 12.56
C ILE A 65 -26.09 2.45 12.80
N PHE A 66 -25.71 1.74 11.75
CA PHE A 66 -25.36 0.34 11.86
C PHE A 66 -24.15 0.07 10.99
N TRP A 67 -23.37 -0.93 11.36
CA TRP A 67 -22.23 -1.32 10.52
C TRP A 67 -22.71 -2.32 9.49
N SER A 68 -22.85 -1.86 8.25
CA SER A 68 -23.18 -2.81 7.20
C SER A 68 -21.91 -3.60 7.07
N LYS A 69 -21.98 -4.89 7.31
CA LYS A 69 -20.81 -5.77 7.33
C LYS A 69 -20.19 -5.69 5.95
N ASP A 70 -18.96 -5.49 5.80
CA ASP A 70 -18.32 -5.46 4.48
C ASP A 70 -18.84 -4.31 3.60
N ILE A 71 -19.57 -3.31 4.14
CA ILE A 71 -19.92 -2.12 3.31
C ILE A 71 -19.89 -0.77 4.05
N GLY A 72 -19.60 -0.74 5.35
CA GLY A 72 -19.44 0.54 6.02
C GLY A 72 -20.55 0.91 6.99
N TYR A 73 -21.13 2.11 6.86
CA TYR A 73 -22.12 2.59 7.81
C TYR A 73 -23.47 2.74 7.12
N SER A 74 -24.42 1.87 7.44
CA SER A 74 -25.79 2.03 6.99
C SER A 74 -26.52 2.91 8.00
N PHE A 75 -26.95 4.09 7.55
CA PHE A 75 -27.69 5.02 8.39
C PHE A 75 -29.12 5.09 7.89
N THR A 76 -30.05 4.92 8.83
CA THR A 76 -31.44 4.85 8.49
C THR A 76 -32.28 5.85 9.26
N VAL A 77 -33.29 6.39 8.58
CA VAL A 77 -34.19 7.34 9.21
C VAL A 77 -35.62 6.92 8.88
N GLY A 78 -36.48 6.77 9.88
CA GLY A 78 -37.88 6.48 9.60
C GLY A 78 -38.08 5.23 8.78
N GLY A 79 -37.32 4.18 9.07
CA GLY A 79 -37.39 2.96 8.26
C GLY A 79 -36.56 3.01 7.01
N SER A 80 -36.65 4.08 6.24
CA SER A 80 -35.84 4.20 5.04
C SER A 80 -34.37 4.25 5.43
N GLU A 81 -33.51 3.86 4.50
CA GLU A 81 -32.11 3.63 4.84
C GLU A 81 -31.21 3.99 3.67
N ILE A 82 -30.05 4.54 4.04
CA ILE A 82 -29.03 4.91 3.06
C ILE A 82 -27.74 4.27 3.57
N LEU A 83 -26.68 4.25 2.76
CA LEU A 83 -25.46 3.55 3.12
C LEU A 83 -24.23 4.35 2.70
N PHE A 84 -23.31 4.55 3.65
CA PHE A 84 -22.02 5.18 3.44
C PHE A 84 -20.97 4.09 3.35
N GLU A 85 -20.36 4.09 2.06
CA GLU A 85 -19.33 3.11 1.79
C GLU A 85 -18.02 3.37 2.51
N VAL A 86 -17.62 2.32 3.41
CA VAL A 86 -16.32 2.51 4.04
C VAL A 86 -15.31 1.66 3.27
N PRO A 87 -14.39 2.26 2.52
CA PRO A 87 -13.49 1.44 1.69
C PRO A 87 -12.66 0.46 2.49
N GLU A 88 -12.28 0.85 3.70
CA GLU A 88 -11.48 0.00 4.55
C GLU A 88 -11.77 0.45 5.97
N VAL A 89 -12.03 -0.49 6.86
CA VAL A 89 -12.36 -0.16 8.23
C VAL A 89 -11.12 -0.51 9.05
N THR A 90 -10.62 0.45 9.80
CA THR A 90 -9.45 0.26 10.65
C THR A 90 -9.88 -0.07 12.07
N VAL A 91 -9.02 -0.82 12.77
CA VAL A 91 -9.24 -1.12 14.18
C VAL A 91 -8.74 0.18 14.81
N ALA A 92 -9.69 1.04 15.19
CA ALA A 92 -9.38 2.28 15.89
C ALA A 92 -10.68 3.01 16.21
N PRO A 93 -10.76 3.69 17.35
CA PRO A 93 -12.00 4.40 17.67
C PRO A 93 -12.32 5.44 16.61
N VAL A 94 -13.63 5.52 16.30
CA VAL A 94 -14.10 6.44 15.29
C VAL A 94 -15.25 7.27 15.82
N HIS A 95 -15.27 8.54 15.45
CA HIS A 95 -16.30 9.46 15.89
C HIS A 95 -17.21 9.75 14.71
N ILE A 96 -18.42 9.22 14.76
CA ILE A 96 -19.39 9.40 13.69
C ILE A 96 -20.32 10.55 14.05
N CYS A 97 -20.91 11.15 13.02
CA CYS A 97 -21.83 12.28 13.20
C CYS A 97 -22.74 12.21 11.99
N THR A 98 -24.01 11.90 12.18
CA THR A 98 -25.00 11.95 11.11
C THR A 98 -26.05 13.01 11.40
N SER A 99 -26.49 13.69 10.33
CA SER A 99 -27.23 14.95 10.44
C SER A 99 -28.44 14.97 9.51
N TRP A 100 -29.25 13.91 9.54
CA TRP A 100 -30.47 13.90 8.75
C TRP A 100 -31.39 15.07 9.07
N GLU A 101 -32.09 15.54 8.03
CA GLU A 101 -33.00 16.66 8.17
C GLU A 101 -34.28 16.33 7.46
N SER A 102 -35.41 16.92 7.90
CA SER A 102 -36.73 16.66 7.32
C SER A 102 -37.17 17.66 6.29
N ALA A 103 -36.26 18.26 5.58
CA ALA A 103 -36.74 19.16 4.55
C ALA A 103 -36.05 18.77 3.32
N SER A 104 -34.72 18.68 3.40
CA SER A 104 -33.93 18.31 2.26
C SER A 104 -33.45 16.87 2.40
N GLY A 105 -33.85 16.19 3.48
CA GLY A 105 -33.44 14.82 3.70
C GLY A 105 -31.93 14.73 3.75
N ILE A 106 -31.27 15.82 4.08
CA ILE A 106 -29.81 15.83 4.02
C ILE A 106 -29.13 15.24 5.24
N VAL A 107 -28.05 14.51 5.01
CA VAL A 107 -27.35 13.79 6.07
C VAL A 107 -25.86 14.09 5.91
N GLU A 108 -25.32 14.92 6.80
CA GLU A 108 -23.89 15.15 6.87
C GLU A 108 -23.30 14.10 7.81
N PHE A 109 -22.95 12.94 7.27
CA PHE A 109 -22.46 11.86 8.13
C PHE A 109 -20.96 12.03 8.35
N TRP A 110 -20.60 12.96 9.22
CA TRP A 110 -19.19 13.14 9.51
C TRP A 110 -18.65 11.92 10.25
N VAL A 111 -17.57 11.35 9.73
CA VAL A 111 -16.96 10.13 10.25
C VAL A 111 -15.52 10.46 10.62
N ASP A 112 -15.11 10.09 11.83
CA ASP A 112 -13.74 10.29 12.29
C ASP A 112 -13.31 11.74 12.08
N GLY A 113 -14.26 12.67 12.18
CA GLY A 113 -13.98 14.06 11.95
C GLY A 113 -14.00 14.46 10.49
N LYS A 114 -14.04 13.50 9.56
CA LYS A 114 -14.10 13.80 8.14
C LYS A 114 -15.54 13.68 7.65
N PRO A 115 -15.90 14.39 6.59
CA PRO A 115 -17.29 14.35 6.11
C PRO A 115 -17.56 13.22 5.13
N ARG A 116 -18.78 12.69 5.21
CA ARG A 116 -19.33 11.85 4.17
C ARG A 116 -20.31 12.67 3.35
N VAL A 117 -20.22 12.54 2.03
CA VAL A 117 -21.05 13.36 1.15
C VAL A 117 -22.54 13.31 1.43
N ARG A 118 -23.15 14.48 1.51
CA ARG A 118 -24.57 14.58 1.82
C ARG A 118 -25.38 13.77 0.82
N LYS A 119 -26.34 13.02 1.32
CA LYS A 119 -27.22 12.21 0.48
C LYS A 119 -28.63 12.26 1.06
N SER A 120 -29.62 12.29 0.18
CA SER A 120 -31.00 12.41 0.63
C SER A 120 -31.40 11.21 1.47
N LEU A 121 -32.37 11.43 2.36
CA LEU A 121 -32.99 10.34 3.10
C LEU A 121 -34.29 10.87 3.68
N LYS A 122 -35.34 10.07 3.54
CA LYS A 122 -36.63 10.34 4.19
C LYS A 122 -37.16 11.77 4.10
N LYS A 123 -36.88 12.42 2.96
CA LYS A 123 -37.25 13.82 2.78
C LYS A 123 -38.64 14.29 3.16
N GLY A 124 -38.69 15.33 3.99
CA GLY A 124 -39.97 15.83 4.49
C GLY A 124 -40.64 14.86 5.43
N TYR A 125 -39.87 14.31 6.36
CA TYR A 125 -40.36 13.30 7.28
C TYR A 125 -40.10 13.74 8.71
N THR A 126 -41.02 13.41 9.61
CA THR A 126 -40.92 13.80 11.01
C THR A 126 -40.52 12.58 11.84
N VAL A 127 -39.47 12.73 12.64
CA VAL A 127 -39.02 11.67 13.52
C VAL A 127 -39.86 11.70 14.79
N GLY A 128 -40.42 10.55 15.15
CA GLY A 128 -41.26 10.47 16.34
C GLY A 128 -40.53 10.93 17.60
N ALA A 129 -41.15 11.84 18.34
CA ALA A 129 -40.52 12.37 19.55
C ALA A 129 -40.29 11.26 20.56
N GLU A 130 -41.32 10.49 20.87
CA GLU A 130 -41.17 9.36 21.78
C GLU A 130 -40.17 8.37 21.21
N ALA A 131 -39.22 7.95 22.05
CA ALA A 131 -38.14 7.11 21.56
C ALA A 131 -37.64 6.20 22.68
N SER A 132 -37.05 5.07 22.27
CA SER A 132 -36.46 4.12 23.22
C SER A 132 -35.01 3.91 22.77
N ILE A 133 -34.28 5.00 22.59
CA ILE A 133 -32.89 4.95 22.14
C ILE A 133 -32.18 3.86 22.92
N ILE A 134 -31.44 3.04 22.17
CA ILE A 134 -30.69 1.96 22.78
C ILE A 134 -29.38 1.79 22.03
N LEU A 135 -28.40 1.18 22.69
CA LEU A 135 -27.12 0.92 22.06
C LEU A 135 -26.78 -0.55 22.22
N GLY A 136 -26.20 -1.17 21.18
CA GLY A 136 -25.84 -2.57 21.21
C GLY A 136 -26.88 -3.50 20.63
N GLN A 137 -28.02 -2.93 20.20
CA GLN A 137 -29.10 -3.74 19.67
C GLN A 137 -29.88 -3.07 18.55
N GLU A 138 -30.02 -3.75 17.41
CA GLU A 138 -30.86 -3.25 16.31
C GLU A 138 -32.23 -3.71 16.81
N GLN A 139 -32.98 -2.78 17.40
CA GLN A 139 -34.30 -3.10 17.89
C GLN A 139 -35.29 -3.21 16.74
N ASP A 140 -35.96 -4.36 16.65
CA ASP A 140 -37.05 -4.54 15.70
C ASP A 140 -38.38 -4.07 16.26
N SER A 141 -38.40 -3.55 17.48
CA SER A 141 -39.59 -2.91 18.04
C SER A 141 -39.10 -1.78 18.95
N PHE A 142 -40.03 -1.20 19.71
CA PHE A 142 -39.67 -0.13 20.64
C PHE A 142 -38.90 -0.73 21.82
N GLY A 143 -37.59 -0.72 21.73
CA GLY A 143 -36.75 -1.28 22.77
C GLY A 143 -36.98 -2.76 22.99
N GLY A 144 -37.03 -3.53 21.91
CA GLY A 144 -37.25 -4.96 22.04
C GLY A 144 -36.79 -5.71 20.82
N ASN A 145 -36.79 -7.05 20.88
CA ASN A 145 -36.43 -7.85 19.71
C ASN A 145 -34.96 -7.69 19.38
N PHE A 146 -34.10 -7.81 20.39
CA PHE A 146 -32.67 -7.62 20.15
C PHE A 146 -32.02 -8.89 19.65
N GLU A 147 -30.98 -8.73 18.84
CA GLU A 147 -30.29 -9.85 18.23
C GLU A 147 -28.79 -9.67 18.42
N GLY A 148 -28.12 -10.72 18.92
CA GLY A 148 -26.69 -10.66 19.11
C GLY A 148 -25.94 -10.36 17.82
N SER A 149 -26.34 -10.97 16.71
CA SER A 149 -25.67 -10.76 15.43
C SER A 149 -25.72 -9.30 15.03
N GLN A 150 -26.81 -8.63 15.34
CA GLN A 150 -26.95 -7.21 15.06
C GLN A 150 -26.49 -6.34 16.22
N SER A 151 -25.76 -6.93 17.16
CA SER A 151 -25.36 -6.21 18.37
C SER A 151 -23.95 -5.68 18.39
N LEU A 152 -23.75 -4.56 19.05
CA LEU A 152 -22.43 -3.98 19.18
C LEU A 152 -21.73 -4.59 20.40
N VAL A 153 -20.51 -5.06 20.19
CA VAL A 153 -19.77 -5.77 21.23
C VAL A 153 -18.43 -5.08 21.44
N GLY A 154 -18.40 -3.76 21.23
CA GLY A 154 -17.21 -2.99 21.51
C GLY A 154 -17.43 -2.02 22.66
N ASP A 155 -17.55 -0.74 22.34
CA ASP A 155 -17.91 0.27 23.32
C ASP A 155 -18.24 1.55 22.56
N ILE A 156 -18.97 2.44 23.22
CA ILE A 156 -19.41 3.66 22.56
C ILE A 156 -19.65 4.74 23.60
N GLY A 157 -19.48 5.99 23.22
CA GLY A 157 -19.66 7.11 24.12
C GLY A 157 -19.80 8.40 23.33
N ASN A 158 -19.72 9.51 24.06
CA ASN A 158 -19.90 10.83 23.47
C ASN A 158 -21.20 10.92 22.69
N VAL A 159 -22.17 10.08 23.05
CA VAL A 159 -23.44 10.03 22.34
C VAL A 159 -24.20 11.32 22.65
N ASN A 160 -24.27 12.19 21.64
CA ASN A 160 -24.97 13.46 21.77
C ASN A 160 -25.98 13.60 20.67
N MET A 161 -27.17 14.09 20.97
CA MET A 161 -28.22 14.32 19.99
C MET A 161 -28.65 15.78 20.04
N TRP A 162 -28.69 16.41 18.87
CA TRP A 162 -29.17 17.77 18.70
C TRP A 162 -30.42 17.74 17.82
N ASP A 163 -31.30 18.71 18.05
CA ASP A 163 -32.51 18.85 17.23
C ASP A 163 -32.27 19.68 15.98
N PHE A 164 -31.01 20.04 15.73
CA PHE A 164 -30.69 20.81 14.55
C PHE A 164 -29.46 20.24 13.89
N VAL A 165 -29.33 20.47 12.60
CA VAL A 165 -28.13 20.05 11.88
C VAL A 165 -27.01 21.00 12.26
N LEU A 166 -26.01 20.49 12.97
CA LEU A 166 -24.87 21.31 13.37
C LEU A 166 -24.08 21.77 12.18
N SER A 167 -23.56 22.99 12.23
CA SER A 167 -22.70 23.46 11.17
C SER A 167 -21.46 22.57 11.11
N PRO A 168 -20.88 22.39 9.91
CA PRO A 168 -19.68 21.55 9.79
C PRO A 168 -18.57 21.93 10.76
N ASP A 169 -18.36 23.22 10.99
CA ASP A 169 -17.41 23.62 12.02
C ASP A 169 -17.87 23.13 13.39
N GLU A 170 -19.18 23.19 13.65
CA GLU A 170 -19.70 22.66 14.91
C GLU A 170 -19.42 21.18 15.04
N ILE A 171 -19.62 20.42 13.96
CA ILE A 171 -19.34 18.99 14.00
C ILE A 171 -17.86 18.74 14.25
N ASN A 172 -17.02 19.56 13.63
CA ASN A 172 -15.59 19.44 13.88
C ASN A 172 -15.36 19.61 15.36
N THR A 173 -15.93 20.65 15.93
CA THR A 173 -15.73 20.90 17.35
C THR A 173 -16.20 19.72 18.21
N ILE A 174 -17.34 19.12 17.86
CA ILE A 174 -17.78 17.94 18.59
C ILE A 174 -16.70 16.86 18.53
N TYR A 175 -16.08 16.70 17.36
CA TYR A 175 -14.97 15.76 17.26
C TYR A 175 -13.83 16.17 18.17
N LEU A 176 -13.53 17.48 18.24
CA LEU A 176 -12.44 17.96 19.07
C LEU A 176 -12.76 17.84 20.56
N GLY A 177 -14.00 17.57 20.93
CA GLY A 177 -14.38 17.41 22.32
C GLY A 177 -14.72 18.70 23.04
N GLY A 178 -14.80 19.83 22.33
CA GLY A 178 -15.15 21.08 22.94
C GLY A 178 -16.54 21.04 23.54
N PRO A 179 -17.00 22.16 24.07
CA PRO A 179 -18.35 22.20 24.65
C PRO A 179 -19.43 22.18 23.57
N PHE A 180 -20.60 21.72 23.96
CA PHE A 180 -21.78 21.71 23.09
C PHE A 180 -23.02 21.59 23.96
N SER A 181 -24.17 21.78 23.32
CA SER A 181 -25.48 21.72 23.98
C SER A 181 -26.37 20.74 23.25
N PRO A 182 -26.17 19.44 23.45
CA PRO A 182 -27.04 18.44 22.80
C PRO A 182 -28.41 18.39 23.47
N ASN A 183 -29.30 19.28 23.04
CA ASN A 183 -30.61 19.41 23.68
C ASN A 183 -31.34 18.07 23.73
N VAL A 184 -31.39 17.36 22.60
CA VAL A 184 -32.18 16.13 22.53
C VAL A 184 -31.59 15.07 23.47
N LEU A 185 -30.30 14.85 23.42
CA LEU A 185 -29.66 13.92 24.32
C LEU A 185 -28.25 14.39 24.38
N ASN A 186 -27.62 14.38 25.56
CA ASN A 186 -26.26 14.90 25.70
C ASN A 186 -25.45 13.95 26.55
N TRP A 187 -24.32 13.51 26.03
CA TRP A 187 -23.47 12.59 26.77
C TRP A 187 -23.07 13.19 28.11
N ARG A 188 -22.70 14.48 28.12
CA ARG A 188 -22.28 15.13 29.35
C ARG A 188 -23.44 15.40 30.30
N ALA A 189 -24.67 15.31 29.82
CA ALA A 189 -25.88 15.51 30.63
C ALA A 189 -26.88 14.39 30.33
N LEU A 190 -26.39 13.15 30.39
CA LEU A 190 -27.09 12.01 29.83
C LEU A 190 -28.01 11.38 30.86
N LYS A 191 -29.29 11.25 30.51
CA LYS A 191 -30.25 10.49 31.30
C LYS A 191 -30.39 9.11 30.66
N TYR A 192 -30.10 8.08 31.44
CA TYR A 192 -30.25 6.75 30.90
C TYR A 192 -30.30 5.67 31.93
N GLU A 193 -30.62 4.47 31.48
CA GLU A 193 -30.69 3.29 32.31
C GLU A 193 -30.04 2.15 31.54
N VAL A 194 -29.49 1.18 32.25
CA VAL A 194 -28.71 0.11 31.65
C VAL A 194 -29.38 -1.23 31.93
N GLN A 195 -29.43 -2.08 30.91
CA GLN A 195 -29.95 -3.42 31.02
C GLN A 195 -28.96 -4.40 30.42
N GLY A 196 -28.94 -5.60 30.96
CA GLY A 196 -28.01 -6.62 30.51
C GLY A 196 -26.65 -6.48 31.17
N GLU A 197 -25.60 -6.90 30.47
CA GLU A 197 -24.26 -6.92 31.03
C GLU A 197 -23.42 -5.72 30.59
N VAL A 198 -24.07 -4.64 30.15
CA VAL A 198 -23.35 -3.44 29.78
C VAL A 198 -22.84 -2.75 31.04
N PHE A 199 -21.53 -2.51 31.08
CA PHE A 199 -20.94 -1.72 32.16
C PHE A 199 -20.78 -0.26 31.70
N THR A 200 -19.96 0.50 32.42
CA THR A 200 -19.63 1.85 31.98
C THR A 200 -18.34 2.25 32.69
N LYS A 201 -17.33 2.62 31.92
CA LYS A 201 -16.02 2.94 32.46
C LYS A 201 -15.31 3.88 31.50
N PRO A 202 -14.28 4.59 31.98
CA PRO A 202 -13.57 5.57 31.14
C PRO A 202 -13.29 5.29 29.66
N GLN A 203 -13.83 6.13 28.78
CA GLN A 203 -13.66 5.92 27.35
C GLN A 203 -12.22 5.81 26.85
N LEU A 204 -12.01 4.84 25.95
CA LEU A 204 -10.65 4.62 25.44
C LEU A 204 -10.20 5.77 24.55
N TRP A 205 -11.07 6.23 23.65
CA TRP A 205 -10.66 7.21 22.66
C TRP A 205 -10.28 8.51 23.34
N PRO A 206 -9.38 9.31 22.72
CA PRO A 206 -8.93 10.57 23.32
C PRO A 206 -10.08 11.51 23.66
N HIS B 3 -47.29 -14.14 -2.01
CA HIS B 3 -48.01 -13.12 -2.75
C HIS B 3 -47.06 -12.03 -3.21
N VAL B 4 -45.89 -11.96 -2.57
CA VAL B 4 -44.93 -10.89 -2.86
C VAL B 4 -44.48 -10.97 -4.32
N GLN B 5 -44.03 -12.13 -4.76
CA GLN B 5 -43.73 -12.42 -6.15
C GLN B 5 -42.84 -11.40 -6.87
N LEU B 6 -41.67 -11.15 -6.27
CA LEU B 6 -40.74 -10.20 -6.84
C LEU B 6 -40.69 -10.51 -8.34
N VAL B 7 -40.96 -9.49 -9.14
CA VAL B 7 -40.83 -9.63 -10.58
C VAL B 7 -39.40 -9.91 -10.95
N GLU B 8 -39.20 -10.96 -11.72
CA GLU B 8 -37.86 -11.33 -12.18
C GLU B 8 -38.10 -11.29 -13.68
N SER B 9 -37.58 -10.26 -14.34
CA SER B 9 -37.62 -10.16 -15.79
C SER B 9 -36.51 -9.20 -16.22
N GLY B 10 -36.44 -8.94 -17.52
CA GLY B 10 -35.32 -8.22 -18.08
C GLY B 10 -34.06 -9.05 -18.17
N GLY B 11 -34.20 -10.34 -18.50
CA GLY B 11 -33.06 -11.21 -18.66
C GLY B 11 -32.95 -11.77 -20.06
N GLY B 12 -32.03 -12.70 -20.27
CA GLY B 12 -31.86 -13.29 -21.59
C GLY B 12 -30.43 -13.51 -21.99
N LEU B 13 -30.17 -13.51 -23.29
CA LEU B 13 -28.85 -13.77 -23.85
C LEU B 13 -28.25 -12.45 -24.32
N VAL B 14 -27.00 -12.21 -23.94
CA VAL B 14 -26.29 -11.00 -24.35
C VAL B 14 -24.82 -11.36 -24.54
N GLN B 15 -24.21 -10.80 -25.57
CA GLN B 15 -22.79 -11.07 -25.80
C GLN B 15 -21.97 -10.36 -24.73
N ALA B 16 -20.82 -10.96 -24.40
CA ALA B 16 -20.11 -10.58 -23.19
C ALA B 16 -19.69 -9.12 -23.20
N GLY B 17 -19.90 -8.45 -22.06
CA GLY B 17 -19.62 -7.03 -21.97
C GLY B 17 -20.70 -6.13 -22.49
N GLY B 18 -21.88 -6.68 -22.74
CA GLY B 18 -23.02 -5.90 -23.19
C GLY B 18 -23.80 -5.31 -22.03
N SER B 19 -25.00 -4.85 -22.39
CA SER B 19 -25.87 -4.24 -21.41
C SER B 19 -27.24 -4.89 -21.43
N LEU B 20 -27.82 -5.13 -20.25
CA LEU B 20 -29.14 -5.74 -20.18
C LEU B 20 -29.84 -5.19 -18.94
N ARG B 21 -31.13 -4.89 -19.09
CA ARG B 21 -31.89 -4.24 -18.03
C ARG B 21 -32.73 -5.30 -17.31
N LEU B 22 -32.35 -5.58 -16.07
CA LEU B 22 -33.12 -6.52 -15.28
C LEU B 22 -34.18 -5.77 -14.49
N SER B 23 -35.39 -6.27 -14.51
CA SER B 23 -36.51 -5.66 -13.80
C SER B 23 -36.72 -6.29 -12.43
N CYS B 24 -37.28 -5.50 -11.52
CA CYS B 24 -37.58 -6.00 -10.17
C CYS B 24 -38.84 -5.30 -9.66
N ALA B 25 -40.02 -5.71 -10.10
CA ALA B 25 -41.27 -5.09 -9.70
C ALA B 25 -41.80 -5.75 -8.44
N ALA B 26 -42.43 -4.94 -7.60
CA ALA B 26 -42.95 -5.41 -6.32
C ALA B 26 -44.45 -5.20 -6.26
N SER B 27 -45.15 -6.23 -5.78
CA SER B 27 -46.56 -6.05 -5.45
C SER B 27 -46.70 -4.95 -4.41
N ARG B 28 -47.81 -4.22 -4.49
CA ARG B 28 -47.99 -3.05 -3.62
C ARG B 28 -46.74 -2.17 -3.66
N ASP B 29 -46.36 -1.61 -2.51
CA ASP B 29 -45.18 -0.76 -2.40
C ASP B 29 -44.07 -1.37 -1.55
N ILE B 30 -44.13 -2.67 -1.31
CA ILE B 30 -43.18 -3.30 -0.39
C ILE B 30 -41.70 -2.88 -0.46
N PHE B 31 -41.15 -2.73 -1.66
CA PHE B 31 -39.71 -2.45 -1.71
C PHE B 31 -39.37 -1.14 -1.03
N SER B 32 -40.37 -0.29 -0.77
CA SER B 32 -40.11 0.95 -0.04
C SER B 32 -39.40 0.68 1.28
N ARG B 33 -39.88 -0.31 2.04
CA ARG B 33 -39.22 -0.66 3.29
C ARG B 33 -38.08 -1.66 3.08
N TYR B 34 -38.19 -2.53 2.09
CA TYR B 34 -37.12 -3.48 1.81
C TYR B 34 -35.90 -2.80 1.20
N THR B 35 -34.72 -3.23 1.61
CA THR B 35 -33.47 -2.90 0.94
C THR B 35 -33.22 -4.01 -0.08
N VAL B 36 -33.72 -3.79 -1.29
CA VAL B 36 -33.71 -4.85 -2.31
C VAL B 36 -32.34 -5.09 -2.94
N GLY B 37 -32.09 -6.35 -3.29
CA GLY B 37 -30.79 -6.78 -3.75
C GLY B 37 -30.82 -7.85 -4.81
N TRP B 38 -29.86 -7.77 -5.73
CA TRP B 38 -29.69 -8.77 -6.77
C TRP B 38 -28.64 -9.77 -6.34
N TYR B 39 -28.99 -11.05 -6.39
CA TYR B 39 -28.11 -12.17 -6.08
C TYR B 39 -27.80 -12.92 -7.36
N ARG B 40 -26.59 -13.44 -7.49
CA ARG B 40 -26.21 -14.26 -8.64
C ARG B 40 -26.13 -15.72 -8.20
N GLN B 41 -27.14 -16.51 -8.60
CA GLN B 41 -27.15 -17.93 -8.29
C GLN B 41 -26.62 -18.68 -9.50
N ALA B 42 -25.37 -18.44 -9.84
CA ALA B 42 -24.77 -19.05 -11.00
C ALA B 42 -24.71 -20.57 -10.83
N PRO B 43 -24.76 -21.32 -11.93
CA PRO B 43 -24.75 -22.78 -11.80
C PRO B 43 -23.50 -23.26 -11.08
N GLY B 44 -23.71 -24.14 -10.11
CA GLY B 44 -22.61 -24.61 -9.28
C GLY B 44 -22.06 -23.54 -8.37
N LYS B 45 -22.70 -22.37 -8.44
CA LYS B 45 -22.29 -21.24 -7.62
C LYS B 45 -23.24 -20.93 -6.50
N GLN B 46 -22.99 -19.87 -5.76
CA GLN B 46 -23.72 -19.60 -4.53
C GLN B 46 -24.92 -18.71 -4.82
N ARG B 47 -25.68 -18.42 -3.77
CA ARG B 47 -26.74 -17.41 -3.82
C ARG B 47 -26.19 -16.06 -3.41
N ASP B 48 -25.05 -15.70 -4.01
CA ASP B 48 -24.37 -14.46 -3.63
C ASP B 48 -24.98 -13.23 -4.25
N LEU B 49 -25.00 -12.15 -3.50
CA LEU B 49 -25.58 -10.90 -3.98
C LEU B 49 -24.63 -10.23 -4.97
N VAL B 50 -25.10 -10.05 -6.20
CA VAL B 50 -24.34 -9.23 -7.13
C VAL B 50 -24.29 -7.79 -6.65
N ALA B 51 -25.41 -7.28 -6.14
CA ALA B 51 -25.45 -5.91 -5.67
C ALA B 51 -26.66 -5.73 -4.78
N LEU B 52 -26.80 -4.52 -4.23
CA LEU B 52 -27.93 -4.19 -3.37
C LEU B 52 -28.12 -2.68 -3.37
N ILE B 53 -29.33 -2.26 -2.99
CA ILE B 53 -29.64 -0.83 -2.90
C ILE B 53 -30.45 -0.53 -1.65
N THR B 54 -30.07 0.51 -0.93
CA THR B 54 -30.77 0.90 0.28
C THR B 54 -32.12 1.55 0.01
N ASN B 55 -32.94 1.63 1.04
CA ASN B 55 -34.25 2.28 0.90
C ASN B 55 -34.09 3.71 0.41
N GLY B 56 -33.14 4.44 0.99
CA GLY B 56 -32.96 5.84 0.60
C GLY B 56 -32.56 5.99 -0.85
N GLY B 57 -31.75 5.08 -1.36
CA GLY B 57 -31.32 5.15 -2.74
C GLY B 57 -29.88 4.75 -2.95
N SER B 58 -29.08 4.84 -1.89
CA SER B 58 -27.68 4.45 -1.99
C SER B 58 -27.57 2.97 -2.35
N THR B 59 -26.51 2.62 -3.08
CA THR B 59 -26.33 1.29 -3.61
C THR B 59 -24.90 0.83 -3.40
N HIS B 60 -24.72 -0.48 -3.37
CA HIS B 60 -23.40 -1.09 -3.33
C HIS B 60 -23.34 -2.26 -4.30
N TYR B 61 -22.16 -2.47 -4.87
CA TYR B 61 -21.90 -3.57 -5.79
C TYR B 61 -20.66 -4.30 -5.33
N VAL B 62 -20.73 -5.63 -5.29
CA VAL B 62 -19.58 -6.41 -4.87
C VAL B 62 -18.36 -6.18 -5.75
N ASP B 63 -17.18 -6.30 -5.17
CA ASP B 63 -15.95 -6.05 -5.90
C ASP B 63 -15.95 -6.68 -7.29
N SER B 64 -16.41 -7.93 -7.40
CA SER B 64 -16.48 -8.59 -8.69
C SER B 64 -17.40 -7.88 -9.66
N VAL B 65 -18.31 -7.04 -9.17
CA VAL B 65 -19.28 -6.34 -10.03
C VAL B 65 -19.07 -4.84 -10.01
N LYS B 66 -17.99 -4.37 -9.39
CA LYS B 66 -17.75 -2.93 -9.29
C LYS B 66 -17.82 -2.26 -10.66
N GLY B 67 -18.78 -1.36 -10.81
CA GLY B 67 -18.95 -0.65 -12.07
C GLY B 67 -19.64 -1.49 -13.12
N ARG B 68 -19.58 -2.82 -12.95
CA ARG B 68 -20.18 -3.72 -13.92
C ARG B 68 -21.65 -3.43 -14.12
N PHE B 69 -22.36 -3.31 -13.01
CA PHE B 69 -23.78 -3.01 -13.08
C PHE B 69 -24.16 -1.84 -12.19
N THR B 70 -25.36 -1.32 -12.44
CA THR B 70 -25.88 -0.19 -11.67
C THR B 70 -27.32 -0.49 -11.27
N ILE B 71 -27.57 -0.61 -9.98
CA ILE B 71 -28.91 -0.86 -9.48
C ILE B 71 -29.54 0.43 -9.00
N SER B 72 -30.76 0.71 -9.44
CA SER B 72 -31.48 1.92 -9.05
C SER B 72 -32.88 1.53 -8.59
N ARG B 73 -33.44 2.37 -7.72
CA ARG B 73 -34.77 2.12 -7.20
C ARG B 73 -35.84 2.84 -7.98
N ASP B 74 -36.72 2.10 -8.63
CA ASP B 74 -37.82 2.69 -9.37
C ASP B 74 -39.03 2.70 -8.45
N ASN B 75 -39.14 3.76 -7.65
CA ASN B 75 -40.24 3.89 -6.70
C ASN B 75 -41.57 4.20 -7.38
N ALA B 76 -41.56 4.55 -8.66
CA ALA B 76 -42.81 4.86 -9.34
C ALA B 76 -43.74 3.66 -9.36
N LYS B 77 -43.21 2.47 -9.64
CA LYS B 77 -44.01 1.24 -9.67
C LYS B 77 -43.41 0.10 -8.86
N ASN B 78 -42.37 0.36 -8.05
CA ASN B 78 -41.65 -0.66 -7.30
C ASN B 78 -40.74 -1.49 -8.18
N THR B 79 -40.61 -0.97 -9.41
CA THR B 79 -39.81 -1.66 -10.39
C THR B 79 -38.32 -1.29 -10.35
N VAL B 80 -37.63 -1.62 -9.26
CA VAL B 80 -36.21 -1.32 -9.18
C VAL B 80 -35.50 -1.94 -10.37
N TYR B 81 -34.68 -1.15 -11.03
CA TYR B 81 -34.06 -1.55 -12.28
C TYR B 81 -32.59 -1.84 -12.03
N LEU B 82 -32.03 -2.73 -12.84
CA LEU B 82 -30.61 -3.07 -12.76
C LEU B 82 -30.02 -3.08 -14.16
N GLN B 83 -29.19 -2.07 -14.45
CA GLN B 83 -28.52 -2.02 -15.73
C GLN B 83 -27.21 -2.76 -15.64
N MET B 84 -27.07 -3.79 -16.43
CA MET B 84 -25.84 -4.57 -16.47
C MET B 84 -25.01 -4.13 -17.67
N ASN B 85 -23.81 -3.65 -17.38
CA ASN B 85 -22.92 -3.25 -18.44
C ASN B 85 -21.68 -4.12 -18.36
N SER B 86 -20.93 -4.19 -19.45
CA SER B 86 -19.72 -5.01 -19.49
C SER B 86 -19.84 -6.42 -18.91
N LEU B 87 -20.87 -7.13 -19.34
CA LEU B 87 -21.17 -8.44 -18.78
C LEU B 87 -20.10 -9.43 -19.22
N LYS B 88 -19.25 -9.80 -18.26
CA LYS B 88 -18.26 -10.81 -18.52
C LYS B 88 -18.92 -12.17 -18.40
N SER B 89 -18.22 -13.23 -18.74
CA SER B 89 -18.81 -14.56 -18.77
C SER B 89 -19.25 -15.00 -17.38
N GLU B 90 -18.44 -14.72 -16.37
CA GLU B 90 -18.82 -15.08 -15.01
C GLU B 90 -20.24 -14.63 -14.73
N ASP B 91 -20.57 -13.42 -15.15
CA ASP B 91 -21.91 -12.88 -14.92
C ASP B 91 -23.00 -13.85 -15.36
N THR B 92 -22.73 -14.65 -16.39
CA THR B 92 -23.70 -15.64 -16.83
C THR B 92 -24.20 -16.44 -15.64
N ALA B 93 -25.49 -16.32 -15.32
CA ALA B 93 -26.09 -16.98 -14.18
C ALA B 93 -27.57 -16.61 -14.14
N ILE B 94 -28.29 -17.20 -13.19
CA ILE B 94 -29.65 -16.79 -12.92
C ILE B 94 -29.59 -15.77 -11.78
N TYR B 95 -30.14 -14.58 -12.03
CA TYR B 95 -30.12 -13.50 -11.05
C TYR B 95 -31.44 -13.50 -10.29
N TYR B 96 -31.35 -13.71 -8.98
CA TYR B 96 -32.50 -13.68 -8.09
C TYR B 96 -32.60 -12.28 -7.49
N CYS B 97 -33.65 -11.56 -7.87
CA CYS B 97 -33.91 -10.24 -7.30
C CYS B 97 -34.75 -10.42 -6.04
N ASN B 98 -34.10 -10.36 -4.89
CA ASN B 98 -34.80 -10.58 -3.63
C ASN B 98 -34.95 -9.27 -2.87
N ALA B 99 -35.86 -9.30 -1.89
CA ALA B 99 -36.17 -8.13 -1.08
C ALA B 99 -36.15 -8.52 0.38
N PHE B 100 -35.01 -8.30 1.04
CA PHE B 100 -34.94 -8.31 2.49
C PHE B 100 -35.24 -6.91 3.01
N ARG B 101 -35.41 -6.77 4.32
CA ARG B 101 -35.97 -5.53 4.84
C ARG B 101 -35.03 -4.36 5.10
N ALA B 102 -33.93 -4.58 5.80
CA ALA B 102 -32.94 -3.54 6.05
C ALA B 102 -31.59 -3.92 5.43
N SER B 103 -30.67 -2.96 5.42
CA SER B 103 -29.41 -3.14 4.69
C SER B 103 -28.42 -4.03 5.44
N PHE B 104 -28.40 -3.94 6.77
CA PHE B 104 -27.47 -4.76 7.54
C PHE B 104 -27.74 -6.25 7.35
N ASP B 105 -29.02 -6.63 7.31
CA ASP B 105 -29.40 -8.05 7.25
C ASP B 105 -29.48 -8.51 5.79
N ARG B 106 -28.30 -8.64 5.19
CA ARG B 106 -28.23 -9.13 3.82
C ARG B 106 -28.69 -10.58 3.74
N THR B 107 -28.26 -11.42 4.68
CA THR B 107 -28.57 -12.85 4.62
C THR B 107 -30.07 -13.12 4.57
N PRO B 108 -30.90 -12.51 5.42
CA PRO B 108 -32.34 -12.77 5.34
C PRO B 108 -32.89 -12.33 3.99
N LEU B 109 -33.88 -13.07 3.52
CA LEU B 109 -34.53 -12.77 2.24
C LEU B 109 -36.03 -12.61 2.31
N TYR B 110 -36.70 -13.18 3.31
CA TYR B 110 -38.16 -13.12 3.38
C TYR B 110 -38.78 -13.51 2.06
N SER B 111 -39.50 -12.60 1.42
CA SER B 111 -40.13 -12.90 0.14
C SER B 111 -39.10 -13.42 -0.85
N TRP B 112 -39.45 -14.51 -1.53
CA TRP B 112 -38.60 -15.14 -2.52
C TRP B 112 -39.31 -15.18 -3.87
N GLY B 113 -38.53 -15.09 -4.94
CA GLY B 113 -39.08 -15.08 -6.28
C GLY B 113 -38.65 -16.27 -7.13
N GLN B 114 -38.45 -16.02 -8.42
CA GLN B 114 -38.05 -17.06 -9.37
C GLN B 114 -36.76 -16.74 -10.10
N GLY B 115 -36.41 -15.46 -10.24
CA GLY B 115 -35.17 -15.07 -10.88
C GLY B 115 -35.31 -14.89 -12.38
N THR B 116 -34.24 -14.37 -12.99
CA THR B 116 -34.17 -14.19 -14.43
C THR B 116 -32.84 -14.69 -14.94
N LEU B 117 -32.88 -15.45 -16.03
CA LEU B 117 -31.65 -15.99 -16.58
C LEU B 117 -30.83 -14.90 -17.26
N VAL B 118 -29.51 -15.16 -17.34
CA VAL B 118 -28.58 -14.25 -17.99
C VAL B 118 -27.58 -15.19 -18.64
N THR B 119 -27.33 -14.98 -19.93
CA THR B 119 -26.32 -15.77 -20.63
C THR B 119 -25.32 -14.84 -21.32
N VAL B 120 -24.12 -14.77 -20.76
CA VAL B 120 -23.07 -13.94 -21.35
C VAL B 120 -22.33 -14.78 -22.37
N SER B 121 -22.47 -14.44 -23.63
CA SER B 121 -21.86 -15.19 -24.73
C SER B 121 -20.57 -14.52 -25.19
N GLN C 1 -28.08 38.18 -5.62
CA GLN C 1 -26.64 38.30 -5.23
C GLN C 1 -26.47 37.91 -3.77
N THR C 2 -26.08 36.66 -3.53
CA THR C 2 -25.95 36.13 -2.19
C THR C 2 -24.53 35.63 -1.97
N ASP C 3 -24.06 35.80 -0.73
CA ASP C 3 -22.75 35.32 -0.37
C ASP C 3 -22.90 33.88 0.07
N MET C 4 -22.19 32.98 -0.58
CA MET C 4 -22.27 31.56 -0.30
C MET C 4 -21.08 31.04 0.49
N SER C 5 -20.24 31.94 1.00
CA SER C 5 -19.08 31.51 1.78
C SER C 5 -19.53 30.64 2.94
N ARG C 6 -18.77 29.57 3.19
CA ARG C 6 -19.12 28.60 4.23
C ARG C 6 -20.46 27.94 3.95
N LYS C 7 -20.83 27.85 2.67
CA LYS C 7 -22.07 27.20 2.28
C LYS C 7 -21.86 26.52 0.93
N ALA C 8 -22.62 25.46 0.70
CA ALA C 8 -22.49 24.66 -0.50
C ALA C 8 -23.87 24.26 -1.00
N PHE C 9 -23.92 23.96 -2.29
CA PHE C 9 -25.18 23.60 -2.93
C PHE C 9 -25.44 22.11 -2.72
N VAL C 10 -26.60 21.81 -2.15
CA VAL C 10 -26.98 20.46 -1.76
C VAL C 10 -27.50 19.74 -3.00
N PHE C 11 -26.71 18.74 -3.46
CA PHE C 11 -27.07 17.92 -4.62
C PHE C 11 -27.28 16.52 -4.10
N PRO C 12 -28.38 16.10 -3.63
CA PRO C 12 -28.49 14.77 -3.03
C PRO C 12 -29.19 13.71 -3.89
N LYS C 13 -29.78 14.11 -5.06
CA LYS C 13 -30.48 13.13 -5.89
C LYS C 13 -29.93 13.17 -7.31
N GLU C 14 -29.76 11.99 -7.89
CA GLU C 14 -29.51 11.89 -9.32
C GLU C 14 -30.80 12.21 -10.08
N SER C 15 -30.75 13.20 -10.95
CA SER C 15 -31.93 13.61 -11.68
C SER C 15 -31.53 14.61 -12.76
N ASP C 16 -32.42 14.80 -13.73
CA ASP C 16 -32.25 15.81 -14.76
C ASP C 16 -32.90 17.13 -14.37
N THR C 17 -33.44 17.25 -13.17
CA THR C 17 -34.06 18.48 -12.68
C THR C 17 -33.17 19.25 -11.71
N SER C 18 -32.44 18.54 -10.86
CA SER C 18 -31.59 19.20 -9.87
C SER C 18 -30.51 19.97 -10.63
N TYR C 19 -30.48 21.28 -10.43
CA TYR C 19 -29.43 22.12 -11.02
C TYR C 19 -29.53 23.51 -10.42
N VAL C 20 -28.54 24.35 -10.74
CA VAL C 20 -28.49 25.72 -10.26
C VAL C 20 -27.92 26.51 -11.43
N SER C 21 -28.70 27.44 -11.96
CA SER C 21 -28.22 28.37 -12.98
C SER C 21 -27.51 29.53 -12.30
N LEU C 22 -26.19 29.60 -12.47
CA LEU C 22 -25.38 30.65 -11.84
C LEU C 22 -25.25 31.80 -12.83
N LYS C 23 -25.85 32.94 -12.48
CA LYS C 23 -25.70 34.14 -13.31
C LYS C 23 -24.28 34.67 -13.22
N ALA C 24 -23.89 35.42 -14.26
CA ALA C 24 -22.58 36.04 -14.30
C ALA C 24 -22.67 37.33 -15.10
N PRO C 25 -22.02 38.40 -14.65
CA PRO C 25 -22.03 39.65 -15.42
C PRO C 25 -21.15 39.63 -16.65
N LEU C 26 -20.47 38.52 -16.92
CA LEU C 26 -19.57 38.40 -18.05
C LEU C 26 -20.22 38.91 -19.33
N THR C 27 -19.52 39.78 -20.04
CA THR C 27 -20.01 40.37 -21.28
C THR C 27 -19.07 40.15 -22.45
N LYS C 28 -17.75 40.24 -22.24
CA LYS C 28 -16.80 40.01 -23.32
C LYS C 28 -16.44 38.53 -23.41
N PRO C 29 -16.52 37.91 -24.58
CA PRO C 29 -16.16 36.48 -24.66
C PRO C 29 -14.78 36.23 -24.09
N LEU C 30 -14.70 35.28 -23.17
CA LEU C 30 -13.49 35.11 -22.36
C LEU C 30 -12.37 34.51 -23.21
N LYS C 31 -11.29 35.27 -23.37
CA LYS C 31 -10.06 34.75 -23.95
C LYS C 31 -9.20 34.04 -22.92
N ALA C 32 -9.58 34.10 -21.65
CA ALA C 32 -8.82 33.47 -20.57
C ALA C 32 -9.71 33.45 -19.34
N PHE C 33 -9.56 32.41 -18.54
CA PHE C 33 -10.42 32.25 -17.36
C PHE C 33 -9.80 31.23 -16.42
N THR C 34 -10.44 31.19 -15.22
CA THR C 34 -10.08 30.18 -14.26
C THR C 34 -11.28 29.90 -13.36
N VAL C 35 -11.75 28.63 -13.31
CA VAL C 35 -12.81 28.26 -12.38
C VAL C 35 -12.21 27.41 -11.27
N CYS C 36 -12.42 27.86 -10.04
CA CYS C 36 -12.06 27.13 -8.83
C CYS C 36 -13.32 26.75 -8.09
N LEU C 37 -13.37 25.51 -7.60
CA LEU C 37 -14.54 25.09 -6.85
C LEU C 37 -14.17 23.90 -5.98
N HIS C 38 -14.69 23.89 -4.76
CA HIS C 38 -14.49 22.79 -3.84
C HIS C 38 -15.76 21.97 -3.83
N PHE C 39 -15.70 20.77 -4.40
CA PHE C 39 -16.85 19.88 -4.46
C PHE C 39 -16.51 18.57 -3.79
N TYR C 40 -17.54 17.74 -3.62
CA TYR C 40 -17.36 16.48 -2.95
C TYR C 40 -18.52 15.56 -3.31
N THR C 41 -18.22 14.35 -3.74
CA THR C 41 -19.24 13.36 -4.10
C THR C 41 -18.58 11.99 -4.13
N GLU C 42 -19.39 10.98 -3.90
CA GLU C 42 -18.88 9.62 -3.90
C GLU C 42 -19.27 8.91 -5.19
N LEU C 43 -19.88 9.62 -6.14
CA LEU C 43 -20.14 8.97 -7.41
C LEU C 43 -18.85 8.66 -8.17
N SER C 44 -17.70 9.15 -7.71
CA SER C 44 -16.45 8.90 -8.41
C SER C 44 -16.26 7.41 -8.68
N SER C 45 -16.72 6.57 -7.76
CA SER C 45 -16.61 5.13 -7.90
C SER C 45 -17.92 4.46 -8.33
N THR C 46 -18.90 5.25 -8.79
CA THR C 46 -20.12 4.67 -9.32
C THR C 46 -20.38 5.12 -10.75
N ARG C 47 -20.09 6.39 -11.06
CA ARG C 47 -20.28 6.90 -12.40
C ARG C 47 -19.70 8.31 -12.46
N GLY C 48 -19.71 8.88 -13.66
CA GLY C 48 -19.26 10.24 -13.85
C GLY C 48 -20.30 11.25 -13.42
N TYR C 49 -19.89 12.51 -13.38
CA TYR C 49 -20.80 13.57 -12.96
C TYR C 49 -20.29 14.90 -13.49
N SER C 50 -21.23 15.81 -13.72
CA SER C 50 -20.88 17.14 -14.17
C SER C 50 -20.44 17.94 -12.96
N ILE C 51 -19.12 18.13 -12.79
CA ILE C 51 -18.59 18.89 -11.65
C ILE C 51 -18.91 20.35 -11.86
N PHE C 52 -18.78 20.85 -13.08
CA PHE C 52 -19.14 22.23 -13.39
C PHE C 52 -19.46 22.31 -14.87
N SER C 53 -20.53 23.03 -15.20
CA SER C 53 -21.01 23.12 -16.58
C SER C 53 -21.16 24.58 -16.98
N TYR C 54 -20.82 24.86 -18.24
CA TYR C 54 -20.82 26.21 -18.82
C TYR C 54 -21.21 26.06 -20.28
N ALA C 55 -22.36 26.59 -20.65
CA ALA C 55 -22.90 26.43 -21.98
C ALA C 55 -22.94 27.76 -22.72
N THR C 56 -23.08 27.65 -24.04
CA THR C 56 -23.27 28.78 -24.93
C THR C 56 -24.28 28.41 -26.00
N LYS C 57 -24.82 29.40 -26.70
CA LYS C 57 -25.83 29.12 -27.70
C LYS C 57 -25.21 28.31 -28.83
N ARG C 58 -23.88 28.39 -28.99
CA ARG C 58 -23.18 27.59 -29.98
C ARG C 58 -22.68 26.27 -29.42
N GLN C 59 -22.16 26.28 -28.19
CA GLN C 59 -21.57 25.09 -27.57
C GLN C 59 -22.31 24.79 -26.28
N ASP C 60 -22.76 23.55 -26.14
CA ASP C 60 -23.43 23.13 -24.92
C ASP C 60 -22.43 22.96 -23.77
N ASN C 61 -21.22 22.48 -24.04
CA ASN C 61 -20.21 22.32 -23.01
C ASN C 61 -19.05 23.27 -23.23
N GLU C 62 -19.38 24.54 -23.43
CA GLU C 62 -18.35 25.54 -23.64
C GLU C 62 -17.25 25.45 -22.58
N ILE C 63 -17.57 25.19 -21.34
CA ILE C 63 -16.54 24.96 -20.33
C ILE C 63 -17.15 23.95 -19.36
N LEU C 64 -16.57 22.79 -19.25
CA LEU C 64 -17.16 21.76 -18.42
C LEU C 64 -16.19 20.81 -17.78
N ILE C 65 -16.19 20.80 -16.44
CA ILE C 65 -15.37 19.88 -15.67
C ILE C 65 -16.27 18.71 -15.36
N PHE C 66 -15.84 17.50 -15.65
CA PHE C 66 -16.68 16.32 -15.49
C PHE C 66 -15.81 15.20 -14.93
N TRP C 67 -16.43 14.30 -14.20
CA TRP C 67 -15.71 13.13 -13.71
C TRP C 67 -15.76 12.04 -14.78
N SER C 68 -14.63 11.85 -15.47
CA SER C 68 -14.59 10.74 -16.41
C SER C 68 -14.55 9.54 -15.48
N LYS C 69 -15.55 8.69 -15.59
CA LYS C 69 -15.72 7.55 -14.70
C LYS C 69 -14.48 6.69 -14.86
N ASP C 70 -13.85 6.27 -13.86
CA ASP C 70 -12.68 5.39 -14.00
C ASP C 70 -11.51 6.08 -14.74
N ILE C 71 -11.52 7.40 -14.95
CA ILE C 71 -10.31 8.06 -15.53
C ILE C 71 -9.98 9.45 -14.96
N GLY C 72 -10.80 9.99 -14.04
CA GLY C 72 -10.43 11.24 -13.39
C GLY C 72 -11.25 12.45 -13.81
N TYR C 73 -10.61 13.55 -14.21
CA TYR C 73 -11.31 14.79 -14.51
C TYR C 73 -11.18 15.12 -15.99
N SER C 74 -12.26 14.99 -16.74
CA SER C 74 -12.31 15.45 -18.11
C SER C 74 -12.72 16.92 -18.11
N PHE C 75 -11.82 17.79 -18.54
CA PHE C 75 -12.08 19.21 -18.63
C PHE C 75 -12.16 19.61 -20.10
N THR C 76 -13.25 20.31 -20.43
CA THR C 76 -13.51 20.66 -21.80
C THR C 76 -13.71 22.14 -21.99
N VAL C 77 -13.24 22.65 -23.13
CA VAL C 77 -13.38 24.06 -23.46
C VAL C 77 -13.90 24.15 -24.89
N GLY C 78 -14.99 24.87 -25.13
CA GLY C 78 -15.44 25.08 -26.49
C GLY C 78 -15.70 23.79 -27.25
N GLY C 79 -16.29 22.81 -26.59
CA GLY C 79 -16.51 21.50 -27.21
C GLY C 79 -15.31 20.60 -27.14
N SER C 80 -14.12 21.09 -27.48
CA SER C 80 -12.92 20.27 -27.38
C SER C 80 -12.68 19.91 -25.93
N GLU C 81 -11.97 18.79 -25.72
CA GLU C 81 -11.90 18.22 -24.38
C GLU C 81 -10.54 17.57 -24.17
N ILE C 82 -10.07 17.70 -22.92
CA ILE C 82 -8.81 17.10 -22.50
C ILE C 82 -9.14 16.32 -21.23
N LEU C 83 -8.22 15.48 -20.75
CA LEU C 83 -8.50 14.61 -19.61
C LEU C 83 -7.30 14.53 -18.68
N PHE C 84 -7.54 14.77 -17.39
CA PHE C 84 -6.57 14.64 -16.32
C PHE C 84 -6.84 13.32 -15.62
N GLU C 85 -5.72 12.44 -15.75
CA GLU C 85 -5.78 11.13 -15.13
C GLU C 85 -5.70 11.15 -13.62
N VAL C 86 -6.86 10.62 -12.96
CA VAL C 86 -6.76 10.54 -11.51
C VAL C 86 -6.40 9.10 -11.14
N PRO C 87 -5.18 8.82 -10.67
CA PRO C 87 -4.81 7.42 -10.43
C PRO C 87 -5.72 6.71 -9.44
N GLU C 88 -6.19 7.45 -8.45
CA GLU C 88 -7.06 6.88 -7.44
C GLU C 88 -7.88 8.03 -6.92
N VAL C 89 -9.19 7.84 -6.79
CA VAL C 89 -10.07 8.89 -6.33
C VAL C 89 -10.45 8.51 -4.91
N THR C 90 -10.22 9.41 -3.98
CA THR C 90 -10.56 9.20 -2.57
C THR C 90 -11.91 9.81 -2.25
N VAL C 91 -12.59 9.23 -1.27
CA VAL C 91 -13.85 9.77 -0.76
C VAL C 91 -13.33 10.88 0.14
N ALA C 92 -13.38 12.11 -0.36
CA ALA C 92 -13.00 13.28 0.42
C ALA C 92 -13.21 14.53 -0.42
N PRO C 93 -13.62 15.65 0.16
CA PRO C 93 -13.83 16.86 -0.64
C PRO C 93 -12.55 17.28 -1.32
N VAL C 94 -12.71 17.72 -2.58
CA VAL C 94 -11.57 18.14 -3.37
C VAL C 94 -11.81 19.50 -3.97
N HIS C 95 -10.77 20.31 -4.02
CA HIS C 95 -10.86 21.67 -4.56
C HIS C 95 -10.14 21.69 -5.89
N ILE C 96 -10.91 21.79 -6.96
CA ILE C 96 -10.36 21.80 -8.31
C ILE C 96 -10.21 23.25 -8.78
N CYS C 97 -9.30 23.45 -9.73
CA CYS C 97 -9.05 24.79 -10.28
C CYS C 97 -8.52 24.52 -11.68
N THR C 98 -9.29 24.89 -12.70
CA THR C 98 -8.83 24.81 -14.08
C THR C 98 -8.72 26.20 -14.70
N SER C 99 -7.69 26.38 -15.52
CA SER C 99 -7.23 27.72 -15.93
C SER C 99 -6.96 27.77 -17.43
N TRP C 100 -7.91 27.29 -18.24
CA TRP C 100 -7.76 27.40 -19.69
C TRP C 100 -7.56 28.83 -20.16
N GLU C 101 -6.77 28.98 -21.23
CA GLU C 101 -6.48 30.28 -21.78
C GLU C 101 -6.61 30.21 -23.28
N SER C 102 -6.93 31.33 -23.94
CA SER C 102 -7.12 31.39 -25.39
C SER C 102 -5.92 31.85 -26.17
N ALA C 103 -4.73 31.60 -25.68
CA ALA C 103 -3.61 31.98 -26.50
C ALA C 103 -2.75 30.80 -26.58
N SER C 104 -2.42 30.24 -25.42
CA SER C 104 -1.57 29.07 -25.38
C SER C 104 -2.40 27.83 -25.08
N GLY C 105 -3.72 27.99 -24.96
CA GLY C 105 -4.59 26.86 -24.67
C GLY C 105 -4.19 26.21 -23.37
N ILE C 106 -3.53 26.95 -22.50
CA ILE C 106 -2.99 26.33 -21.29
C ILE C 106 -3.99 26.19 -20.17
N VAL C 107 -3.91 25.07 -19.46
CA VAL C 107 -4.88 24.73 -18.42
C VAL C 107 -4.09 24.30 -17.20
N GLU C 108 -4.03 25.15 -16.18
CA GLU C 108 -3.46 24.77 -14.88
C GLU C 108 -4.57 24.18 -14.04
N PHE C 109 -4.80 22.88 -14.16
CA PHE C 109 -5.91 22.26 -13.45
C PHE C 109 -5.47 21.89 -12.04
N TRP C 110 -5.39 22.89 -11.17
CA TRP C 110 -5.01 22.59 -9.80
C TRP C 110 -6.11 21.78 -9.13
N VAL C 111 -5.74 20.65 -8.54
CA VAL C 111 -6.66 19.71 -7.91
C VAL C 111 -6.24 19.55 -6.45
N ASP C 112 -7.19 19.69 -5.54
CA ASP C 112 -6.94 19.51 -4.11
C ASP C 112 -5.75 20.36 -3.66
N GLY C 113 -5.56 21.52 -4.31
CA GLY C 113 -4.43 22.38 -4.02
C GLY C 113 -3.15 21.99 -4.72
N LYS C 114 -3.10 20.80 -5.34
CA LYS C 114 -1.93 20.37 -6.09
C LYS C 114 -2.13 20.62 -7.58
N PRO C 115 -1.06 20.81 -8.34
CA PRO C 115 -1.21 21.11 -9.78
C PRO C 115 -1.31 19.87 -10.64
N ARG C 116 -2.10 19.99 -11.70
CA ARG C 116 -2.07 19.06 -12.81
C ARG C 116 -1.30 19.70 -13.96
N VAL C 117 -0.41 18.92 -14.57
CA VAL C 117 0.44 19.47 -15.62
C VAL C 117 -0.28 20.17 -16.75
N ARG C 118 0.19 21.36 -17.08
CA ARG C 118 -0.45 22.16 -18.11
C ARG C 118 -0.51 21.38 -19.42
N LYS C 119 -1.66 21.43 -20.08
CA LYS C 119 -1.85 20.76 -21.36
C LYS C 119 -2.70 21.65 -22.25
N SER C 120 -2.38 21.65 -23.55
CA SER C 120 -3.09 22.53 -24.47
C SER C 120 -4.57 22.16 -24.54
N LEU C 121 -5.38 23.16 -24.88
CA LEU C 121 -6.79 22.93 -25.17
C LEU C 121 -7.31 24.14 -25.91
N LYS C 122 -8.06 23.89 -26.98
CA LYS C 122 -8.77 24.94 -27.71
C LYS C 122 -8.00 26.22 -28.02
N LYS C 123 -6.72 26.06 -28.28
CA LYS C 123 -5.84 27.19 -28.50
C LYS C 123 -6.26 28.31 -29.44
N GLY C 124 -6.24 29.54 -28.93
CA GLY C 124 -6.70 30.68 -29.69
C GLY C 124 -8.19 30.66 -29.91
N TYR C 125 -8.94 30.38 -28.85
CA TYR C 125 -10.39 30.25 -28.93
C TYR C 125 -11.03 31.17 -27.92
N THR C 126 -12.18 31.73 -28.29
CA THR C 126 -12.91 32.66 -27.44
C THR C 126 -14.13 31.96 -26.84
N VAL C 127 -14.24 32.04 -25.51
CA VAL C 127 -15.38 31.45 -24.82
C VAL C 127 -16.55 32.43 -24.86
N GLY C 128 -17.71 31.96 -25.31
CA GLY C 128 -18.88 32.81 -25.42
C GLY C 128 -19.24 33.47 -24.12
N ALA C 129 -19.41 34.79 -24.14
CA ALA C 129 -19.73 35.53 -22.92
C ALA C 129 -21.06 35.07 -22.35
N GLU C 130 -22.11 35.04 -23.17
CA GLU C 130 -23.40 34.56 -22.72
C GLU C 130 -23.27 33.10 -22.27
N ALA C 131 -23.81 32.79 -21.10
CA ALA C 131 -23.63 31.47 -20.54
C ALA C 131 -24.81 31.10 -19.66
N SER C 132 -25.03 29.79 -19.51
CA SER C 132 -26.10 29.28 -18.64
C SER C 132 -25.43 28.31 -17.67
N ILE C 133 -24.37 28.76 -17.00
CA ILE C 133 -23.62 27.95 -16.05
C ILE C 133 -24.62 27.19 -15.19
N ILE C 134 -24.35 25.88 -15.04
CA ILE C 134 -25.20 25.04 -14.24
C ILE C 134 -24.34 24.02 -13.53
N LEU C 135 -24.85 23.45 -12.44
CA LEU C 135 -24.14 22.43 -11.69
C LEU C 135 -25.06 21.22 -11.52
N GLY C 136 -24.51 20.01 -11.63
CA GLY C 136 -25.28 18.81 -11.50
C GLY C 136 -25.79 18.23 -12.79
N GLN C 137 -25.51 18.92 -13.90
CA GLN C 137 -26.00 18.47 -15.20
C GLN C 137 -25.04 18.76 -16.35
N GLU C 138 -24.70 17.74 -17.14
CA GLU C 138 -23.89 17.95 -18.34
C GLU C 138 -24.99 18.38 -19.30
N GLN C 139 -25.08 19.69 -19.52
CA GLN C 139 -26.07 20.22 -20.44
C GLN C 139 -25.64 19.99 -21.89
N ASP C 140 -26.52 19.32 -22.64
CA ASP C 140 -26.32 19.16 -24.08
C ASP C 140 -26.86 20.34 -24.87
N SER C 141 -27.43 21.34 -24.20
CA SER C 141 -27.82 22.59 -24.85
C SER C 141 -27.60 23.71 -23.82
N PHE C 142 -28.09 24.91 -24.14
CA PHE C 142 -27.97 26.03 -23.23
C PHE C 142 -28.92 25.83 -22.06
N GLY C 143 -28.41 25.26 -20.98
CA GLY C 143 -29.22 24.99 -19.80
C GLY C 143 -30.37 24.05 -20.08
N GLY C 144 -30.11 22.95 -20.78
CA GLY C 144 -31.16 21.99 -21.07
C GLY C 144 -30.59 20.63 -21.40
N ASN C 145 -31.46 19.63 -21.54
CA ASN C 145 -31.02 18.29 -21.93
C ASN C 145 -30.18 17.66 -20.82
N PHE C 146 -30.69 17.70 -19.60
CA PHE C 146 -29.94 17.16 -18.48
C PHE C 146 -30.14 15.66 -18.34
N GLU C 147 -29.12 14.97 -17.85
CA GLU C 147 -29.15 13.52 -17.71
C GLU C 147 -28.68 13.15 -16.32
N GLY C 148 -29.46 12.29 -15.64
CA GLY C 148 -29.08 11.87 -14.31
C GLY C 148 -27.73 11.17 -14.29
N SER C 149 -27.46 10.32 -15.29
CA SER C 149 -26.19 9.59 -15.34
C SER C 149 -25.01 10.54 -15.39
N GLN C 150 -25.18 11.65 -16.08
CA GLN C 150 -24.15 12.67 -16.16
C GLN C 150 -24.28 13.72 -15.06
N SER C 151 -25.08 13.43 -14.04
CA SER C 151 -25.35 14.42 -13.00
C SER C 151 -24.57 14.25 -11.72
N LEU C 152 -24.28 15.37 -11.07
CA LEU C 152 -23.57 15.34 -9.80
C LEU C 152 -24.57 15.18 -8.67
N VAL C 153 -24.32 14.21 -7.79
CA VAL C 153 -25.25 13.87 -6.72
C VAL C 153 -24.53 13.96 -5.39
N GLY C 154 -23.55 14.86 -5.30
CA GLY C 154 -22.87 15.11 -4.05
C GLY C 154 -23.17 16.51 -3.53
N ASP C 155 -22.19 17.40 -3.62
CA ASP C 155 -22.37 18.80 -3.31
C ASP C 155 -21.15 19.56 -3.81
N ILE C 156 -21.31 20.86 -3.98
CA ILE C 156 -20.23 21.67 -4.54
C ILE C 156 -20.38 23.10 -4.07
N GLY C 157 -19.27 23.82 -3.97
CA GLY C 157 -19.28 25.19 -3.52
C GLY C 157 -17.98 25.87 -3.87
N ASN C 158 -17.78 27.04 -3.28
CA ASN C 158 -16.60 27.85 -3.57
C ASN C 158 -16.42 28.08 -5.07
N VAL C 159 -17.53 28.00 -5.82
CA VAL C 159 -17.47 28.13 -7.27
C VAL C 159 -17.14 29.59 -7.60
N ASN C 160 -15.91 29.80 -8.06
CA ASN C 160 -15.45 31.13 -8.42
C ASN C 160 -14.92 31.11 -9.83
N MET C 161 -15.23 32.11 -10.62
CA MET C 161 -14.73 32.26 -11.99
C MET C 161 -14.01 33.58 -12.13
N TRP C 162 -12.80 33.52 -12.69
CA TRP C 162 -11.99 34.69 -13.02
C TRP C 162 -11.81 34.75 -14.53
N ASP C 163 -11.66 35.96 -15.04
CA ASP C 163 -11.40 36.17 -16.46
C ASP C 163 -9.91 36.12 -16.80
N PHE C 164 -9.09 35.75 -15.81
CA PHE C 164 -7.68 35.65 -16.03
C PHE C 164 -7.15 34.39 -15.40
N VAL C 165 -6.04 33.89 -15.93
CA VAL C 165 -5.41 32.72 -15.32
C VAL C 165 -4.70 33.19 -14.05
N LEU C 166 -5.18 32.73 -12.90
CA LEU C 166 -4.59 33.09 -11.63
C LEU C 166 -3.19 32.56 -11.51
N SER C 167 -2.30 33.32 -10.88
CA SER C 167 -0.97 32.81 -10.63
C SER C 167 -1.05 31.58 -9.72
N PRO C 168 -0.12 30.64 -9.86
CA PRO C 168 -0.16 29.44 -9.01
C PRO C 168 -0.25 29.75 -7.52
N ASP C 169 0.47 30.78 -7.06
CA ASP C 169 0.29 31.20 -5.67
C ASP C 169 -1.14 31.68 -5.44
N GLU C 170 -1.72 32.38 -6.41
CA GLU C 170 -3.11 32.79 -6.27
C GLU C 170 -4.03 31.60 -6.16
N ILE C 171 -3.80 30.56 -6.97
CA ILE C 171 -4.63 29.36 -6.90
C ILE C 171 -4.46 28.68 -5.54
N ASN C 172 -3.24 28.67 -5.03
CA ASN C 172 -3.01 28.11 -3.72
C ASN C 172 -3.88 28.87 -2.74
N THR C 173 -3.84 30.20 -2.80
CA THR C 173 -4.63 31.00 -1.88
C THR C 173 -6.11 30.68 -1.99
N ILE C 174 -6.62 30.52 -3.21
CA ILE C 174 -8.02 30.13 -3.36
C ILE C 174 -8.28 28.83 -2.62
N TYR C 175 -7.35 27.88 -2.71
CA TYR C 175 -7.48 26.66 -1.93
C TYR C 175 -7.49 26.96 -0.44
N LEU C 176 -6.63 27.88 0.01
CA LEU C 176 -6.57 28.21 1.43
C LEU C 176 -7.81 28.98 1.91
N GLY C 177 -8.65 29.45 1.00
CA GLY C 177 -9.86 30.15 1.37
C GLY C 177 -9.68 31.63 1.62
N GLY C 178 -8.51 32.20 1.33
CA GLY C 178 -8.28 33.60 1.50
C GLY C 178 -9.19 34.43 0.61
N PRO C 179 -9.04 35.75 0.64
CA PRO C 179 -9.87 36.60 -0.21
C PRO C 179 -9.48 36.50 -1.67
N PHE C 180 -10.43 36.82 -2.54
CA PHE C 180 -10.21 36.85 -3.98
C PHE C 180 -11.31 37.70 -4.61
N SER C 181 -11.12 38.00 -5.90
CA SER C 181 -12.07 38.81 -6.67
C SER C 181 -12.45 38.06 -7.94
N PRO C 182 -13.34 37.07 -7.82
CA PRO C 182 -13.79 36.34 -9.02
C PRO C 182 -14.75 37.17 -9.85
N ASN C 183 -14.19 38.01 -10.72
CA ASN C 183 -15.00 38.95 -11.50
C ASN C 183 -16.10 38.24 -12.26
N VAL C 184 -15.76 37.16 -12.96
CA VAL C 184 -16.74 36.51 -13.83
C VAL C 184 -17.87 35.90 -12.99
N LEU C 185 -17.52 35.18 -11.94
CA LEU C 185 -18.54 34.64 -11.06
C LEU C 185 -17.81 34.45 -9.75
N ASN C 186 -18.45 34.76 -8.63
CA ASN C 186 -17.78 34.68 -7.34
C ASN C 186 -18.71 34.03 -6.34
N TRP C 187 -18.22 32.97 -5.69
CA TRP C 187 -19.04 32.28 -4.70
C TRP C 187 -19.49 33.22 -3.60
N ARG C 188 -18.58 34.08 -3.12
CA ARG C 188 -18.89 35.01 -2.05
C ARG C 188 -19.80 36.15 -2.53
N ALA C 189 -19.92 36.35 -3.83
CA ALA C 189 -20.78 37.38 -4.42
C ALA C 189 -21.59 36.77 -5.55
N LEU C 190 -22.24 35.65 -5.28
CA LEU C 190 -22.77 34.78 -6.30
C LEU C 190 -24.21 35.16 -6.63
N LYS C 191 -24.47 35.41 -7.91
CA LYS C 191 -25.81 35.60 -8.43
C LYS C 191 -26.27 34.28 -9.06
N TYR C 192 -27.36 33.74 -8.54
CA TYR C 192 -27.85 32.51 -9.11
C TYR C 192 -29.27 32.18 -8.76
N GLU C 193 -29.80 31.18 -9.42
CA GLU C 193 -31.16 30.70 -9.21
C GLU C 193 -31.09 29.18 -9.20
N VAL C 194 -32.01 28.54 -8.48
CA VAL C 194 -31.98 27.11 -8.25
C VAL C 194 -33.24 26.48 -8.86
N GLN C 195 -33.06 25.34 -9.53
CA GLN C 195 -34.15 24.57 -10.09
C GLN C 195 -34.00 23.11 -9.67
N GLY C 196 -35.13 22.44 -9.53
CA GLY C 196 -35.11 21.06 -9.10
C GLY C 196 -35.05 20.93 -7.60
N GLU C 197 -34.46 19.84 -7.10
CA GLU C 197 -34.42 19.54 -5.68
C GLU C 197 -33.08 19.92 -5.04
N VAL C 198 -32.32 20.81 -5.69
CA VAL C 198 -31.07 21.27 -5.11
C VAL C 198 -31.37 22.20 -3.94
N PHE C 199 -30.81 21.88 -2.77
CA PHE C 199 -30.89 22.78 -1.63
C PHE C 199 -29.62 23.61 -1.53
N THR C 200 -29.38 24.22 -0.38
CA THR C 200 -28.11 24.93 -0.15
C THR C 200 -27.94 25.05 1.36
N LYS C 201 -26.83 24.56 1.87
CA LYS C 201 -26.58 24.53 3.31
C LYS C 201 -25.08 24.50 3.54
N PRO C 202 -24.63 24.87 4.75
CA PRO C 202 -23.19 24.93 5.04
C PRO C 202 -22.23 23.89 4.50
N GLN C 203 -21.26 24.32 3.69
CA GLN C 203 -20.31 23.40 3.08
C GLN C 203 -19.55 22.48 4.03
N LEU C 204 -19.44 21.21 3.64
CA LEU C 204 -18.75 20.24 4.50
C LEU C 204 -17.26 20.53 4.57
N TRP C 205 -16.64 20.78 3.43
CA TRP C 205 -15.19 20.90 3.40
C TRP C 205 -14.73 22.09 4.25
N PRO C 206 -13.50 22.05 4.79
CA PRO C 206 -13.00 23.12 5.65
C PRO C 206 -13.04 24.48 4.96
N HIS D 3 -23.10 7.31 -43.05
CA HIS D 3 -22.18 8.02 -43.91
C HIS D 3 -20.86 8.27 -43.20
N VAL D 4 -20.89 8.15 -41.87
CA VAL D 4 -19.70 8.45 -41.07
C VAL D 4 -18.56 7.51 -41.44
N GLN D 5 -18.82 6.20 -41.42
CA GLN D 5 -17.90 5.19 -41.92
C GLN D 5 -16.46 5.27 -41.40
N LEU D 6 -16.35 5.27 -40.07
CA LEU D 6 -15.04 5.35 -39.45
C LEU D 6 -14.16 4.37 -40.20
N VAL D 7 -13.05 4.88 -40.72
CA VAL D 7 -12.07 4.02 -41.35
C VAL D 7 -11.50 3.03 -40.36
N GLU D 8 -11.54 1.77 -40.72
CA GLU D 8 -10.99 0.72 -39.87
C GLU D 8 -9.98 0.12 -40.82
N SER D 9 -8.70 0.39 -40.59
CA SER D 9 -7.63 -0.22 -41.36
C SER D 9 -6.36 -0.14 -40.50
N GLY D 10 -5.25 -0.59 -41.08
CA GLY D 10 -4.03 -0.76 -40.32
C GLY D 10 -4.06 -1.97 -39.40
N GLY D 11 -4.67 -3.07 -39.85
CA GLY D 11 -4.72 -4.28 -39.06
C GLY D 11 -4.04 -5.44 -39.76
N GLY D 12 -4.15 -6.64 -39.20
CA GLY D 12 -3.53 -7.79 -39.81
C GLY D 12 -2.89 -8.75 -38.82
N LEU D 13 -1.89 -9.49 -39.27
CA LEU D 13 -1.21 -10.49 -38.46
C LEU D 13 0.14 -9.94 -38.02
N VAL D 14 0.43 -10.07 -36.74
CA VAL D 14 1.71 -9.63 -36.18
C VAL D 14 2.11 -10.60 -35.08
N GLN D 15 3.40 -10.91 -35.01
CA GLN D 15 3.87 -11.81 -33.97
C GLN D 15 3.83 -11.08 -32.63
N ALA D 16 3.60 -11.84 -31.56
CA ALA D 16 3.20 -11.25 -30.29
C ALA D 16 4.26 -10.29 -29.75
N GLY D 17 3.80 -9.15 -29.25
CA GLY D 17 4.71 -8.11 -28.79
C GLY D 17 5.27 -7.23 -29.86
N GLY D 18 4.72 -7.29 -31.08
CA GLY D 18 5.14 -6.45 -32.16
C GLY D 18 4.42 -5.11 -32.16
N SER D 19 4.57 -4.44 -33.31
CA SER D 19 3.95 -3.14 -33.47
C SER D 19 3.10 -3.10 -34.73
N LEU D 20 1.93 -2.48 -34.66
CA LEU D 20 1.06 -2.38 -35.81
C LEU D 20 0.29 -1.06 -35.71
N ARG D 21 0.15 -0.39 -36.84
CA ARG D 21 -0.45 0.95 -36.87
C ARG D 21 -1.89 0.82 -37.35
N LEU D 22 -2.83 1.05 -36.43
CA LEU D 22 -4.24 1.02 -36.80
C LEU D 22 -4.68 2.40 -37.19
N SER D 23 -5.39 2.50 -38.31
CA SER D 23 -5.87 3.78 -38.82
C SER D 23 -7.31 4.04 -38.38
N CYS D 24 -7.66 5.31 -38.29
CA CYS D 24 -9.02 5.71 -37.93
C CYS D 24 -9.37 7.01 -38.64
N ALA D 25 -9.70 6.95 -39.92
CA ALA D 25 -10.02 8.14 -40.70
C ALA D 25 -11.50 8.46 -40.60
N ALA D 26 -11.82 9.75 -40.60
CA ALA D 26 -13.18 10.22 -40.45
C ALA D 26 -13.60 11.02 -41.67
N SER D 27 -14.81 10.74 -42.16
CA SER D 27 -15.41 11.60 -43.15
C SER D 27 -15.50 13.02 -42.60
N ARG D 28 -15.37 14.00 -43.49
CA ARG D 28 -15.32 15.40 -43.06
C ARG D 28 -14.34 15.55 -41.90
N ASP D 29 -14.67 16.39 -40.92
CA ASP D 29 -13.83 16.62 -39.75
C ASP D 29 -14.43 16.12 -38.45
N ILE D 30 -15.43 15.25 -38.55
CA ILE D 30 -16.16 14.82 -37.34
C ILE D 30 -15.36 14.51 -36.08
N PHE D 31 -14.24 13.81 -36.19
CA PHE D 31 -13.55 13.42 -34.96
C PHE D 31 -13.11 14.63 -34.16
N SER D 32 -13.09 15.82 -34.76
CA SER D 32 -12.75 17.03 -34.02
C SER D 32 -13.63 17.17 -32.78
N ARG D 33 -14.94 16.96 -32.92
CA ARG D 33 -15.82 17.04 -31.77
C ARG D 33 -15.92 15.70 -31.04
N TYR D 34 -15.79 14.58 -31.75
CA TYR D 34 -15.82 13.28 -31.10
C TYR D 34 -14.55 13.02 -30.29
N THR D 35 -14.72 12.40 -29.12
CA THR D 35 -13.63 11.81 -28.36
C THR D 35 -13.51 10.36 -28.81
N VAL D 36 -12.67 10.15 -29.83
CA VAL D 36 -12.61 8.83 -30.46
C VAL D 36 -11.85 7.79 -29.65
N GLY D 37 -12.30 6.54 -29.79
CA GLY D 37 -11.80 5.46 -28.96
C GLY D 37 -11.72 4.12 -29.66
N TRP D 38 -10.70 3.35 -29.31
CA TRP D 38 -10.52 2.00 -29.82
C TRP D 38 -11.09 1.01 -28.83
N TYR D 39 -11.97 0.13 -29.33
CA TYR D 39 -12.60 -0.94 -28.56
C TYR D 39 -12.04 -2.27 -29.05
N ARG D 40 -11.88 -3.23 -28.15
CA ARG D 40 -11.44 -4.57 -28.52
C ARG D 40 -12.63 -5.52 -28.42
N GLN D 41 -13.17 -5.92 -29.57
CA GLN D 41 -14.28 -6.86 -29.60
C GLN D 41 -13.70 -8.24 -29.87
N ALA D 42 -12.90 -8.73 -28.95
CA ALA D 42 -12.24 -10.02 -29.11
C ALA D 42 -13.29 -11.13 -29.17
N PRO D 43 -13.00 -12.22 -29.86
CA PRO D 43 -13.99 -13.30 -29.98
C PRO D 43 -14.38 -13.83 -28.60
N GLY D 44 -15.68 -13.95 -28.40
CA GLY D 44 -16.21 -14.37 -27.11
C GLY D 44 -15.99 -13.33 -26.03
N LYS D 45 -15.44 -12.18 -26.47
CA LYS D 45 -15.18 -11.08 -25.55
C LYS D 45 -16.10 -9.91 -25.75
N GLN D 46 -15.89 -8.84 -25.03
CA GLN D 46 -16.83 -7.73 -24.98
C GLN D 46 -16.48 -6.69 -26.04
N ARG D 47 -17.31 -5.65 -26.13
CA ARG D 47 -16.99 -4.46 -26.91
C ARG D 47 -16.26 -3.44 -26.06
N ASP D 48 -15.24 -3.91 -25.36
CA ASP D 48 -14.52 -3.04 -24.43
C ASP D 48 -13.51 -2.15 -25.10
N LEU D 49 -13.38 -0.94 -24.60
CA LEU D 49 -12.46 0.04 -25.18
C LEU D 49 -11.03 -0.32 -24.79
N VAL D 50 -10.19 -0.58 -25.80
CA VAL D 50 -8.77 -0.72 -25.53
C VAL D 50 -8.20 0.62 -25.05
N ALA D 51 -8.62 1.71 -25.68
CA ALA D 51 -8.13 3.02 -25.30
C ALA D 51 -9.05 4.10 -25.85
N LEU D 52 -8.74 5.35 -25.53
CA LEU D 52 -9.52 6.48 -26.01
C LEU D 52 -8.64 7.72 -25.98
N ILE D 53 -9.06 8.73 -26.76
CA ILE D 53 -8.34 10.01 -26.80
C ILE D 53 -9.31 11.18 -26.82
N THR D 54 -9.05 12.18 -25.99
CA THR D 54 -9.90 13.35 -25.91
C THR D 54 -9.76 14.27 -27.12
N ASN D 55 -10.71 15.16 -27.29
CA ASN D 55 -10.64 16.13 -28.38
C ASN D 55 -9.36 16.93 -28.31
N GLY D 56 -8.99 17.40 -27.13
CA GLY D 56 -7.81 18.22 -26.98
C GLY D 56 -6.54 17.48 -27.37
N GLY D 57 -6.47 16.19 -27.05
CA GLY D 57 -5.30 15.40 -27.39
C GLY D 57 -4.92 14.40 -26.32
N SER D 58 -5.35 14.66 -25.08
CA SER D 58 -5.05 13.73 -23.99
C SER D 58 -5.69 12.38 -24.27
N THR D 59 -5.03 11.33 -23.79
CA THR D 59 -5.42 9.96 -24.08
C THR D 59 -5.38 9.13 -22.81
N HIS D 60 -6.15 8.05 -22.81
CA HIS D 60 -6.11 7.06 -21.74
C HIS D 60 -6.13 5.66 -22.34
N TYR D 61 -5.46 4.74 -21.65
CA TYR D 61 -5.40 3.34 -22.04
C TYR D 61 -5.77 2.49 -20.84
N VAL D 62 -6.65 1.51 -21.05
CA VAL D 62 -7.04 0.64 -19.96
C VAL D 62 -5.87 -0.10 -19.34
N ASP D 63 -5.97 -0.40 -18.06
CA ASP D 63 -4.88 -1.06 -17.35
C ASP D 63 -4.28 -2.21 -18.15
N SER D 64 -5.13 -3.05 -18.74
CA SER D 64 -4.65 -4.17 -19.54
C SER D 64 -3.83 -3.70 -20.74
N VAL D 65 -3.96 -2.45 -21.15
CA VAL D 65 -3.24 -1.94 -22.33
C VAL D 65 -2.25 -0.84 -21.95
N LYS D 66 -2.03 -0.61 -20.65
CA LYS D 66 -1.13 0.45 -20.21
C LYS D 66 0.22 0.33 -20.89
N GLY D 67 0.58 1.35 -21.67
CA GLY D 67 1.85 1.35 -22.36
C GLY D 67 1.84 0.47 -23.59
N ARG D 68 0.92 -0.49 -23.63
CA ARG D 68 0.86 -1.43 -24.74
C ARG D 68 0.69 -0.70 -26.07
N PHE D 69 -0.27 0.22 -26.08
CA PHE D 69 -0.51 1.00 -27.28
C PHE D 69 -0.53 2.49 -27.00
N THR D 70 -0.45 3.27 -28.09
CA THR D 70 -0.45 4.72 -28.00
C THR D 70 -1.40 5.27 -29.06
N ILE D 71 -2.49 5.90 -28.62
CA ILE D 71 -3.44 6.50 -29.55
C ILE D 71 -3.19 7.99 -29.66
N SER D 72 -3.11 8.48 -30.89
CA SER D 72 -2.88 9.89 -31.15
C SER D 72 -3.91 10.39 -32.15
N ARG D 73 -4.20 11.69 -32.08
CA ARG D 73 -5.17 12.29 -32.98
C ARG D 73 -4.52 12.91 -34.19
N ASP D 74 -4.82 12.38 -35.36
CA ASP D 74 -4.28 12.92 -36.61
C ASP D 74 -5.33 13.87 -37.18
N ASN D 75 -5.29 15.12 -36.72
CA ASN D 75 -6.24 16.13 -37.16
C ASN D 75 -6.02 16.58 -38.59
N ALA D 76 -4.89 16.23 -39.19
CA ALA D 76 -4.62 16.65 -40.57
C ALA D 76 -5.67 16.09 -41.52
N LYS D 77 -6.03 14.81 -41.37
CA LYS D 77 -7.04 14.17 -42.21
C LYS D 77 -8.11 13.43 -41.43
N ASN D 78 -8.18 13.60 -40.11
CA ASN D 78 -9.11 12.89 -39.24
C ASN D 78 -8.70 11.44 -39.02
N THR D 79 -7.46 11.20 -39.46
CA THR D 79 -6.92 9.87 -39.38
C THR D 79 -6.22 9.56 -38.04
N VAL D 80 -6.97 9.56 -36.94
CA VAL D 80 -6.37 9.25 -35.65
C VAL D 80 -5.66 7.91 -35.73
N TYR D 81 -4.43 7.86 -35.27
CA TYR D 81 -3.59 6.70 -35.44
C TYR D 81 -3.45 6.00 -34.10
N LEU D 82 -3.24 4.68 -34.14
CA LEU D 82 -3.04 3.89 -32.94
C LEU D 82 -1.85 2.96 -33.16
N GLN D 83 -0.75 3.27 -32.47
CA GLN D 83 0.41 2.41 -32.55
C GLN D 83 0.33 1.34 -31.48
N MET D 84 0.30 0.11 -31.90
CA MET D 84 0.24 -1.02 -30.97
C MET D 84 1.65 -1.60 -30.81
N ASN D 85 2.15 -1.57 -29.59
CA ASN D 85 3.45 -2.14 -29.32
C ASN D 85 3.26 -3.28 -28.34
N SER D 86 4.24 -4.16 -28.26
CA SER D 86 4.16 -5.30 -27.36
C SER D 86 2.84 -6.07 -27.34
N LEU D 87 2.37 -6.41 -28.53
CA LEU D 87 1.04 -7.03 -28.67
C LEU D 87 1.09 -8.45 -28.10
N LYS D 88 0.48 -8.60 -26.94
CA LYS D 88 0.37 -9.93 -26.36
C LYS D 88 -0.78 -10.64 -27.04
N SER D 89 -0.96 -11.91 -26.75
CA SER D 89 -1.96 -12.72 -27.43
C SER D 89 -3.38 -12.21 -27.16
N GLU D 90 -3.65 -11.83 -25.92
CA GLU D 90 -4.95 -11.30 -25.59
C GLU D 90 -5.36 -10.24 -26.60
N ASP D 91 -4.41 -9.37 -26.93
CA ASP D 91 -4.69 -8.30 -27.89
C ASP D 91 -5.34 -8.82 -29.16
N THR D 92 -5.02 -10.05 -29.56
CA THR D 92 -5.64 -10.63 -30.75
C THR D 92 -7.15 -10.47 -30.67
N ALA D 93 -7.72 -9.69 -31.59
CA ALA D 93 -9.15 -9.41 -31.59
C ALA D 93 -9.43 -8.50 -32.78
N ILE D 94 -10.71 -8.21 -32.98
CA ILE D 94 -11.12 -7.20 -33.95
C ILE D 94 -11.27 -5.89 -33.19
N TYR D 95 -10.54 -4.87 -33.63
CA TYR D 95 -10.56 -3.56 -32.97
C TYR D 95 -11.54 -2.66 -33.71
N TYR D 96 -12.57 -2.22 -32.99
CA TYR D 96 -13.57 -1.30 -33.52
C TYR D 96 -13.16 0.11 -33.12
N CYS D 97 -12.79 0.92 -34.11
CA CYS D 97 -12.46 2.32 -33.87
C CYS D 97 -13.75 3.14 -33.97
N ASN D 98 -14.33 3.48 -32.82
CA ASN D 98 -15.58 4.20 -32.80
C ASN D 98 -15.36 5.65 -32.38
N ALA D 99 -16.37 6.47 -32.65
CA ALA D 99 -16.33 7.90 -32.36
C ALA D 99 -17.61 8.29 -31.64
N PHE D 100 -17.56 8.32 -30.31
CA PHE D 100 -18.56 8.98 -29.51
C PHE D 100 -18.17 10.45 -29.33
N ARG D 101 -19.08 11.24 -28.78
CA ARG D 101 -18.86 12.69 -28.83
C ARG D 101 -17.99 13.34 -27.76
N ALA D 102 -18.27 13.06 -26.49
CA ALA D 102 -17.46 13.59 -25.39
C ALA D 102 -16.83 12.45 -24.60
N SER D 103 -15.91 12.81 -23.70
CA SER D 103 -15.09 11.81 -23.02
C SER D 103 -15.84 11.08 -21.91
N PHE D 104 -16.73 11.78 -21.20
CA PHE D 104 -17.47 11.15 -20.13
C PHE D 104 -18.34 10.00 -20.65
N ASP D 105 -18.99 10.21 -21.80
CA ASP D 105 -19.94 9.24 -22.33
C ASP D 105 -19.22 8.21 -23.21
N ARG D 106 -18.48 7.33 -22.52
CA ARG D 106 -17.79 6.26 -23.23
C ARG D 106 -18.79 5.28 -23.85
N THR D 107 -19.82 4.91 -23.10
CA THR D 107 -20.77 3.91 -23.59
C THR D 107 -21.41 4.29 -24.91
N PRO D 108 -21.91 5.50 -25.11
CA PRO D 108 -22.49 5.85 -26.41
C PRO D 108 -21.46 5.76 -27.51
N LEU D 109 -21.90 5.37 -28.70
CA LEU D 109 -21.02 5.24 -29.85
C LEU D 109 -21.48 6.01 -31.07
N TYR D 110 -22.76 6.32 -31.20
CA TYR D 110 -23.25 7.00 -32.40
C TYR D 110 -22.77 6.29 -33.66
N SER D 111 -21.99 6.99 -34.48
CA SER D 111 -21.48 6.40 -35.71
C SER D 111 -20.75 5.10 -35.40
N TRP D 112 -21.06 4.07 -36.19
CA TRP D 112 -20.46 2.75 -36.04
C TRP D 112 -19.77 2.35 -37.35
N GLY D 113 -18.69 1.59 -37.21
CA GLY D 113 -17.92 1.17 -38.37
C GLY D 113 -17.90 -0.34 -38.58
N GLN D 114 -16.77 -0.86 -39.05
CA GLN D 114 -16.60 -2.27 -39.33
C GLN D 114 -15.46 -2.91 -38.55
N GLY D 115 -14.45 -2.13 -38.17
CA GLY D 115 -13.33 -2.64 -37.39
C GLY D 115 -12.21 -3.18 -38.24
N THR D 116 -11.10 -3.50 -37.58
CA THR D 116 -9.94 -4.08 -38.24
C THR D 116 -9.43 -5.26 -37.43
N LEU D 117 -9.15 -6.36 -38.12
CA LEU D 117 -8.68 -7.55 -37.42
C LEU D 117 -7.25 -7.37 -36.92
N VAL D 118 -6.92 -8.14 -35.89
CA VAL D 118 -5.58 -8.12 -35.31
C VAL D 118 -5.37 -9.58 -34.91
N THR D 119 -4.24 -10.15 -35.33
CA THR D 119 -3.89 -11.50 -34.93
C THR D 119 -2.50 -11.52 -34.31
N VAL D 120 -2.45 -11.69 -32.99
CA VAL D 120 -1.17 -11.76 -32.30
C VAL D 120 -0.72 -13.21 -32.29
N SER D 121 0.34 -13.50 -33.02
CA SER D 121 0.86 -14.86 -33.14
C SER D 121 2.04 -15.08 -32.20
N GLN E 1 18.29 38.26 -21.89
CA GLN E 1 18.57 37.95 -20.45
C GLN E 1 17.35 38.29 -19.61
N THR E 2 16.54 37.28 -19.32
CA THR E 2 15.30 37.46 -18.59
C THR E 2 15.30 36.61 -17.32
N ASP E 3 14.68 37.15 -16.28
CA ASP E 3 14.57 36.42 -15.04
C ASP E 3 13.31 35.58 -15.12
N MET E 4 13.45 34.28 -14.97
CA MET E 4 12.35 33.35 -15.08
C MET E 4 11.86 32.85 -13.72
N SER E 5 12.33 33.45 -12.64
CA SER E 5 11.90 33.02 -11.31
C SER E 5 10.38 33.09 -11.20
N ARG E 6 9.80 32.07 -10.57
CA ARG E 6 8.34 31.97 -10.45
C ARG E 6 7.68 31.86 -11.82
N LYS E 7 8.42 31.32 -12.80
CA LYS E 7 7.88 31.13 -14.14
C LYS E 7 8.49 29.88 -14.74
N ALA E 8 7.74 29.25 -15.64
CA ALA E 8 8.13 28.00 -16.24
C ALA E 8 7.78 28.00 -17.72
N PHE E 9 8.50 27.17 -18.46
CA PHE E 9 8.31 27.09 -19.90
C PHE E 9 7.15 26.14 -20.22
N VAL E 10 6.17 26.67 -20.94
CA VAL E 10 4.93 25.96 -21.24
C VAL E 10 5.19 25.01 -22.40
N PHE E 11 5.15 23.69 -22.10
CA PHE E 11 5.37 22.64 -23.10
C PHE E 11 4.05 21.89 -23.18
N PRO E 12 3.09 22.25 -23.94
CA PRO E 12 1.80 21.55 -23.89
C PRO E 12 1.53 20.59 -25.06
N LYS E 13 2.39 20.58 -26.11
CA LYS E 13 2.17 19.70 -27.25
C LYS E 13 3.37 18.83 -27.51
N GLU E 14 3.11 17.56 -27.80
CA GLU E 14 4.15 16.69 -28.34
C GLU E 14 4.45 17.08 -29.77
N SER E 15 5.71 17.42 -30.05
CA SER E 15 6.09 17.85 -31.38
C SER E 15 7.60 17.95 -31.46
N ASP E 16 8.11 17.98 -32.69
CA ASP E 16 9.52 18.20 -32.95
C ASP E 16 9.86 19.67 -33.13
N THR E 17 8.89 20.57 -32.96
CA THR E 17 9.10 22.01 -33.09
C THR E 17 9.19 22.71 -31.73
N SER E 18 8.39 22.29 -30.77
CA SER E 18 8.38 22.92 -29.45
C SER E 18 9.76 22.72 -28.83
N TYR E 19 10.44 23.82 -28.53
CA TYR E 19 11.72 23.75 -27.84
C TYR E 19 12.12 25.16 -27.44
N VAL E 20 13.20 25.26 -26.66
CA VAL E 20 13.73 26.52 -26.18
C VAL E 20 15.24 26.34 -26.20
N SER E 21 15.94 27.12 -27.02
CA SER E 21 17.40 27.15 -27.02
C SER E 21 17.86 28.09 -25.91
N LEU E 22 18.47 27.52 -24.86
CA LEU E 22 18.95 28.31 -23.73
C LEU E 22 20.40 28.67 -23.97
N LYS E 23 20.68 29.96 -24.16
CA LYS E 23 22.04 30.43 -24.31
C LYS E 23 22.79 30.31 -22.99
N ALA E 24 24.12 30.22 -23.08
CA ALA E 24 24.97 30.15 -21.91
C ALA E 24 26.30 30.80 -22.23
N PRO E 25 26.86 31.59 -21.32
CA PRO E 25 28.18 32.19 -21.56
C PRO E 25 29.33 31.22 -21.44
N LEU E 26 29.06 29.95 -21.14
CA LEU E 26 30.10 28.95 -20.96
C LEU E 26 31.10 28.98 -22.11
N THR E 27 32.38 29.02 -21.76
CA THR E 27 33.46 29.08 -22.73
C THR E 27 34.48 27.96 -22.57
N LYS E 28 34.81 27.59 -21.33
CA LYS E 28 35.76 26.51 -21.09
C LYS E 28 35.03 25.17 -21.02
N PRO E 29 35.45 24.15 -21.75
CA PRO E 29 34.73 22.86 -21.68
C PRO E 29 34.65 22.39 -20.24
N LEU E 30 33.43 22.06 -19.82
CA LEU E 30 33.14 21.83 -18.41
C LEU E 30 33.75 20.50 -17.97
N LYS E 31 34.70 20.57 -17.03
CA LYS E 31 35.19 19.39 -16.35
C LYS E 31 34.32 18.99 -15.18
N ALA E 32 33.32 19.81 -14.86
CA ALA E 32 32.42 19.53 -13.74
C ALA E 32 31.23 20.47 -13.86
N PHE E 33 30.06 20.00 -13.47
CA PHE E 33 28.86 20.80 -13.61
C PHE E 33 27.75 20.20 -12.74
N THR E 34 26.66 21.02 -12.68
CA THR E 34 25.47 20.55 -12.00
C THR E 34 24.26 21.27 -12.61
N VAL E 35 23.28 20.49 -13.13
CA VAL E 35 22.03 21.09 -13.61
C VAL E 35 20.93 20.72 -12.64
N CYS E 36 20.25 21.75 -12.13
CA CYS E 36 19.07 21.63 -11.30
C CYS E 36 17.87 22.20 -12.04
N LEU E 37 16.75 21.50 -12.00
CA LEU E 37 15.56 22.02 -12.66
C LEU E 37 14.34 21.36 -12.06
N HIS E 38 13.29 22.16 -11.88
CA HIS E 38 12.01 21.68 -11.37
C HIS E 38 11.08 21.56 -12.56
N PHE E 39 10.76 20.33 -12.95
CA PHE E 39 9.88 20.08 -14.07
C PHE E 39 8.69 19.25 -13.60
N TYR E 40 7.72 19.11 -14.50
CA TYR E 40 6.52 18.39 -14.17
C TYR E 40 5.81 17.97 -15.46
N THR E 41 5.47 16.70 -15.57
CA THR E 41 4.78 16.18 -16.75
C THR E 41 4.18 14.84 -16.38
N GLU E 42 3.10 14.49 -17.08
CA GLU E 42 2.43 13.23 -16.82
C GLU E 42 2.78 12.22 -17.90
N LEU E 43 3.69 12.56 -18.81
CA LEU E 43 4.12 11.54 -19.76
C LEU E 43 4.88 10.40 -19.10
N SER E 44 5.24 10.54 -17.82
CA SER E 44 6.01 9.50 -17.15
C SER E 44 5.34 8.14 -17.32
N SER E 45 4.00 8.12 -17.34
CA SER E 45 3.25 6.89 -17.50
C SER E 45 2.71 6.70 -18.92
N THR E 46 3.19 7.48 -19.89
CA THR E 46 2.80 7.28 -21.28
C THR E 46 4.02 7.03 -22.16
N ARG E 47 5.11 7.75 -21.91
CA ARG E 47 6.33 7.57 -22.69
C ARG E 47 7.43 8.40 -22.05
N GLY E 48 8.63 8.27 -22.60
CA GLY E 48 9.75 9.05 -22.14
C GLY E 48 9.74 10.46 -22.69
N TYR E 49 10.63 11.29 -22.14
CA TYR E 49 10.68 12.68 -22.58
C TYR E 49 12.05 13.24 -22.25
N SER E 50 12.47 14.22 -23.05
CA SER E 50 13.73 14.88 -22.80
C SER E 50 13.52 15.92 -21.71
N ILE E 51 13.94 15.61 -20.48
CA ILE E 51 13.80 16.54 -19.35
C ILE E 51 14.73 17.70 -19.55
N PHE E 52 15.95 17.44 -19.99
CA PHE E 52 16.91 18.50 -20.27
C PHE E 52 17.91 17.98 -21.29
N SER E 53 18.23 18.81 -22.28
CA SER E 53 19.10 18.41 -23.38
C SER E 53 20.24 19.40 -23.53
N TYR E 54 21.42 18.87 -23.84
CA TYR E 54 22.67 19.64 -23.97
C TYR E 54 23.49 18.98 -25.07
N ALA E 55 23.69 19.68 -26.17
CA ALA E 55 24.36 19.12 -27.33
C ALA E 55 25.70 19.80 -27.56
N THR E 56 26.52 19.14 -28.38
CA THR E 56 27.79 19.66 -28.85
C THR E 56 27.98 19.27 -30.30
N LYS E 57 28.91 19.92 -30.99
CA LYS E 57 29.11 19.62 -32.39
C LYS E 57 29.63 18.20 -32.55
N ARG E 58 30.22 17.64 -31.48
CA ARG E 58 30.67 16.26 -31.49
C ARG E 58 29.62 15.30 -30.95
N GLN E 59 28.92 15.69 -29.88
CA GLN E 59 27.95 14.84 -29.22
C GLN E 59 26.59 15.52 -29.22
N ASP E 60 25.58 14.82 -29.70
CA ASP E 60 24.22 15.35 -29.69
C ASP E 60 23.64 15.38 -28.28
N ASN E 61 23.94 14.38 -27.45
CA ASN E 61 23.44 14.34 -26.08
C ASN E 61 24.58 14.50 -25.09
N GLU E 62 25.39 15.52 -25.31
CA GLU E 62 26.50 15.77 -24.42
C GLU E 62 26.07 15.77 -22.95
N ILE E 63 24.91 16.30 -22.63
CA ILE E 63 24.39 16.20 -21.27
C ILE E 63 22.88 16.13 -21.42
N LEU E 64 22.28 15.05 -21.01
CA LEU E 64 20.85 14.89 -21.22
C LEU E 64 20.13 14.07 -20.19
N ILE E 65 19.17 14.72 -19.51
CA ILE E 65 18.34 14.04 -18.53
C ILE E 65 17.08 13.66 -19.30
N PHE E 66 16.68 12.41 -19.23
CA PHE E 66 15.55 11.90 -20.00
C PHE E 66 14.76 10.96 -19.13
N TRP E 67 13.47 10.87 -19.40
CA TRP E 67 12.64 9.90 -18.68
C TRP E 67 12.71 8.57 -19.40
N SER E 68 13.45 7.63 -18.82
CA SER E 68 13.45 6.29 -19.40
C SER E 68 12.06 5.80 -19.06
N LYS E 69 11.28 5.50 -20.07
CA LYS E 69 9.88 5.12 -19.91
C LYS E 69 9.88 3.86 -19.04
N ASP E 70 9.12 3.76 -18.05
CA ASP E 70 9.05 2.54 -17.23
C ASP E 70 10.40 2.23 -16.53
N ILE E 71 11.37 3.16 -16.48
CA ILE E 71 12.58 2.90 -15.65
C ILE E 71 13.16 4.13 -14.92
N GLY E 72 12.56 5.32 -15.06
CA GLY E 72 13.01 6.45 -14.27
C GLY E 72 13.77 7.52 -15.03
N TYR E 73 14.95 7.92 -14.54
CA TYR E 73 15.69 9.02 -15.14
C TYR E 73 17.00 8.50 -15.74
N SER E 74 17.09 8.47 -17.06
CA SER E 74 18.34 8.18 -17.74
C SER E 74 19.11 9.49 -17.90
N PHE E 75 20.26 9.58 -17.24
CA PHE E 75 21.13 10.75 -17.33
C PHE E 75 22.39 10.38 -18.09
N THR E 76 22.68 11.20 -19.10
CA THR E 76 23.78 10.92 -19.98
C THR E 76 24.77 12.06 -20.06
N VAL E 77 26.06 11.71 -20.17
CA VAL E 77 27.11 12.70 -20.29
C VAL E 77 28.01 12.28 -21.44
N GLY E 78 28.27 13.17 -22.41
CA GLY E 78 29.22 12.85 -23.46
C GLY E 78 28.86 11.60 -24.22
N GLY E 79 27.59 11.40 -24.52
CA GLY E 79 27.16 10.17 -25.19
C GLY E 79 26.94 9.01 -24.24
N SER E 80 27.89 8.76 -23.34
CA SER E 80 27.71 7.67 -22.38
C SER E 80 26.52 8.00 -21.47
N GLU E 81 25.93 6.96 -20.91
CA GLU E 81 24.65 7.13 -20.24
C GLU E 81 24.55 6.16 -19.06
N ILE E 82 23.89 6.68 -18.00
CA ILE E 82 23.64 5.91 -16.80
C ILE E 82 22.15 6.05 -16.51
N LEU E 83 21.58 5.27 -15.61
CA LEU E 83 20.15 5.27 -15.38
C LEU E 83 19.84 5.16 -13.89
N PHE E 84 19.00 6.08 -13.41
CA PHE E 84 18.47 6.10 -12.05
C PHE E 84 17.06 5.52 -12.08
N GLU E 85 16.99 4.32 -11.31
CA GLU E 85 15.72 3.63 -11.22
C GLU E 85 14.69 4.35 -10.38
N VAL E 86 13.49 4.72 -11.09
CA VAL E 86 12.45 5.33 -10.27
C VAL E 86 11.42 4.24 -9.97
N PRO E 87 11.32 3.77 -8.73
CA PRO E 87 10.41 2.64 -8.46
C PRO E 87 8.96 2.94 -8.82
N GLU E 88 8.55 4.19 -8.63
CA GLU E 88 7.20 4.59 -8.93
C GLU E 88 7.26 6.07 -9.20
N VAL E 89 6.62 6.51 -10.27
CA VAL E 89 6.66 7.91 -10.66
C VAL E 89 5.28 8.46 -10.31
N THR E 90 5.25 9.52 -9.52
CA THR E 90 4.01 10.17 -9.11
C THR E 90 3.71 11.35 -10.02
N VAL E 91 2.42 11.65 -10.18
CA VAL E 91 1.99 12.82 -10.92
C VAL E 91 2.20 13.91 -9.87
N ALA E 92 3.30 14.64 -10.01
CA ALA E 92 3.60 15.77 -9.15
C ALA E 92 4.90 16.42 -9.60
N PRO E 93 5.04 17.73 -9.50
CA PRO E 93 6.28 18.36 -9.93
C PRO E 93 7.46 17.84 -9.13
N VAL E 94 8.57 17.63 -9.86
CA VAL E 94 9.78 17.11 -9.25
C VAL E 94 10.96 17.98 -9.59
N HIS E 95 11.86 18.15 -8.63
CA HIS E 95 13.05 18.98 -8.80
C HIS E 95 14.24 18.06 -8.87
N ILE E 96 14.82 17.93 -10.06
CA ILE E 96 15.97 17.06 -10.28
C ILE E 96 17.24 17.90 -10.21
N CYS E 97 18.35 17.23 -9.89
CA CYS E 97 19.64 17.89 -9.77
C CYS E 97 20.65 16.79 -10.08
N THR E 98 21.35 16.90 -11.21
CA THR E 98 22.43 15.97 -11.53
C THR E 98 23.77 16.71 -11.58
N SER E 99 24.81 16.03 -11.10
CA SER E 99 26.09 16.68 -10.75
C SER E 99 27.27 15.88 -11.28
N TRP E 100 27.23 15.51 -12.56
CA TRP E 100 28.38 14.82 -13.16
C TRP E 100 29.67 15.63 -13.05
N GLU E 101 30.78 14.90 -12.90
CA GLU E 101 32.08 15.53 -12.76
C GLU E 101 33.05 14.79 -13.66
N SER E 102 34.10 15.48 -14.12
CA SER E 102 35.12 14.89 -15.02
C SER E 102 36.34 14.38 -14.33
N ALA E 103 36.25 13.94 -13.11
CA ALA E 103 37.44 13.38 -12.51
C ALA E 103 37.06 12.08 -11.98
N SER E 104 36.00 12.07 -11.18
CA SER E 104 35.52 10.85 -10.59
C SER E 104 34.27 10.36 -11.30
N GLY E 105 33.84 11.08 -12.33
CA GLY E 105 32.64 10.70 -13.06
C GLY E 105 31.45 10.66 -12.15
N ILE E 106 31.51 11.39 -11.04
CA ILE E 106 30.45 11.28 -10.05
C ILE E 106 29.24 12.12 -10.34
N VAL E 107 28.06 11.57 -10.07
CA VAL E 107 26.79 12.22 -10.40
C VAL E 107 25.92 12.14 -9.16
N GLU E 108 25.73 13.27 -8.48
CA GLU E 108 24.78 13.37 -7.38
C GLU E 108 23.44 13.78 -7.97
N PHE E 109 22.64 12.80 -8.39
CA PHE E 109 21.38 13.12 -9.06
C PHE E 109 20.29 13.34 -8.00
N TRP E 110 20.32 14.49 -7.36
CA TRP E 110 19.29 14.78 -6.38
C TRP E 110 17.94 14.93 -7.07
N VAL E 111 16.95 14.18 -6.60
CA VAL E 111 15.62 14.14 -7.18
C VAL E 111 14.63 14.55 -6.10
N ASP E 112 13.73 15.49 -6.44
CA ASP E 112 12.70 15.93 -5.51
C ASP E 112 13.30 16.32 -4.16
N GLY E 113 14.53 16.83 -4.18
CA GLY E 113 15.23 17.18 -2.97
C GLY E 113 15.92 16.01 -2.28
N LYS E 114 15.65 14.77 -2.71
CA LYS E 114 16.31 13.61 -2.15
C LYS E 114 17.46 13.16 -3.05
N PRO E 115 18.47 12.50 -2.51
CA PRO E 115 19.61 12.10 -3.33
C PRO E 115 19.43 10.75 -4.00
N ARG E 116 20.00 10.66 -5.20
CA ARG E 116 20.22 9.38 -5.86
C ARG E 116 21.70 9.01 -5.72
N VAL E 117 21.95 7.76 -5.37
CA VAL E 117 23.31 7.32 -5.12
C VAL E 117 24.32 7.60 -6.21
N ARG E 118 25.44 8.19 -5.83
CA ARG E 118 26.45 8.56 -6.80
C ARG E 118 26.88 7.35 -7.60
N LYS E 119 26.99 7.53 -8.92
CA LYS E 119 27.41 6.47 -9.83
C LYS E 119 28.32 7.07 -10.89
N SER E 120 29.36 6.31 -11.29
CA SER E 120 30.32 6.84 -12.24
C SER E 120 29.65 7.12 -13.58
N LEU E 121 30.24 8.06 -14.32
CA LEU E 121 29.82 8.31 -15.69
C LEU E 121 30.94 9.11 -16.36
N LYS E 122 31.28 8.70 -17.58
CA LYS E 122 32.22 9.44 -18.43
C LYS E 122 33.49 9.97 -17.77
N LYS E 123 34.00 9.19 -16.81
CA LYS E 123 35.15 9.61 -16.04
C LYS E 123 36.37 10.20 -16.75
N GLY E 124 36.78 11.39 -16.30
CA GLY E 124 37.88 12.09 -16.94
C GLY E 124 37.53 12.58 -18.32
N TYR E 125 36.35 13.17 -18.46
CA TYR E 125 35.84 13.62 -19.74
C TYR E 125 35.47 15.09 -19.66
N THR E 126 35.69 15.81 -20.76
CA THR E 126 35.43 17.24 -20.83
C THR E 126 34.16 17.49 -21.63
N VAL E 127 33.22 18.24 -21.05
CA VAL E 127 31.99 18.59 -21.73
C VAL E 127 32.24 19.79 -22.63
N GLY E 128 31.89 19.67 -23.90
CA GLY E 128 32.10 20.76 -24.85
C GLY E 128 31.46 22.05 -24.40
N ALA E 129 32.24 23.13 -24.39
CA ALA E 129 31.72 24.42 -23.95
C ALA E 129 30.59 24.88 -24.85
N GLU E 130 30.80 24.88 -26.16
CA GLU E 130 29.75 25.26 -27.09
C GLU E 130 28.58 24.29 -26.94
N ALA E 131 27.38 24.84 -26.84
CA ALA E 131 26.21 24.02 -26.57
C ALA E 131 24.97 24.64 -27.17
N SER E 132 23.98 23.78 -27.46
CA SER E 132 22.69 24.24 -27.98
C SER E 132 21.62 23.69 -27.03
N ILE E 133 21.78 23.94 -25.73
CA ILE E 133 20.84 23.46 -24.72
C ILE E 133 19.43 23.70 -25.22
N ILE E 134 18.60 22.66 -25.09
CA ILE E 134 17.23 22.73 -25.51
C ILE E 134 16.38 21.93 -24.55
N LEU E 135 15.08 22.23 -24.50
CA LEU E 135 14.16 21.52 -23.65
C LEU E 135 12.98 21.03 -24.48
N GLY E 136 12.50 19.82 -24.23
CA GLY E 136 11.39 19.27 -24.97
C GLY E 136 11.78 18.40 -26.13
N GLN E 137 13.10 18.28 -26.38
CA GLN E 137 13.58 17.51 -27.51
C GLN E 137 14.89 16.78 -27.25
N GLU E 138 14.94 15.48 -27.50
CA GLU E 138 16.19 14.72 -27.40
C GLU E 138 16.77 15.04 -28.76
N GLN E 139 17.70 15.98 -28.78
CA GLN E 139 18.37 16.34 -30.03
C GLN E 139 19.38 15.29 -30.43
N ASP E 140 19.21 14.76 -31.64
CA ASP E 140 20.20 13.86 -32.23
C ASP E 140 21.32 14.62 -32.95
N SER E 141 21.27 15.95 -32.96
CA SER E 141 22.37 16.76 -33.46
C SER E 141 22.41 18.03 -32.61
N PHE E 142 23.22 19.00 -33.04
CA PHE E 142 23.31 20.27 -32.33
C PHE E 142 22.04 21.07 -32.56
N GLY E 143 21.08 20.95 -31.66
CA GLY E 143 19.81 21.63 -31.77
C GLY E 143 19.04 21.23 -33.01
N GLY E 144 18.93 19.94 -33.28
CA GLY E 144 18.20 19.48 -34.45
C GLY E 144 17.78 18.04 -34.32
N ASN E 145 16.98 17.55 -35.26
CA ASN E 145 16.57 16.15 -35.24
C ASN E 145 15.67 15.85 -34.05
N PHE E 146 14.66 16.68 -33.85
CA PHE E 146 13.78 16.50 -32.71
C PHE E 146 12.69 15.49 -33.00
N GLU E 147 12.25 14.78 -31.97
CA GLU E 147 11.25 13.74 -32.11
C GLU E 147 10.17 13.93 -31.05
N GLY E 148 8.92 13.91 -31.47
CA GLY E 148 7.82 14.07 -30.52
C GLY E 148 7.83 12.99 -29.45
N SER E 149 8.10 11.75 -29.84
CA SER E 149 8.10 10.64 -28.88
C SER E 149 9.12 10.87 -27.78
N GLN E 150 10.25 11.46 -28.13
CA GLN E 150 11.29 11.80 -27.18
C GLN E 150 11.11 13.19 -26.58
N SER E 151 9.94 13.79 -26.79
CA SER E 151 9.71 15.17 -26.36
C SER E 151 8.96 15.34 -25.06
N LEU E 152 9.29 16.40 -24.34
CA LEU E 152 8.61 16.71 -23.10
C LEU E 152 7.36 17.54 -23.38
N VAL E 153 6.23 17.12 -22.84
CA VAL E 153 4.95 17.75 -23.13
C VAL E 153 4.29 18.17 -21.83
N GLY E 154 5.13 18.51 -20.84
CA GLY E 154 4.61 19.04 -19.59
C GLY E 154 5.01 20.49 -19.40
N ASP E 155 5.96 20.73 -18.50
CA ASP E 155 6.55 22.05 -18.32
C ASP E 155 7.77 21.89 -17.43
N ILE E 156 8.66 22.89 -17.49
CA ILE E 156 9.91 22.80 -16.76
C ILE E 156 10.42 24.20 -16.47
N GLY E 157 11.15 24.35 -15.39
CA GLY E 157 11.69 25.64 -14.99
C GLY E 157 12.78 25.46 -13.97
N ASN E 158 13.17 26.58 -13.36
CA ASN E 158 14.27 26.58 -12.39
C ASN E 158 15.53 25.96 -12.97
N VAL E 159 15.64 25.98 -14.30
CA VAL E 159 16.77 25.36 -14.98
C VAL E 159 18.01 26.20 -14.69
N ASN E 160 18.89 25.64 -13.85
CA ASN E 160 20.13 26.31 -13.47
C ASN E 160 21.29 25.39 -13.74
N MET E 161 22.37 25.91 -14.28
CA MET E 161 23.60 25.15 -14.54
C MET E 161 24.77 25.82 -13.83
N TRP E 162 25.52 25.01 -13.09
CA TRP E 162 26.74 25.43 -12.42
C TRP E 162 27.92 24.66 -13.02
N ASP E 163 29.09 25.30 -13.00
CA ASP E 163 30.31 24.66 -13.48
C ASP E 163 31.00 23.85 -12.40
N PHE E 164 30.36 23.72 -11.25
CA PHE E 164 30.92 22.95 -10.17
C PHE E 164 29.87 22.07 -9.56
N VAL E 165 30.30 20.98 -8.95
CA VAL E 165 29.36 20.11 -8.24
C VAL E 165 28.98 20.79 -6.93
N LEU E 166 27.72 21.20 -6.82
CA LEU E 166 27.23 21.86 -5.61
C LEU E 166 27.28 20.92 -4.43
N SER E 167 27.61 21.46 -3.26
CA SER E 167 27.57 20.65 -2.07
C SER E 167 26.13 20.17 -1.83
N PRO E 168 25.95 18.99 -1.23
CA PRO E 168 24.59 18.49 -0.98
C PRO E 168 23.70 19.49 -0.26
N ASP E 169 24.24 20.22 0.72
CA ASP E 169 23.46 21.29 1.33
C ASP E 169 23.11 22.35 0.30
N GLU E 170 24.05 22.66 -0.61
CA GLU E 170 23.74 23.61 -1.67
C GLU E 170 22.60 23.12 -2.54
N ILE E 171 22.62 21.82 -2.90
CA ILE E 171 21.55 21.27 -3.72
C ILE E 171 20.22 21.34 -2.97
N ASN E 172 20.27 21.08 -1.67
CA ASN E 172 19.06 21.20 -0.87
C ASN E 172 18.54 22.61 -1.01
N THR E 173 19.42 23.59 -0.85
CA THR E 173 19.01 24.97 -0.94
C THR E 173 18.39 25.29 -2.30
N ILE E 174 18.99 24.77 -3.38
CA ILE E 174 18.38 24.97 -4.69
C ILE E 174 16.97 24.42 -4.69
N TYR E 175 16.76 23.27 -4.07
CA TYR E 175 15.40 22.75 -3.95
C TYR E 175 14.52 23.71 -3.15
N LEU E 176 15.05 24.29 -2.08
CA LEU E 176 14.28 25.21 -1.27
C LEU E 176 14.00 26.53 -1.97
N GLY E 177 14.65 26.81 -3.10
CA GLY E 177 14.42 28.02 -3.84
C GLY E 177 15.23 29.21 -3.38
N GLY E 178 16.17 29.03 -2.46
CA GLY E 178 17.00 30.12 -2.00
C GLY E 178 17.84 30.70 -3.12
N PRO E 179 18.69 31.66 -2.80
CA PRO E 179 19.54 32.25 -3.84
C PRO E 179 20.65 31.30 -4.27
N PHE E 180 21.15 31.52 -5.48
CA PHE E 180 22.27 30.76 -6.02
C PHE E 180 22.87 31.55 -7.17
N SER E 181 24.03 31.08 -7.63
CA SER E 181 24.76 31.73 -8.73
C SER E 181 25.07 30.69 -9.79
N PRO E 182 24.08 30.33 -10.62
CA PRO E 182 24.34 29.37 -11.70
C PRO E 182 25.12 29.99 -12.83
N ASN E 183 26.44 30.00 -12.70
CA ASN E 183 27.30 30.68 -13.66
C ASN E 183 27.04 30.21 -15.08
N VAL E 184 26.99 28.90 -15.29
CA VAL E 184 26.86 28.37 -16.64
C VAL E 184 25.52 28.76 -17.25
N LEU E 185 24.44 28.58 -16.52
CA LEU E 185 23.13 28.99 -17.00
C LEU E 185 22.35 29.19 -15.75
N ASN E 186 21.52 30.23 -15.67
CA ASN E 186 20.77 30.53 -14.45
C ASN E 186 19.35 30.88 -14.80
N TRP E 187 18.40 30.18 -14.20
CA TRP E 187 17.00 30.45 -14.49
C TRP E 187 16.65 31.91 -14.18
N ARG E 188 17.15 32.43 -13.05
CA ARG E 188 16.85 33.80 -12.66
C ARG E 188 17.59 34.81 -13.52
N ALA E 189 18.61 34.39 -14.27
CA ALA E 189 19.37 35.25 -15.18
C ALA E 189 19.54 34.56 -16.52
N LEU E 190 18.42 34.08 -17.06
CA LEU E 190 18.44 33.13 -18.15
C LEU E 190 18.43 33.86 -19.49
N LYS E 191 19.41 33.53 -20.34
CA LYS E 191 19.44 33.97 -21.73
C LYS E 191 18.92 32.84 -22.60
N TYR E 192 17.85 33.11 -23.33
CA TYR E 192 17.34 32.08 -24.20
C TYR E 192 16.41 32.58 -25.27
N GLU E 193 16.08 31.69 -26.19
CA GLU E 193 15.18 31.98 -27.29
C GLU E 193 14.24 30.77 -27.41
N VAL E 194 13.03 31.01 -27.92
CA VAL E 194 12.00 29.99 -27.96
C VAL E 194 11.61 29.72 -29.41
N GLN E 195 11.45 28.44 -29.75
CA GLN E 195 11.01 28.02 -31.06
C GLN E 195 9.86 27.03 -30.91
N GLY E 196 8.96 27.04 -31.88
CA GLY E 196 7.81 26.17 -31.82
C GLY E 196 6.68 26.77 -31.02
N GLU E 197 5.85 25.93 -30.40
CA GLU E 197 4.66 26.37 -29.68
C GLU E 197 4.90 26.44 -28.18
N VAL E 198 6.15 26.50 -27.74
CA VAL E 198 6.46 26.63 -26.33
C VAL E 198 6.10 28.03 -25.85
N PHE E 199 5.25 28.13 -24.83
CA PHE E 199 4.98 29.41 -24.20
C PHE E 199 5.85 29.58 -22.96
N THR E 200 5.49 30.51 -22.09
CA THR E 200 6.18 30.66 -20.81
C THR E 200 5.24 31.42 -19.88
N LYS E 201 4.94 30.83 -18.74
CA LYS E 201 3.99 31.40 -17.79
C LYS E 201 4.31 30.88 -16.41
N PRO E 202 3.82 31.57 -15.36
CA PRO E 202 4.14 31.18 -13.98
C PRO E 202 4.19 29.71 -13.57
N GLN E 203 5.36 29.27 -13.09
CA GLN E 203 5.54 27.87 -12.72
C GLN E 203 4.55 27.31 -11.71
N LEU E 204 4.08 26.09 -11.97
CA LEU E 204 3.09 25.47 -11.08
C LEU E 204 3.72 25.13 -9.73
N TRP E 205 4.89 24.52 -9.75
CA TRP E 205 5.47 24.00 -8.52
C TRP E 205 5.75 25.15 -7.55
N PRO E 206 5.75 24.88 -6.23
CA PRO E 206 5.98 25.92 -5.22
C PRO E 206 7.31 26.66 -5.44
N HIS F 3 27.41 -5.82 -40.68
CA HIS F 3 28.78 -6.06 -40.24
C HIS F 3 28.86 -6.06 -38.73
N VAL F 4 27.83 -5.49 -38.09
CA VAL F 4 27.84 -5.35 -36.63
C VAL F 4 27.90 -6.73 -35.97
N GLN F 5 27.00 -7.62 -36.35
CA GLN F 5 27.02 -9.03 -35.95
C GLN F 5 27.19 -9.29 -34.44
N LEU F 6 26.28 -8.69 -33.68
CA LEU F 6 26.33 -8.87 -32.23
C LEU F 6 26.55 -10.35 -31.99
N VAL F 7 27.60 -10.66 -31.25
CA VAL F 7 27.84 -12.03 -30.86
C VAL F 7 26.72 -12.54 -29.99
N GLU F 8 26.17 -13.68 -30.36
CA GLU F 8 25.10 -14.30 -29.59
C GLU F 8 25.75 -15.65 -29.30
N SER F 9 26.18 -15.84 -28.06
CA SER F 9 26.70 -17.12 -27.61
C SER F 9 26.56 -17.16 -26.09
N GLY F 10 27.06 -18.24 -25.50
CA GLY F 10 26.82 -18.50 -24.09
C GLY F 10 25.42 -18.97 -23.81
N GLY F 11 24.85 -19.80 -24.69
CA GLY F 11 23.53 -20.34 -24.48
C GLY F 11 23.53 -21.85 -24.41
N GLY F 12 22.35 -22.45 -24.36
CA GLY F 12 22.27 -23.90 -24.30
C GLY F 12 21.19 -24.42 -23.38
N LEU F 13 21.38 -25.61 -22.85
CA LEU F 13 20.41 -26.28 -21.98
C LEU F 13 20.90 -26.19 -20.54
N VAL F 14 20.00 -25.78 -19.64
CA VAL F 14 20.31 -25.70 -18.23
C VAL F 14 19.05 -26.07 -17.45
N GLN F 15 19.24 -26.81 -16.35
CA GLN F 15 18.10 -27.19 -15.53
C GLN F 15 17.59 -25.95 -14.80
N ALA F 16 16.28 -25.94 -14.54
CA ALA F 16 15.60 -24.70 -14.16
C ALA F 16 16.17 -24.12 -12.87
N GLY F 17 16.38 -22.82 -12.85
CA GLY F 17 16.99 -22.16 -11.71
C GLY F 17 18.49 -22.23 -11.67
N GLY F 18 19.13 -22.64 -12.76
CA GLY F 18 20.57 -22.68 -12.85
C GLY F 18 21.15 -21.35 -13.30
N SER F 19 22.43 -21.45 -13.67
CA SER F 19 23.14 -20.27 -14.11
C SER F 19 23.79 -20.50 -15.47
N LEU F 20 23.73 -19.51 -16.34
CA LEU F 20 24.32 -19.64 -17.67
C LEU F 20 24.80 -18.26 -18.10
N ARG F 21 25.99 -18.21 -18.71
CA ARG F 21 26.63 -16.95 -19.07
C ARG F 21 26.41 -16.71 -20.56
N LEU F 22 25.59 -15.70 -20.86
CA LEU F 22 25.36 -15.33 -22.23
C LEU F 22 26.35 -14.27 -22.65
N SER F 23 26.97 -14.45 -23.80
CA SER F 23 27.95 -13.51 -24.31
C SER F 23 27.32 -12.51 -25.28
N CYS F 24 27.94 -11.32 -25.37
CA CYS F 24 27.47 -10.30 -26.30
C CYS F 24 28.67 -9.50 -26.79
N ALA F 25 29.44 -10.02 -27.74
CA ALA F 25 30.62 -9.36 -28.25
C ALA F 25 30.25 -8.45 -29.42
N ALA F 26 30.94 -7.33 -29.52
CA ALA F 26 30.67 -6.33 -30.54
C ALA F 26 31.90 -6.14 -31.42
N SER F 27 31.67 -6.10 -32.73
CA SER F 27 32.71 -5.67 -33.64
C SER F 27 33.17 -4.27 -33.27
N ARG F 28 34.45 -3.99 -33.47
CA ARG F 28 35.02 -2.72 -33.04
C ARG F 28 34.62 -2.44 -31.58
N ASP F 29 34.34 -1.19 -31.27
CA ASP F 29 33.93 -0.78 -29.93
C ASP F 29 32.49 -0.28 -29.84
N ILE F 30 31.69 -0.61 -30.85
CA ILE F 30 30.33 -0.06 -30.91
C ILE F 30 29.50 -0.01 -29.62
N PHE F 31 29.52 -1.06 -28.81
CA PHE F 31 28.64 -1.05 -27.65
C PHE F 31 28.97 0.10 -26.71
N SER F 32 30.13 0.72 -26.86
CA SER F 32 30.47 1.88 -26.03
C SER F 32 29.38 2.94 -26.13
N ARG F 33 28.92 3.25 -27.33
CA ARG F 33 27.85 4.22 -27.50
C ARG F 33 26.47 3.58 -27.37
N TYR F 34 26.32 2.32 -27.76
CA TYR F 34 25.04 1.63 -27.62
C TYR F 34 24.73 1.31 -26.18
N THR F 35 23.46 1.47 -25.81
CA THR F 35 22.93 0.95 -24.55
C THR F 35 22.39 -0.45 -24.86
N VAL F 36 23.25 -1.45 -24.70
CA VAL F 36 22.91 -2.81 -25.14
C VAL F 36 21.93 -3.53 -24.21
N GLY F 37 21.11 -4.38 -24.83
CA GLY F 37 20.02 -5.01 -24.12
C GLY F 37 19.71 -6.43 -24.58
N TRP F 38 19.33 -7.27 -23.63
CA TRP F 38 18.92 -8.63 -23.91
C TRP F 38 17.41 -8.69 -24.02
N TYR F 39 16.93 -9.26 -25.12
CA TYR F 39 15.51 -9.45 -25.40
C TYR F 39 15.22 -10.95 -25.35
N ARG F 40 14.03 -11.32 -24.87
CA ARG F 40 13.62 -12.71 -24.86
C ARG F 40 12.56 -12.92 -25.94
N GLN F 41 12.95 -13.56 -27.04
CA GLN F 41 12.01 -13.86 -28.12
C GLN F 41 11.54 -15.30 -27.93
N ALA F 42 10.85 -15.55 -26.85
CA ALA F 42 10.39 -16.89 -26.54
C ALA F 42 9.39 -17.35 -27.60
N PRO F 43 9.30 -18.66 -27.84
CA PRO F 43 8.39 -19.15 -28.88
C PRO F 43 6.95 -18.73 -28.59
N GLY F 44 6.30 -18.20 -29.60
CA GLY F 44 4.95 -17.68 -29.43
C GLY F 44 4.90 -16.43 -28.57
N LYS F 45 6.10 -15.99 -28.18
CA LYS F 45 6.22 -14.80 -27.35
C LYS F 45 6.78 -13.61 -28.09
N GLN F 46 7.00 -12.51 -27.40
CA GLN F 46 7.34 -11.26 -28.04
C GLN F 46 8.85 -11.10 -28.16
N ARG F 47 9.28 -10.00 -28.76
CA ARG F 47 10.69 -9.59 -28.75
C ARG F 47 10.95 -8.68 -27.56
N ASP F 48 10.51 -9.13 -26.40
CA ASP F 48 10.63 -8.30 -25.19
C ASP F 48 11.99 -8.34 -24.57
N LEU F 49 12.43 -7.21 -24.05
CA LEU F 49 13.75 -7.12 -23.43
C LEU F 49 13.74 -7.78 -22.06
N VAL F 50 14.56 -8.81 -21.90
CA VAL F 50 14.76 -9.36 -20.56
C VAL F 50 15.44 -8.33 -19.68
N ALA F 51 16.42 -7.62 -20.21
CA ALA F 51 17.13 -6.63 -19.42
C ALA F 51 17.88 -5.68 -20.36
N LEU F 52 18.53 -4.69 -19.77
CA LEU F 52 19.32 -3.72 -20.54
C LEU F 52 20.36 -3.11 -19.62
N ILE F 53 21.40 -2.53 -20.24
CA ILE F 53 22.46 -1.86 -19.49
C ILE F 53 22.87 -0.56 -20.18
N THR F 54 22.99 0.51 -19.40
CA THR F 54 23.39 1.80 -19.94
C THR F 54 24.85 1.86 -20.31
N ASN F 55 25.22 2.87 -21.10
CA ASN F 55 26.61 3.05 -21.47
C ASN F 55 27.49 3.19 -20.25
N GLY F 56 27.05 3.98 -19.27
CA GLY F 56 27.86 4.20 -18.09
C GLY F 56 28.09 2.92 -17.30
N GLY F 57 27.09 2.05 -17.24
CA GLY F 57 27.23 0.80 -16.52
C GLY F 57 25.98 0.40 -15.78
N SER F 58 25.12 1.36 -15.48
CA SER F 58 23.87 1.05 -14.79
C SER F 58 23.02 0.12 -15.63
N THR F 59 22.24 -0.72 -14.97
CA THR F 59 21.47 -1.76 -15.62
C THR F 59 20.07 -1.81 -15.05
N HIS F 60 19.14 -2.33 -15.83
CA HIS F 60 17.79 -2.60 -15.38
C HIS F 60 17.34 -3.96 -15.88
N TYR F 61 16.49 -4.61 -15.08
CA TYR F 61 15.93 -5.91 -15.41
C TYR F 61 14.42 -5.83 -15.22
N VAL F 62 13.67 -6.34 -16.20
CA VAL F 62 12.23 -6.32 -16.09
C VAL F 62 11.72 -7.07 -14.87
N ASP F 63 10.59 -6.64 -14.33
CA ASP F 63 10.04 -7.25 -13.14
C ASP F 63 10.09 -8.77 -13.17
N SER F 64 9.71 -9.36 -14.31
CA SER F 64 9.76 -10.81 -14.46
C SER F 64 11.16 -11.37 -14.30
N VAL F 65 12.19 -10.55 -14.47
CA VAL F 65 13.57 -11.01 -14.38
C VAL F 65 14.32 -10.39 -13.21
N LYS F 66 13.62 -9.67 -12.34
CA LYS F 66 14.26 -9.00 -11.21
C LYS F 66 15.12 -9.97 -10.41
N GLY F 67 16.42 -9.70 -10.39
CA GLY F 67 17.35 -10.55 -9.66
C GLY F 67 17.67 -11.83 -10.40
N ARG F 68 16.79 -12.21 -11.34
CA ARG F 68 16.98 -13.45 -12.07
C ARG F 68 18.31 -13.46 -12.80
N PHE F 69 18.58 -12.36 -13.50
CA PHE F 69 19.83 -12.25 -14.22
C PHE F 69 20.56 -10.95 -13.90
N THR F 70 21.83 -10.91 -14.29
CA THR F 70 22.66 -9.74 -14.07
C THR F 70 23.43 -9.44 -15.34
N ILE F 71 23.17 -8.29 -15.95
CA ILE F 71 23.87 -7.90 -17.16
C ILE F 71 24.96 -6.90 -16.83
N SER F 72 26.16 -7.15 -17.31
CA SER F 72 27.30 -6.28 -17.07
C SER F 72 27.99 -5.96 -18.40
N ARG F 73 28.64 -4.80 -18.45
CA ARG F 73 29.32 -4.37 -19.65
C ARG F 73 30.79 -4.74 -19.64
N ASP F 74 31.19 -5.60 -20.56
CA ASP F 74 32.59 -6.01 -20.67
C ASP F 74 33.23 -5.12 -21.73
N ASN F 75 33.69 -3.95 -21.30
CA ASN F 75 34.30 -2.99 -22.21
C ASN F 75 35.68 -3.43 -22.69
N ALA F 76 36.27 -4.45 -22.08
CA ALA F 76 37.59 -4.90 -22.50
C ALA F 76 37.58 -5.36 -23.96
N LYS F 77 36.55 -6.14 -24.34
CA LYS F 77 36.43 -6.62 -25.71
C LYS F 77 35.06 -6.39 -26.33
N ASN F 78 34.20 -5.59 -25.69
CA ASN F 78 32.83 -5.34 -26.12
C ASN F 78 31.91 -6.53 -25.84
N THR F 79 32.49 -7.43 -25.06
CA THR F 79 31.79 -8.64 -24.72
C THR F 79 30.87 -8.51 -23.48
N VAL F 80 29.84 -7.67 -23.56
CA VAL F 80 28.94 -7.53 -22.43
C VAL F 80 28.40 -8.90 -22.04
N TYR F 81 28.46 -9.21 -20.76
CA TYR F 81 28.13 -10.53 -20.28
C TYR F 81 26.78 -10.49 -19.57
N LEU F 82 26.07 -11.61 -19.58
CA LEU F 82 24.79 -11.73 -18.89
C LEU F 82 24.77 -13.03 -18.11
N GLN F 83 24.84 -12.90 -16.79
CA GLN F 83 24.75 -14.08 -15.94
C GLN F 83 23.31 -14.35 -15.60
N MET F 84 22.82 -15.50 -16.01
CA MET F 84 21.45 -15.91 -15.71
C MET F 84 21.45 -16.85 -14.52
N ASN F 85 20.76 -16.43 -13.47
CA ASN F 85 20.65 -17.28 -12.29
C ASN F 85 19.19 -17.60 -12.09
N SER F 86 18.91 -18.65 -11.34
CA SER F 86 17.54 -19.07 -11.08
C SER F 86 16.61 -19.12 -12.29
N LEU F 87 17.08 -19.76 -13.35
CA LEU F 87 16.36 -19.77 -14.62
C LEU F 87 15.10 -20.61 -14.48
N LYS F 88 13.96 -19.92 -14.43
CA LYS F 88 12.70 -20.62 -14.39
C LYS F 88 12.35 -21.03 -15.81
N SER F 89 11.29 -21.80 -15.97
CA SER F 89 10.95 -22.36 -17.28
C SER F 89 10.60 -21.25 -18.27
N GLU F 90 9.87 -20.25 -17.83
CA GLU F 90 9.52 -19.14 -18.71
C GLU F 90 10.75 -18.65 -19.42
N ASP F 91 11.85 -18.52 -18.68
CA ASP F 91 13.10 -18.04 -19.26
C ASP F 91 13.46 -18.80 -20.53
N THR F 92 13.10 -20.07 -20.62
CA THR F 92 13.37 -20.84 -21.83
C THR F 92 12.91 -20.07 -23.05
N ALA F 93 13.86 -19.68 -23.91
CA ALA F 93 13.56 -18.88 -25.10
C ALA F 93 14.87 -18.64 -25.83
N ILE F 94 14.77 -17.99 -26.98
CA ILE F 94 15.95 -17.52 -27.68
C ILE F 94 16.17 -16.07 -27.26
N TYR F 95 17.36 -15.79 -26.74
CA TYR F 95 17.69 -14.45 -26.25
C TYR F 95 18.45 -13.71 -27.35
N TYR F 96 17.87 -12.61 -27.80
CA TYR F 96 18.48 -11.74 -28.80
C TYR F 96 19.21 -10.62 -28.07
N CYS F 97 20.53 -10.63 -28.17
CA CYS F 97 21.34 -9.56 -27.58
C CYS F 97 21.49 -8.46 -28.61
N ASN F 98 20.69 -7.40 -28.48
CA ASN F 98 20.71 -6.32 -29.44
C ASN F 98 21.38 -5.07 -28.86
N ALA F 99 21.74 -4.17 -29.76
CA ALA F 99 22.43 -2.93 -29.39
C ALA F 99 21.74 -1.76 -30.06
N PHE F 100 20.83 -1.12 -29.33
CA PHE F 100 20.34 0.20 -29.70
C PHE F 100 21.25 1.25 -29.08
N ARG F 101 21.05 2.52 -29.47
CA ARG F 101 22.06 3.51 -29.13
C ARG F 101 21.98 4.19 -27.76
N ALA F 102 20.82 4.70 -27.38
CA ALA F 102 20.63 5.32 -26.08
C ALA F 102 19.57 4.56 -25.28
N SER F 103 19.47 4.89 -23.99
CA SER F 103 18.65 4.11 -23.07
C SER F 103 17.16 4.40 -23.24
N PHE F 104 16.79 5.64 -23.54
CA PHE F 104 15.38 5.98 -23.71
C PHE F 104 14.75 5.19 -24.86
N ASP F 105 15.48 5.05 -25.97
CA ASP F 105 14.94 4.43 -27.18
C ASP F 105 15.16 2.92 -27.14
N ARG F 106 14.38 2.27 -26.27
CA ARG F 106 14.45 0.82 -26.18
C ARG F 106 13.96 0.17 -27.47
N THR F 107 12.85 0.66 -28.01
CA THR F 107 12.25 0.04 -29.19
C THR F 107 13.22 -0.06 -30.37
N PRO F 108 13.95 1.00 -30.74
CA PRO F 108 14.88 0.87 -31.85
C PRO F 108 15.96 -0.16 -31.54
N LEU F 109 16.40 -0.86 -32.58
CA LEU F 109 17.44 -1.87 -32.44
C LEU F 109 18.64 -1.68 -33.35
N TYR F 110 18.49 -0.98 -34.48
CA TYR F 110 19.60 -0.83 -35.42
C TYR F 110 20.22 -2.19 -35.74
N SER F 111 21.50 -2.36 -35.40
CA SER F 111 22.17 -3.62 -35.67
C SER F 111 21.39 -4.78 -35.06
N TRP F 112 21.21 -5.84 -35.85
CA TRP F 112 20.48 -7.03 -35.44
C TRP F 112 21.39 -8.24 -35.56
N GLY F 113 21.19 -9.21 -34.68
CA GLY F 113 22.01 -10.41 -34.66
C GLY F 113 21.23 -11.69 -34.95
N GLN F 114 21.61 -12.77 -34.29
CA GLN F 114 20.99 -14.08 -34.48
C GLN F 114 20.43 -14.66 -33.19
N GLY F 115 20.98 -14.28 -32.03
CA GLY F 115 20.48 -14.75 -30.76
C GLY F 115 21.13 -16.04 -30.29
N THR F 116 20.83 -16.42 -29.06
CA THR F 116 21.32 -17.66 -28.48
C THR F 116 20.18 -18.39 -27.78
N LEU F 117 20.08 -19.68 -28.03
CA LEU F 117 19.00 -20.46 -27.43
C LEU F 117 19.25 -20.66 -25.95
N VAL F 118 18.15 -20.90 -25.23
CA VAL F 118 18.18 -21.14 -23.79
C VAL F 118 17.07 -22.16 -23.59
N THR F 119 17.39 -23.27 -22.92
CA THR F 119 16.38 -24.26 -22.58
C THR F 119 16.39 -24.54 -21.09
N VAL F 120 15.38 -24.06 -20.40
CA VAL F 120 15.27 -24.29 -18.96
C VAL F 120 14.52 -25.60 -18.76
N SER F 121 15.21 -26.61 -18.26
CA SER F 121 14.62 -27.93 -18.06
C SER F 121 14.21 -28.12 -16.61
N GLN G 1 45.36 11.58 9.26
CA GLN G 1 44.25 11.92 10.19
C GLN G 1 43.45 13.10 9.62
N THR G 2 42.34 12.79 8.97
CA THR G 2 41.51 13.79 8.29
C THR G 2 40.10 13.73 8.83
N ASP G 3 39.48 14.90 8.91
CA ASP G 3 38.11 14.99 9.35
C ASP G 3 37.23 14.80 8.14
N MET G 4 36.37 13.81 8.17
CA MET G 4 35.50 13.49 7.05
C MET G 4 34.07 13.96 7.27
N SER G 5 33.81 14.77 8.30
CA SER G 5 32.47 15.25 8.54
C SER G 5 31.93 15.97 7.32
N ARG G 6 30.65 15.74 7.01
CA ARG G 6 30.02 16.29 5.83
C ARG G 6 30.71 15.81 4.56
N LYS G 7 31.31 14.63 4.61
CA LYS G 7 31.97 14.05 3.45
C LYS G 7 31.82 12.54 3.50
N ALA G 8 31.81 11.92 2.33
CA ALA G 8 31.60 10.50 2.19
C ALA G 8 32.53 9.93 1.14
N PHE G 9 32.79 8.63 1.26
CA PHE G 9 33.70 7.95 0.36
C PHE G 9 32.95 7.53 -0.90
N VAL G 10 33.46 7.99 -2.04
CA VAL G 10 32.82 7.80 -3.33
C VAL G 10 33.14 6.40 -3.83
N PHE G 11 32.11 5.54 -3.87
CA PHE G 11 32.23 4.15 -4.34
C PHE G 11 31.39 4.07 -5.59
N PRO G 12 31.83 4.37 -6.75
CA PRO G 12 30.93 4.37 -7.92
C PRO G 12 31.07 3.18 -8.86
N LYS G 13 32.11 2.30 -8.66
CA LYS G 13 32.29 1.18 -9.55
C LYS G 13 32.34 -0.13 -8.77
N GLU G 14 31.67 -1.15 -9.31
CA GLU G 14 31.85 -2.51 -8.81
C GLU G 14 33.23 -3.01 -9.24
N SER G 15 34.04 -3.40 -8.26
CA SER G 15 35.39 -3.86 -8.57
C SER G 15 36.01 -4.44 -7.30
N ASP G 16 37.07 -5.22 -7.49
CA ASP G 16 37.86 -5.74 -6.40
C ASP G 16 39.01 -4.83 -6.02
N THR G 17 39.12 -3.67 -6.64
CA THR G 17 40.18 -2.70 -6.34
C THR G 17 39.69 -1.53 -5.49
N SER G 18 38.46 -1.07 -5.74
CA SER G 18 37.92 0.07 -4.99
C SER G 18 37.82 -0.35 -3.52
N TYR G 19 38.51 0.36 -2.65
CA TYR G 19 38.40 0.14 -1.21
C TYR G 19 39.14 1.26 -0.48
N VAL G 20 38.99 1.26 0.84
CA VAL G 20 39.62 2.27 1.69
C VAL G 20 40.01 1.49 2.95
N SER G 21 41.31 1.42 3.22
CA SER G 21 41.81 0.85 4.47
C SER G 21 41.77 1.92 5.56
N LEU G 22 40.88 1.75 6.52
CA LEU G 22 40.72 2.72 7.60
C LEU G 22 41.60 2.29 8.77
N LYS G 23 42.62 3.09 9.07
CA LYS G 23 43.48 2.82 10.22
C LYS G 23 42.71 3.07 11.51
N ALA G 24 43.17 2.41 12.58
CA ALA G 24 42.58 2.57 13.89
C ALA G 24 43.65 2.38 14.94
N PRO G 25 43.67 3.20 16.00
CA PRO G 25 44.66 3.02 17.06
C PRO G 25 44.36 1.85 17.98
N LEU G 26 43.26 1.12 17.74
CA LEU G 26 42.87 0.02 18.60
C LEU G 26 44.04 -0.92 18.86
N THR G 27 44.25 -1.24 20.14
CA THR G 27 45.33 -2.11 20.56
C THR G 27 44.86 -3.31 21.37
N LYS G 28 43.85 -3.13 22.24
CA LYS G 28 43.34 -4.24 23.04
C LYS G 28 42.21 -4.93 22.28
N PRO G 29 42.24 -6.26 22.12
CA PRO G 29 41.16 -6.93 21.40
C PRO G 29 39.80 -6.56 21.99
N LEU G 30 38.90 -6.11 21.12
CA LEU G 30 37.66 -5.50 21.58
C LEU G 30 36.72 -6.57 22.15
N LYS G 31 36.42 -6.44 23.44
CA LYS G 31 35.37 -7.23 24.06
C LYS G 31 33.99 -6.60 23.86
N ALA G 32 33.93 -5.41 23.28
CA ALA G 32 32.67 -4.72 23.05
C ALA G 32 32.95 -3.57 22.10
N PHE G 33 31.98 -3.27 21.25
CA PHE G 33 32.17 -2.22 20.24
C PHE G 33 30.83 -1.82 19.67
N THR G 34 30.92 -0.71 18.88
CA THR G 34 29.76 -0.26 18.15
C THR G 34 30.23 0.49 16.91
N VAL G 35 29.79 0.03 15.71
CA VAL G 35 30.09 0.77 14.48
C VAL G 35 28.80 1.41 13.98
N CYS G 36 28.86 2.73 13.80
CA CYS G 36 27.79 3.52 13.21
C CYS G 36 28.28 4.09 11.89
N LEU G 37 27.44 4.02 10.86
CA LEU G 37 27.83 4.58 9.58
C LEU G 37 26.58 4.87 8.76
N HIS G 38 26.60 6.00 8.06
CA HIS G 38 25.52 6.39 7.18
C HIS G 38 25.97 6.11 5.76
N PHE G 39 25.39 5.09 5.13
CA PHE G 39 25.73 4.71 3.78
C PHE G 39 24.49 4.78 2.90
N TYR G 40 24.72 4.63 1.60
CA TYR G 40 23.63 4.72 0.65
C TYR G 40 24.06 4.06 -0.66
N THR G 41 23.23 3.16 -1.17
CA THR G 41 23.52 2.46 -2.42
C THR G 41 22.22 1.85 -2.92
N GLU G 42 22.14 1.68 -4.23
CA GLU G 42 20.96 1.10 -4.83
C GLU G 42 21.21 -0.35 -5.21
N LEU G 43 22.37 -0.90 -4.86
CA LEU G 43 22.56 -2.32 -5.12
C LEU G 43 21.65 -3.19 -4.27
N SER G 44 20.95 -2.61 -3.30
CA SER G 44 20.07 -3.39 -2.43
C SER G 44 19.13 -4.26 -3.26
N SER G 45 18.69 -3.75 -4.40
CA SER G 45 17.78 -4.47 -5.29
C SER G 45 18.49 -5.08 -6.50
N THR G 46 19.83 -5.14 -6.48
CA THR G 46 20.56 -5.81 -7.55
C THR G 46 21.44 -6.92 -7.00
N ARG G 47 22.08 -6.70 -5.85
CA ARG G 47 22.92 -7.71 -5.24
C ARG G 47 23.35 -7.21 -3.86
N GLY G 48 24.05 -8.06 -3.14
CA GLY G 48 24.58 -7.70 -1.84
C GLY G 48 25.84 -6.86 -1.96
N TYR G 49 26.27 -6.31 -0.82
CA TYR G 49 27.45 -5.47 -0.82
C TYR G 49 28.03 -5.43 0.58
N SER G 50 29.34 -5.23 0.66
CA SER G 50 30.00 -5.10 1.95
C SER G 50 29.79 -3.69 2.44
N ILE G 51 28.87 -3.51 3.39
CA ILE G 51 28.60 -2.18 3.96
C ILE G 51 29.77 -1.74 4.81
N PHE G 52 30.33 -2.67 5.58
CA PHE G 52 31.50 -2.38 6.39
C PHE G 52 32.23 -3.68 6.65
N SER G 53 33.56 -3.64 6.54
CA SER G 53 34.38 -4.84 6.66
C SER G 53 35.50 -4.61 7.68
N TYR G 54 35.79 -5.65 8.45
CA TYR G 54 36.75 -5.63 9.55
C TYR G 54 37.40 -7.01 9.60
N ALA G 55 38.69 -7.08 9.30
CA ALA G 55 39.39 -8.35 9.21
C ALA G 55 40.42 -8.48 10.32
N THR G 56 40.87 -9.72 10.51
CA THR G 56 41.95 -10.05 11.42
C THR G 56 42.79 -11.14 10.79
N LYS G 57 44.00 -11.35 11.31
CA LYS G 57 44.88 -12.35 10.72
C LYS G 57 44.27 -13.73 10.91
N ARG G 58 43.38 -13.89 11.89
CA ARG G 58 42.67 -15.15 12.09
C ARG G 58 41.35 -15.19 11.35
N GLN G 59 40.60 -14.10 11.35
CA GLN G 59 39.27 -14.03 10.75
C GLN G 59 39.25 -12.96 9.68
N ASP G 60 38.80 -13.32 8.48
CA ASP G 60 38.68 -12.35 7.40
C ASP G 60 37.50 -11.42 7.64
N ASN G 61 36.39 -11.90 8.18
CA ASN G 61 35.23 -11.06 8.46
C ASN G 61 35.00 -10.93 9.95
N GLU G 62 36.06 -10.58 10.65
CA GLU G 62 35.96 -10.39 12.10
C GLU G 62 34.77 -9.51 12.47
N ILE G 63 34.48 -8.47 11.71
CA ILE G 63 33.28 -7.68 11.96
C ILE G 63 32.83 -7.19 10.59
N LEU G 64 31.68 -7.58 10.15
CA LEU G 64 31.25 -7.23 8.80
C LEU G 64 29.77 -7.07 8.61
N ILE G 65 29.38 -5.85 8.23
CA ILE G 65 27.98 -5.56 7.92
C ILE G 65 27.87 -5.71 6.42
N PHE G 66 26.90 -6.50 5.95
CA PHE G 66 26.78 -6.80 4.55
C PHE G 66 25.30 -6.78 4.19
N TRP G 67 25.00 -6.46 2.94
CA TRP G 67 23.61 -6.53 2.48
C TRP G 67 23.33 -7.93 1.99
N SER G 68 22.59 -8.69 2.81
CA SER G 68 22.17 -9.99 2.34
C SER G 68 21.16 -9.66 1.27
N LYS G 69 21.42 -10.06 0.05
CA LYS G 69 20.60 -9.71 -1.10
C LYS G 69 19.21 -10.26 -0.82
N ASP G 70 18.19 -9.55 -0.97
CA ASP G 70 16.84 -10.07 -0.77
C ASP G 70 16.60 -10.51 0.70
N ILE G 71 17.45 -10.16 1.66
CA ILE G 71 17.12 -10.46 3.09
C ILE G 71 17.54 -9.38 4.10
N GLY G 72 18.19 -8.29 3.67
CA GLY G 72 18.47 -7.21 4.61
C GLY G 72 19.93 -7.06 5.00
N TYR G 73 20.22 -7.00 6.31
CA TYR G 73 21.58 -6.74 6.77
C TYR G 73 22.11 -7.96 7.51
N SER G 74 23.07 -8.66 6.90
CA SER G 74 23.79 -9.72 7.59
C SER G 74 24.97 -9.10 8.33
N PHE G 75 24.94 -9.18 9.66
CA PHE G 75 26.02 -8.66 10.50
C PHE G 75 26.75 -9.84 11.13
N THR G 76 28.07 -9.81 10.98
CA THR G 76 28.89 -10.90 11.42
C THR G 76 29.99 -10.46 12.37
N VAL G 77 30.28 -11.31 13.36
CA VAL G 77 31.32 -11.03 14.32
C VAL G 77 32.18 -12.27 14.45
N GLY G 78 33.50 -12.16 14.28
CA GLY G 78 34.37 -13.30 14.52
C GLY G 78 34.02 -14.50 13.67
N GLY G 79 33.68 -14.28 12.41
CA GLY G 79 33.25 -15.37 11.55
C GLY G 79 31.79 -15.73 11.69
N SER G 80 31.30 -15.88 12.93
CA SER G 80 29.89 -16.16 13.13
C SER G 80 29.05 -15.00 12.63
N GLU G 81 27.81 -15.29 12.27
CA GLU G 81 27.01 -14.32 11.55
C GLU G 81 25.54 -14.45 11.94
N ILE G 82 24.90 -13.27 11.98
CA ILE G 82 23.47 -13.18 12.29
C ILE G 82 22.87 -12.32 11.18
N LEU G 83 21.54 -12.26 11.07
CA LEU G 83 20.90 -11.57 9.96
C LEU G 83 19.67 -10.80 10.44
N PHE G 84 19.63 -9.52 10.09
CA PHE G 84 18.50 -8.64 10.34
C PHE G 84 17.70 -8.52 9.05
N GLU G 85 16.38 -9.04 9.23
CA GLU G 85 15.46 -9.02 8.11
C GLU G 85 14.96 -7.63 7.75
N VAL G 86 15.30 -7.20 6.42
CA VAL G 86 14.75 -5.92 6.03
C VAL G 86 13.52 -6.19 5.17
N PRO G 87 12.31 -5.92 5.65
CA PRO G 87 11.12 -6.29 4.87
C PRO G 87 11.07 -5.64 3.50
N GLU G 88 11.58 -4.42 3.41
CA GLU G 88 11.58 -3.70 2.15
C GLU G 88 12.72 -2.71 2.25
N VAL G 89 13.54 -2.63 1.22
CA VAL G 89 14.69 -1.75 1.22
C VAL G 89 14.33 -0.59 0.30
N THR G 90 14.40 0.62 0.82
CA THR G 90 14.10 1.83 0.06
C THR G 90 15.39 2.42 -0.52
N VAL G 91 15.25 3.10 -1.65
CA VAL G 91 16.36 3.83 -2.25
C VAL G 91 16.36 5.09 -1.39
N ALA G 92 17.28 5.15 -0.45
CA ALA G 92 17.47 6.31 0.40
C ALA G 92 18.63 6.07 1.35
N PRO G 93 19.41 7.08 1.69
CA PRO G 93 20.53 6.85 2.61
C PRO G 93 20.03 6.34 3.96
N VAL G 94 20.79 5.39 4.50
CA VAL G 94 20.43 4.79 5.77
C VAL G 94 21.61 4.81 6.73
N HIS G 95 21.33 5.06 7.99
CA HIS G 95 22.36 5.13 9.02
C HIS G 95 22.24 3.89 9.89
N ILE G 96 23.19 2.99 9.75
CA ILE G 96 23.20 1.74 10.51
C ILE G 96 24.08 1.90 11.73
N CYS G 97 23.82 1.09 12.75
CA CYS G 97 24.58 1.13 14.00
C CYS G 97 24.45 -0.28 14.55
N THR G 98 25.55 -1.03 14.59
CA THR G 98 25.56 -2.35 15.23
C THR G 98 26.49 -2.34 16.43
N SER G 99 26.09 -3.05 17.49
CA SER G 99 26.67 -2.90 18.82
C SER G 99 26.94 -4.26 19.46
N TRP G 100 27.61 -5.15 18.73
CA TRP G 100 27.99 -6.44 19.31
C TRP G 100 28.85 -6.29 20.57
N GLU G 101 28.66 -7.23 21.49
CA GLU G 101 29.39 -7.20 22.75
C GLU G 101 29.89 -8.61 23.03
N SER G 102 30.99 -8.73 23.77
CA SER G 102 31.61 -10.03 24.11
C SER G 102 31.21 -10.59 25.44
N ALA G 103 30.03 -10.30 25.91
CA ALA G 103 29.67 -10.92 27.16
C ALA G 103 28.34 -11.52 26.95
N SER G 104 27.42 -10.71 26.45
CA SER G 104 26.09 -11.17 26.19
C SER G 104 25.87 -11.39 24.71
N GLY G 105 26.91 -11.15 23.89
CA GLY G 105 26.80 -11.32 22.46
C GLY G 105 25.73 -10.42 21.92
N ILE G 106 25.42 -9.34 22.63
CA ILE G 106 24.28 -8.51 22.20
C ILE G 106 24.60 -7.52 21.13
N VAL G 107 23.67 -7.33 20.20
CA VAL G 107 23.89 -6.48 19.04
C VAL G 107 22.66 -5.58 18.91
N GLU G 108 22.83 -4.30 19.25
CA GLU G 108 21.79 -3.30 19.01
C GLU G 108 22.01 -2.73 17.62
N PHE G 109 21.43 -3.36 16.60
CA PHE G 109 21.69 -2.92 15.23
C PHE G 109 20.71 -1.80 14.88
N TRP G 110 20.99 -0.61 15.37
CA TRP G 110 20.13 0.51 15.04
C TRP G 110 20.26 0.83 13.56
N VAL G 111 19.13 0.88 12.86
CA VAL G 111 19.07 1.12 11.42
C VAL G 111 18.23 2.36 11.18
N ASP G 112 18.75 3.29 10.37
CA ASP G 112 18.03 4.50 10.02
C ASP G 112 17.50 5.21 11.27
N GLY G 113 18.25 5.10 12.37
CA GLY G 113 17.83 5.67 13.64
C GLY G 113 16.85 4.82 14.42
N LYS G 114 16.30 3.76 13.80
CA LYS G 114 15.40 2.86 14.51
C LYS G 114 16.14 1.61 14.96
N PRO G 115 15.69 0.96 16.02
CA PRO G 115 16.40 -0.22 16.54
C PRO G 115 15.99 -1.51 15.86
N ARG G 116 16.97 -2.40 15.72
CA ARG G 116 16.72 -3.80 15.40
C ARG G 116 16.88 -4.61 16.68
N VAL G 117 15.95 -5.52 16.91
CA VAL G 117 15.94 -6.29 18.15
C VAL G 117 17.23 -7.01 18.48
N ARG G 118 17.70 -6.82 19.70
CA ARG G 118 18.96 -7.42 20.12
C ARG G 118 18.92 -8.92 19.91
N LYS G 119 20.00 -9.46 19.37
CA LYS G 119 20.13 -10.89 19.13
C LYS G 119 21.56 -11.32 19.43
N SER G 120 21.72 -12.51 20.01
CA SER G 120 23.04 -12.96 20.41
C SER G 120 23.95 -13.12 19.19
N LEU G 121 25.25 -12.99 19.43
CA LEU G 121 26.25 -13.29 18.42
C LEU G 121 27.57 -13.46 19.12
N LYS G 122 28.30 -14.51 18.74
CA LYS G 122 29.67 -14.72 19.20
C LYS G 122 29.96 -14.51 20.69
N LYS G 123 28.97 -14.86 21.51
CA LYS G 123 29.07 -14.63 22.94
C LYS G 123 30.34 -15.01 23.69
N GLY G 124 30.90 -14.04 24.41
CA GLY G 124 32.15 -14.25 25.12
C GLY G 124 33.33 -14.40 24.17
N TYR G 125 33.39 -13.53 23.17
CA TYR G 125 34.41 -13.60 22.14
C TYR G 125 35.14 -12.26 22.07
N THR G 126 36.44 -12.34 21.78
CA THR G 126 37.29 -11.15 21.70
C THR G 126 37.59 -10.83 20.24
N VAL G 127 37.33 -9.60 19.84
CA VAL G 127 37.62 -9.15 18.49
C VAL G 127 39.09 -8.76 18.40
N GLY G 128 39.80 -9.32 17.43
CA GLY G 128 41.21 -9.02 17.27
C GLY G 128 41.49 -7.54 17.12
N ALA G 129 42.41 -7.03 17.93
CA ALA G 129 42.73 -5.60 17.87
C ALA G 129 43.27 -5.21 16.50
N GLU G 130 44.28 -5.93 16.02
CA GLU G 130 44.82 -5.67 14.69
C GLU G 130 43.73 -5.87 13.65
N ALA G 131 43.59 -4.91 12.75
CA ALA G 131 42.50 -4.94 11.79
C ALA G 131 42.90 -4.23 10.51
N SER G 132 42.23 -4.64 9.41
CA SER G 132 42.47 -4.02 8.10
C SER G 132 41.10 -3.55 7.61
N ILE G 133 40.38 -2.79 8.44
CA ILE G 133 39.05 -2.29 8.10
C ILE G 133 39.08 -1.78 6.67
N ILE G 134 38.07 -2.18 5.90
CA ILE G 134 37.95 -1.77 4.54
C ILE G 134 36.50 -1.58 4.20
N LEU G 135 36.22 -0.79 3.17
CA LEU G 135 34.85 -0.56 2.72
C LEU G 135 34.76 -0.85 1.23
N GLY G 136 33.66 -1.48 0.79
CA GLY G 136 33.47 -1.81 -0.61
C GLY G 136 33.90 -3.21 -0.97
N GLN G 137 34.43 -3.95 0.00
CA GLN G 137 34.92 -5.31 -0.26
C GLN G 137 34.72 -6.27 0.90
N GLU G 138 34.10 -7.42 0.65
CA GLU G 138 33.98 -8.46 1.66
C GLU G 138 35.34 -9.12 1.50
N GLN G 139 36.25 -8.78 2.41
CA GLN G 139 37.59 -9.36 2.39
C GLN G 139 37.56 -10.79 2.90
N ASP G 140 38.04 -11.72 2.08
CA ASP G 140 38.23 -13.11 2.51
C ASP G 140 39.58 -13.32 3.18
N SER G 141 40.38 -12.28 3.31
CA SER G 141 41.61 -12.33 4.09
C SER G 141 41.81 -10.96 4.72
N PHE G 142 42.99 -10.75 5.31
CA PHE G 142 43.30 -9.45 5.91
C PHE G 142 43.53 -8.43 4.81
N GLY G 143 42.49 -7.69 4.45
CA GLY G 143 42.59 -6.71 3.39
C GLY G 143 42.96 -7.30 2.05
N GLY G 144 42.31 -8.40 1.67
CA GLY G 144 42.61 -9.02 0.39
C GLY G 144 41.49 -9.90 -0.09
N ASN G 145 41.58 -10.40 -1.31
CA ASN G 145 40.56 -11.32 -1.83
C ASN G 145 39.23 -10.60 -2.03
N PHE G 146 39.27 -9.45 -2.68
CA PHE G 146 38.05 -8.68 -2.87
C PHE G 146 37.27 -9.16 -4.08
N GLU G 147 35.95 -9.04 -4.01
CA GLU G 147 35.07 -9.50 -5.06
C GLU G 147 34.09 -8.40 -5.41
N GLY G 148 33.96 -8.10 -6.70
CA GLY G 148 33.01 -7.08 -7.13
C GLY G 148 31.59 -7.40 -6.72
N SER G 149 31.17 -8.66 -6.85
CA SER G 149 29.80 -9.05 -6.49
C SER G 149 29.51 -8.76 -5.03
N GLN G 150 30.51 -8.92 -4.18
CA GLN G 150 30.38 -8.62 -2.77
C GLN G 150 30.76 -7.19 -2.43
N SER G 151 30.89 -6.35 -3.46
CA SER G 151 31.37 -4.98 -3.26
C SER G 151 30.30 -3.90 -3.21
N LEU G 152 30.55 -2.88 -2.43
CA LEU G 152 29.63 -1.75 -2.34
C LEU G 152 29.94 -0.75 -3.44
N VAL G 153 28.91 -0.35 -4.18
CA VAL G 153 29.08 0.51 -5.33
C VAL G 153 28.19 1.74 -5.17
N GLY G 154 27.98 2.15 -3.92
CA GLY G 154 27.25 3.37 -3.65
C GLY G 154 28.15 4.42 -3.03
N ASP G 155 27.98 4.66 -1.73
CA ASP G 155 28.86 5.53 -0.98
C ASP G 155 28.55 5.34 0.50
N ILE G 156 29.50 5.72 1.35
CA ILE G 156 29.34 5.50 2.78
C ILE G 156 30.17 6.52 3.54
N GLY G 157 29.74 6.86 4.74
CA GLY G 157 30.43 7.84 5.55
C GLY G 157 29.96 7.75 6.98
N ASN G 158 30.34 8.75 7.77
CA ASN G 158 30.03 8.77 9.20
C ASN G 158 30.48 7.50 9.89
N VAL G 159 31.48 6.83 9.32
CA VAL G 159 31.95 5.55 9.85
C VAL G 159 32.68 5.84 11.16
N ASN G 160 32.03 5.46 12.26
CA ASN G 160 32.58 5.65 13.59
C ASN G 160 32.60 4.35 14.33
N MET G 161 33.66 4.05 15.05
CA MET G 161 33.78 2.84 15.85
C MET G 161 34.08 3.22 17.30
N TRP G 162 33.31 2.65 18.21
CA TRP G 162 33.50 2.79 19.64
C TRP G 162 33.85 1.44 20.23
N ASP G 163 34.61 1.46 21.32
CA ASP G 163 34.97 0.23 22.04
C ASP G 163 33.93 -0.15 23.08
N PHE G 164 32.81 0.57 23.10
CA PHE G 164 31.76 0.27 24.04
C PHE G 164 30.42 0.31 23.34
N VAL G 165 29.46 -0.41 23.87
CA VAL G 165 28.11 -0.36 23.33
C VAL G 165 27.47 0.95 23.76
N LEU G 166 27.23 1.84 22.80
CA LEU G 166 26.62 3.13 23.08
C LEU G 166 25.22 2.96 23.61
N SER G 167 24.82 3.81 24.55
CA SER G 167 23.45 3.78 25.02
C SER G 167 22.51 4.11 23.86
N PRO G 168 21.30 3.56 23.86
CA PRO G 168 20.36 3.85 22.76
C PRO G 168 20.16 5.33 22.51
N ASP G 169 20.10 6.15 23.56
CA ASP G 169 20.07 7.59 23.35
C ASP G 169 21.35 8.05 22.66
N GLU G 170 22.49 7.48 23.02
CA GLU G 170 23.74 7.83 22.35
C GLU G 170 23.67 7.48 20.87
N ILE G 171 23.13 6.30 20.54
CA ILE G 171 23.00 5.91 19.14
C ILE G 171 22.07 6.86 18.40
N ASN G 172 21.00 7.27 19.08
CA ASN G 172 20.11 8.24 18.47
C ASN G 172 20.91 9.48 18.13
N THR G 173 21.69 9.96 19.09
CA THR G 173 22.48 11.16 18.86
C THR G 173 23.43 10.99 17.69
N ILE G 174 24.08 9.82 17.58
CA ILE G 174 24.94 9.58 16.42
C ILE G 174 24.13 9.74 15.14
N TYR G 175 22.90 9.23 15.13
CA TYR G 175 22.03 9.44 13.98
C TYR G 175 21.78 10.93 13.75
N LEU G 176 21.55 11.68 14.83
CA LEU G 176 21.28 13.10 14.71
C LEU G 176 22.51 13.90 14.27
N GLY G 177 23.70 13.30 14.29
CA GLY G 177 24.90 13.97 13.87
C GLY G 177 25.59 14.79 14.94
N GLY G 178 25.13 14.72 16.19
CA GLY G 178 25.76 15.44 17.27
C GLY G 178 27.19 15.00 17.49
N PRO G 179 27.84 15.57 18.50
CA PRO G 179 29.23 15.16 18.77
C PRO G 179 29.32 13.77 19.37
N PHE G 180 30.48 13.16 19.20
CA PHE G 180 30.77 11.85 19.78
C PHE G 180 32.27 11.66 19.80
N SER G 181 32.69 10.60 20.50
CA SER G 181 34.11 10.26 20.65
C SER G 181 34.33 8.82 20.24
N PRO G 182 34.37 8.55 18.92
CA PRO G 182 34.62 7.18 18.46
C PRO G 182 36.09 6.79 18.63
N ASN G 183 36.43 6.33 19.83
CA ASN G 183 37.83 6.05 20.15
C ASN G 183 38.46 5.09 19.14
N VAL G 184 37.76 3.99 18.83
CA VAL G 184 38.36 2.98 17.96
C VAL G 184 38.58 3.53 16.56
N LEU G 185 37.59 4.18 16.00
CA LEU G 185 37.76 4.80 14.69
C LEU G 185 36.72 5.89 14.68
N ASN G 186 37.05 7.06 14.16
CA ASN G 186 36.11 8.19 14.18
C ASN G 186 36.11 8.87 12.84
N TRP G 187 34.93 9.00 12.24
CA TRP G 187 34.82 9.65 10.95
C TRP G 187 35.40 11.06 10.98
N ARG G 188 35.08 11.81 12.05
CA ARG G 188 35.56 13.19 12.18
C ARG G 188 37.05 13.26 12.50
N ALA G 189 37.66 12.16 12.93
CA ALA G 189 39.08 12.07 13.22
C ALA G 189 39.66 10.82 12.60
N LEU G 190 39.39 10.64 11.31
CA LEU G 190 39.58 9.36 10.64
C LEU G 190 40.98 9.27 10.04
N LYS G 191 41.70 8.21 10.40
CA LYS G 191 42.97 7.87 9.77
C LYS G 191 42.71 6.78 8.74
N TYR G 192 43.04 7.07 7.49
CA TYR G 192 42.85 6.07 6.47
C TYR G 192 43.62 6.31 5.21
N GLU G 193 43.60 5.31 4.35
CA GLU G 193 44.25 5.36 3.06
C GLU G 193 43.29 4.75 2.05
N VAL G 194 43.40 5.18 0.79
CA VAL G 194 42.45 4.79 -0.25
C VAL G 194 43.19 4.03 -1.35
N GLN G 195 42.58 2.95 -1.82
CA GLN G 195 43.10 2.16 -2.92
C GLN G 195 41.99 1.94 -3.94
N GLY G 196 42.39 1.84 -5.20
CA GLY G 196 41.42 1.66 -6.27
C GLY G 196 40.85 2.98 -6.74
N GLU G 197 39.62 2.96 -7.24
CA GLU G 197 38.99 4.14 -7.83
C GLU G 197 38.03 4.82 -6.85
N VAL G 198 38.19 4.57 -5.54
CA VAL G 198 37.36 5.24 -4.56
C VAL G 198 37.77 6.70 -4.44
N PHE G 199 36.83 7.61 -4.62
CA PHE G 199 37.08 9.02 -4.38
C PHE G 199 36.59 9.39 -2.98
N THR G 200 36.44 10.69 -2.72
CA THR G 200 35.85 11.14 -1.47
C THR G 200 35.34 12.56 -1.69
N LYS G 201 34.06 12.79 -1.44
CA LYS G 201 33.43 14.07 -1.69
C LYS G 201 32.23 14.21 -0.77
N PRO G 202 31.75 15.45 -0.57
CA PRO G 202 30.63 15.69 0.35
C PRO G 202 29.45 14.72 0.43
N GLN G 203 29.23 14.14 1.59
CA GLN G 203 28.16 13.16 1.77
C GLN G 203 26.76 13.63 1.37
N LEU G 204 26.03 12.74 0.68
CA LEU G 204 24.70 13.11 0.22
C LEU G 204 23.72 13.23 1.39
N TRP G 205 23.76 12.28 2.31
CA TRP G 205 22.75 12.24 3.36
C TRP G 205 22.87 13.48 4.25
N PRO G 206 21.76 13.91 4.88
CA PRO G 206 21.77 15.11 5.72
C PRO G 206 22.82 15.04 6.83
N HIS H 3 34.43 -35.37 1.81
CA HIS H 3 34.43 -35.90 3.17
C HIS H 3 33.38 -35.20 4.01
N VAL H 4 32.93 -34.03 3.54
CA VAL H 4 31.99 -33.23 4.31
C VAL H 4 30.69 -34.00 4.53
N GLN H 5 30.10 -34.50 3.44
CA GLN H 5 28.95 -35.41 3.49
C GLN H 5 27.78 -34.95 4.37
N LEU H 6 27.30 -33.75 4.06
CA LEU H 6 26.18 -33.20 4.82
C LEU H 6 25.17 -34.32 4.94
N VAL H 7 24.79 -34.62 6.17
CA VAL H 7 23.74 -35.60 6.41
C VAL H 7 22.43 -35.11 5.83
N GLU H 8 21.82 -35.95 5.03
CA GLU H 8 20.53 -35.62 4.43
C GLU H 8 19.70 -36.79 4.97
N SER H 9 18.84 -36.51 5.93
CA SER H 9 17.90 -37.50 6.44
C SER H 9 16.76 -36.74 7.10
N GLY H 10 15.82 -37.49 7.70
CA GLY H 10 14.59 -36.91 8.17
C GLY H 10 13.62 -36.57 7.05
N GLY H 11 13.55 -37.41 6.02
CA GLY H 11 12.63 -37.18 4.93
C GLY H 11 11.64 -38.32 4.78
N GLY H 12 10.84 -38.29 3.73
CA GLY H 12 9.87 -39.35 3.51
C GLY H 12 8.54 -38.86 2.99
N LEU H 13 7.48 -39.61 3.28
CA LEU H 13 6.13 -39.30 2.80
C LEU H 13 5.32 -38.74 3.96
N VAL H 14 4.64 -37.62 3.71
CA VAL H 14 3.79 -37.00 4.71
C VAL H 14 2.58 -36.40 3.99
N GLN H 15 1.41 -36.51 4.61
CA GLN H 15 0.21 -35.94 4.01
C GLN H 15 0.29 -34.42 4.10
N ALA H 16 -0.32 -33.76 3.14
CA ALA H 16 -0.06 -32.34 2.91
C ALA H 16 -0.43 -31.49 4.12
N GLY H 17 0.46 -30.56 4.47
CA GLY H 17 0.25 -29.74 5.65
C GLY H 17 0.68 -30.39 6.95
N GLY H 18 1.42 -31.49 6.87
CA GLY H 18 1.93 -32.16 8.06
C GLY H 18 3.26 -31.58 8.49
N SER H 19 3.89 -32.34 9.38
CA SER H 19 5.17 -31.95 9.91
C SER H 19 6.21 -33.05 9.73
N LEU H 20 7.44 -32.68 9.36
CA LEU H 20 8.49 -33.66 9.17
C LEU H 20 9.82 -33.00 9.54
N ARG H 21 10.66 -33.74 10.24
CA ARG H 21 11.92 -33.21 10.76
C ARG H 21 13.06 -33.64 9.84
N LEU H 22 13.61 -32.68 9.13
CA LEU H 22 14.75 -32.96 8.27
C LEU H 22 16.03 -32.75 9.04
N SER H 23 16.95 -33.69 8.95
CA SER H 23 18.22 -33.61 9.65
C SER H 23 19.31 -33.05 8.76
N CYS H 24 20.31 -32.43 9.38
CA CYS H 24 21.46 -31.90 8.64
C CYS H 24 22.70 -32.00 9.51
N ALA H 25 23.30 -33.18 9.61
CA ALA H 25 24.47 -33.39 10.44
C ALA H 25 25.74 -33.11 9.64
N ALA H 26 26.75 -32.57 10.33
CA ALA H 26 27.99 -32.18 9.70
C ALA H 26 29.14 -32.96 10.32
N SER H 27 30.02 -33.47 9.46
CA SER H 27 31.29 -34.00 9.94
C SER H 27 32.04 -32.91 10.69
N ARG H 28 32.78 -33.32 11.72
CA ARG H 28 33.45 -32.36 12.58
C ARG H 28 32.46 -31.28 13.02
N ASP H 29 32.92 -30.04 13.11
CA ASP H 29 32.09 -28.91 13.49
C ASP H 29 31.86 -27.90 12.37
N ILE H 30 32.11 -28.31 11.13
CA ILE H 30 32.03 -27.36 10.01
C ILE H 30 30.87 -26.37 9.98
N PHE H 31 29.65 -26.79 10.27
CA PHE H 31 28.54 -25.87 10.12
C PHE H 31 28.69 -24.64 11.02
N SER H 32 29.58 -24.71 12.03
CA SER H 32 29.82 -23.56 12.87
C SER H 32 30.17 -22.33 12.04
N ARG H 33 31.08 -22.50 11.06
CA ARG H 33 31.44 -21.39 10.19
C ARG H 33 30.49 -21.26 9.00
N TYR H 34 29.94 -22.37 8.52
CA TYR H 34 28.99 -22.31 7.41
C TYR H 34 27.66 -21.72 7.85
N THR H 35 27.07 -20.91 6.98
CA THR H 35 25.67 -20.49 7.09
C THR H 35 24.84 -21.49 6.30
N VAL H 36 24.39 -22.55 6.99
CA VAL H 36 23.76 -23.67 6.30
C VAL H 36 22.33 -23.39 5.86
N GLY H 37 21.96 -24.01 4.73
CA GLY H 37 20.70 -23.72 4.08
C GLY H 37 20.05 -24.91 3.41
N TRP H 38 18.72 -24.94 3.46
CA TRP H 38 17.93 -25.97 2.80
C TRP H 38 17.47 -25.45 1.45
N TYR H 39 17.76 -26.23 0.40
CA TYR H 39 17.36 -25.94 -0.97
C TYR H 39 16.30 -26.95 -1.38
N ARG H 40 15.33 -26.53 -2.19
CA ARG H 40 14.32 -27.44 -2.72
C ARG H 40 14.61 -27.69 -4.20
N GLN H 41 15.12 -28.87 -4.50
CA GLN H 41 15.39 -29.25 -5.89
C GLN H 41 14.21 -30.08 -6.39
N ALA H 42 13.05 -29.47 -6.45
CA ALA H 42 11.84 -30.17 -6.86
C ALA H 42 11.98 -30.64 -8.30
N PRO H 43 11.31 -31.73 -8.67
CA PRO H 43 11.44 -32.24 -10.03
C PRO H 43 11.01 -31.19 -11.05
N GLY H 44 11.85 -31.00 -12.06
CA GLY H 44 11.60 -29.97 -13.06
C GLY H 44 11.75 -28.57 -12.50
N LYS H 45 12.14 -28.52 -11.22
CA LYS H 45 12.33 -27.24 -10.54
C LYS H 45 13.78 -26.91 -10.29
N GLN H 46 14.04 -25.82 -9.62
CA GLN H 46 15.39 -25.29 -9.50
C GLN H 46 16.07 -25.84 -8.24
N ARG H 47 17.33 -25.46 -8.05
CA ARG H 47 18.03 -25.71 -6.80
C ARG H 47 17.85 -24.54 -5.85
N ASP H 48 16.59 -24.13 -5.70
CA ASP H 48 16.29 -22.96 -4.88
C ASP H 48 16.27 -23.25 -3.39
N LEU H 49 16.75 -22.30 -2.62
CA LEU H 49 16.82 -22.46 -1.17
C LEU H 49 15.43 -22.30 -0.55
N VAL H 50 14.95 -23.36 0.10
CA VAL H 50 13.72 -23.21 0.87
C VAL H 50 13.96 -22.27 2.04
N ALA H 51 15.11 -22.38 2.69
CA ALA H 51 15.40 -21.51 3.83
C ALA H 51 16.90 -21.54 4.10
N LEU H 52 17.32 -20.75 5.08
CA LEU H 52 18.72 -20.70 5.48
C LEU H 52 18.80 -20.19 6.91
N ILE H 53 19.95 -20.48 7.55
CA ILE H 53 20.19 -20.01 8.93
C ILE H 53 21.62 -19.52 9.09
N THR H 54 21.76 -18.36 9.72
CA THR H 54 23.07 -17.78 9.95
C THR H 54 23.86 -18.51 11.01
N ASN H 55 25.17 -18.26 11.05
CA ASN H 55 26.02 -18.87 12.06
C ASN H 55 25.52 -18.52 13.46
N GLY H 56 25.18 -17.25 13.69
CA GLY H 56 24.74 -16.85 15.00
C GLY H 56 23.46 -17.55 15.44
N GLY H 57 22.55 -17.78 14.50
CA GLY H 57 21.32 -18.46 14.83
C GLY H 57 20.11 -17.90 14.11
N SER H 58 20.21 -16.66 13.64
CA SER H 58 19.11 -16.06 12.90
C SER H 58 18.86 -16.84 11.61
N THR H 59 17.60 -16.86 11.19
CA THR H 59 17.17 -17.67 10.07
C THR H 59 16.25 -16.85 9.16
N HIS H 60 16.19 -17.27 7.91
CA HIS H 60 15.24 -16.70 6.95
C HIS H 60 14.60 -17.81 6.13
N TYR H 61 13.36 -17.59 5.75
CA TYR H 61 12.59 -18.53 4.94
C TYR H 61 12.00 -17.76 3.76
N VAL H 62 12.14 -18.32 2.57
CA VAL H 62 11.59 -17.66 1.38
C VAL H 62 10.09 -17.44 1.48
N ASP H 63 9.60 -16.40 0.85
CA ASP H 63 8.18 -16.06 0.91
C ASP H 63 7.28 -17.28 0.75
N SER H 64 7.60 -18.14 -0.23
CA SER H 64 6.81 -19.35 -0.45
C SER H 64 6.82 -20.27 0.75
N VAL H 65 7.81 -20.14 1.65
CA VAL H 65 7.93 -21.01 2.81
C VAL H 65 7.72 -20.27 4.11
N LYS H 66 7.32 -19.00 4.05
CA LYS H 66 7.14 -18.20 5.26
C LYS H 66 6.26 -18.92 6.27
N GLY H 67 6.84 -19.23 7.44
CA GLY H 67 6.11 -19.90 8.48
C GLY H 67 5.95 -21.38 8.21
N ARG H 68 6.07 -21.76 6.95
CA ARG H 68 5.89 -23.17 6.57
C ARG H 68 6.86 -24.07 7.33
N PHE H 69 8.13 -23.67 7.34
CA PHE H 69 9.13 -24.44 8.06
C PHE H 69 9.94 -23.57 8.99
N THR H 70 10.66 -24.25 9.89
CA THR H 70 11.51 -23.57 10.86
C THR H 70 12.86 -24.28 10.90
N ILE H 71 13.92 -23.57 10.50
CA ILE H 71 15.26 -24.14 10.53
C ILE H 71 16.00 -23.65 11.76
N SER H 72 16.60 -24.56 12.51
CA SER H 72 17.34 -24.24 13.71
C SER H 72 18.70 -24.91 13.66
N ARG H 73 19.68 -24.30 14.33
CA ARG H 73 21.03 -24.83 14.36
C ARG H 73 21.28 -25.71 15.57
N ASP H 74 21.53 -26.99 15.33
CA ASP H 74 21.83 -27.92 16.41
C ASP H 74 23.34 -28.00 16.52
N ASN H 75 23.92 -27.08 17.29
CA ASN H 75 25.36 -27.03 17.47
C ASN H 75 25.90 -28.17 18.34
N ALA H 76 25.02 -28.90 19.02
CA ALA H 76 25.49 -29.99 19.86
C ALA H 76 26.22 -31.05 19.05
N LYS H 77 25.67 -31.41 17.89
CA LYS H 77 26.31 -32.41 17.03
C LYS H 77 26.43 -31.96 15.57
N ASN H 78 26.19 -30.69 15.27
CA ASN H 78 26.19 -30.15 13.91
C ASN H 78 24.95 -30.56 13.13
N THR H 79 24.02 -31.11 13.91
CA THR H 79 22.80 -31.60 13.33
C THR H 79 21.69 -30.52 13.20
N VAL H 80 21.93 -29.50 12.39
CA VAL H 80 20.91 -28.47 12.21
C VAL H 80 19.62 -29.13 11.78
N TYR H 81 18.52 -28.76 12.44
CA TYR H 81 17.25 -29.43 12.25
C TYR H 81 16.34 -28.50 11.46
N LEU H 82 15.41 -29.08 10.71
CA LEU H 82 14.42 -28.32 9.95
C LEU H 82 13.04 -28.94 10.18
N GLN H 83 12.20 -28.23 10.92
CA GLN H 83 10.85 -28.70 11.12
C GLN H 83 9.95 -28.15 10.04
N MET H 84 9.37 -29.05 9.28
CA MET H 84 8.45 -28.65 8.21
C MET H 84 7.02 -28.80 8.70
N ASN H 85 6.30 -27.70 8.70
CA ASN H 85 4.92 -27.73 9.09
C ASN H 85 4.08 -27.29 7.91
N SER H 86 2.80 -27.63 7.93
CA SER H 86 1.90 -27.27 6.83
C SER H 86 2.43 -27.51 5.42
N LEU H 87 2.93 -28.72 5.20
CA LEU H 87 3.58 -29.05 3.94
C LEU H 87 2.54 -29.11 2.84
N LYS H 88 2.56 -28.10 1.98
CA LYS H 88 1.67 -28.11 0.84
C LYS H 88 2.31 -28.96 -0.23
N SER H 89 1.59 -29.21 -1.32
CA SER H 89 2.07 -30.14 -2.35
C SER H 89 3.34 -29.62 -3.02
N GLU H 90 3.40 -28.33 -3.28
CA GLU H 90 4.59 -27.76 -3.88
C GLU H 90 5.82 -28.23 -3.13
N ASP H 91 5.75 -28.22 -1.81
CA ASP H 91 6.87 -28.63 -0.98
C ASP H 91 7.42 -29.99 -1.42
N THR H 92 6.57 -30.87 -1.93
CA THR H 92 7.05 -32.16 -2.42
C THR H 92 8.24 -31.96 -3.34
N ALA H 93 9.40 -32.46 -2.92
CA ALA H 93 10.64 -32.30 -3.67
C ALA H 93 11.75 -33.00 -2.90
N ILE H 94 12.93 -33.02 -3.49
CA ILE H 94 14.13 -33.47 -2.79
C ILE H 94 14.80 -32.24 -2.20
N TYR H 95 14.99 -32.24 -0.89
CA TYR H 95 15.59 -31.11 -0.18
C TYR H 95 17.08 -31.38 0.00
N TYR H 96 17.89 -30.50 -0.59
CA TYR H 96 19.35 -30.57 -0.47
C TYR H 96 19.76 -29.64 0.67
N CYS H 97 20.27 -30.23 1.74
CA CYS H 97 20.79 -29.46 2.87
C CYS H 97 22.25 -29.16 2.60
N ASN H 98 22.54 -27.95 2.12
CA ASN H 98 23.90 -27.59 1.79
C ASN H 98 24.48 -26.61 2.81
N ALA H 99 25.81 -26.49 2.78
CA ALA H 99 26.54 -25.63 3.72
C ALA H 99 27.51 -24.78 2.94
N PHE H 100 27.09 -23.56 2.61
CA PHE H 100 28.00 -22.52 2.17
C PHE H 100 28.52 -21.77 3.39
N ARG H 101 29.52 -20.90 3.19
CA ARG H 101 30.22 -20.37 4.34
C ARG H 101 29.66 -19.15 5.07
N ALA H 102 29.31 -18.10 4.33
CA ALA H 102 28.70 -16.91 4.92
C ALA H 102 27.30 -16.68 4.33
N SER H 103 26.56 -15.76 4.95
CA SER H 103 25.16 -15.58 4.60
C SER H 103 24.95 -14.84 3.29
N PHE H 104 25.82 -13.87 2.98
CA PHE H 104 25.67 -13.12 1.74
C PHE H 104 25.80 -14.03 0.53
N ASP H 105 26.74 -14.96 0.56
CA ASP H 105 27.03 -15.82 -0.60
C ASP H 105 26.15 -17.05 -0.58
N ARG H 106 24.86 -16.83 -0.88
CA ARG H 106 23.92 -17.93 -0.96
C ARG H 106 24.27 -18.86 -2.13
N THR H 107 24.60 -18.29 -3.28
CA THR H 107 24.85 -19.11 -4.47
C THR H 107 25.94 -20.13 -4.26
N PRO H 108 27.10 -19.80 -3.70
CA PRO H 108 28.13 -20.83 -3.48
C PRO H 108 27.64 -21.90 -2.53
N LEU H 109 28.08 -23.13 -2.78
CA LEU H 109 27.70 -24.27 -1.95
C LEU H 109 28.86 -25.05 -1.38
N TYR H 110 30.05 -24.99 -1.98
CA TYR H 110 31.18 -25.78 -1.50
C TYR H 110 30.76 -27.23 -1.31
N SER H 111 30.85 -27.73 -0.08
CA SER H 111 30.48 -29.11 0.20
C SER H 111 29.08 -29.39 -0.30
N TRP H 112 28.92 -30.52 -1.00
CA TRP H 112 27.65 -30.95 -1.55
C TRP H 112 27.29 -32.32 -0.99
N GLY H 113 25.98 -32.56 -0.84
CA GLY H 113 25.51 -33.81 -0.29
C GLY H 113 24.67 -34.62 -1.26
N GLN H 114 23.64 -35.30 -0.74
CA GLN H 114 22.76 -36.15 -1.53
C GLN H 114 21.29 -35.75 -1.42
N GLY H 115 20.89 -35.11 -0.32
CA GLY H 115 19.53 -34.66 -0.15
C GLY H 115 18.63 -35.70 0.48
N THR H 116 17.41 -35.27 0.80
CA THR H 116 16.40 -36.15 1.36
C THR H 116 15.07 -35.91 0.64
N LEU H 117 14.41 -36.99 0.28
CA LEU H 117 13.14 -36.87 -0.43
C LEU H 117 12.04 -36.40 0.50
N VAL H 118 11.02 -35.78 -0.10
CA VAL H 118 9.86 -35.30 0.64
C VAL H 118 8.72 -35.53 -0.33
N THR H 119 7.66 -36.20 0.14
CA THR H 119 6.47 -36.39 -0.67
C THR H 119 5.24 -35.89 0.06
N VAL H 120 4.71 -34.76 -0.39
CA VAL H 120 3.51 -34.22 0.22
C VAL H 120 2.30 -34.82 -0.48
N SER H 121 1.55 -35.63 0.23
CA SER H 121 0.40 -36.32 -0.33
C SER H 121 -0.90 -35.60 0.03
N GLN I 1 15.73 -5.00 44.78
CA GLN I 1 14.91 -3.82 44.34
C GLN I 1 15.78 -2.86 43.54
N THR I 2 15.68 -2.97 42.22
CA THR I 2 16.50 -2.19 41.30
C THR I 2 15.61 -1.39 40.36
N ASP I 3 16.08 -0.19 40.02
CA ASP I 3 15.36 0.64 39.09
C ASP I 3 15.82 0.27 37.70
N MET I 4 14.89 -0.13 36.86
CA MET I 4 15.20 -0.57 35.51
C MET I 4 14.85 0.49 34.46
N SER I 5 14.55 1.70 34.87
CA SER I 5 14.21 2.75 33.92
C SER I 5 15.35 2.94 32.92
N ARG I 6 14.99 3.12 31.65
CA ARG I 6 15.97 3.23 30.58
C ARG I 6 16.81 1.97 30.46
N LYS I 7 16.24 0.83 30.86
CA LYS I 7 16.92 -0.45 30.74
C LYS I 7 15.90 -1.54 30.45
N ALA I 8 16.35 -2.58 29.76
CA ALA I 8 15.49 -3.66 29.33
C ALA I 8 16.20 -4.99 29.51
N PHE I 9 15.39 -6.04 29.63
CA PHE I 9 15.92 -7.38 29.85
C PHE I 9 16.31 -8.00 28.52
N VAL I 10 17.57 -8.41 28.44
CA VAL I 10 18.15 -8.92 27.21
C VAL I 10 17.74 -10.38 27.04
N PHE I 11 16.90 -10.65 26.03
CA PHE I 11 16.41 -11.99 25.73
C PHE I 11 16.96 -12.32 24.36
N PRO I 12 18.12 -12.83 24.19
CA PRO I 12 18.66 -13.03 22.82
C PRO I 12 18.63 -14.47 22.32
N LYS I 13 18.30 -15.47 23.18
CA LYS I 13 18.30 -16.86 22.74
C LYS I 13 16.94 -17.50 23.01
N GLU I 14 16.47 -18.28 22.04
CA GLU I 14 15.33 -19.16 22.29
C GLU I 14 15.78 -20.32 23.16
N SER I 15 15.12 -20.49 24.31
CA SER I 15 15.50 -21.54 25.24
C SER I 15 14.45 -21.62 26.34
N ASP I 16 14.45 -22.75 27.04
CA ASP I 16 13.61 -22.95 28.21
C ASP I 16 14.30 -22.53 29.50
N THR I 17 15.51 -21.97 29.43
CA THR I 17 16.23 -21.50 30.60
C THR I 17 16.18 -19.99 30.76
N SER I 18 16.24 -19.25 29.66
CA SER I 18 16.23 -17.79 29.72
C SER I 18 14.91 -17.36 30.32
N TYR I 19 14.96 -16.66 31.45
CA TYR I 19 13.76 -16.09 32.06
C TYR I 19 14.18 -15.17 33.20
N VAL I 20 13.19 -14.47 33.76
CA VAL I 20 13.43 -13.54 34.85
C VAL I 20 12.18 -13.69 35.73
N SER I 21 12.38 -14.14 36.96
CA SER I 21 11.31 -14.18 37.96
C SER I 21 11.19 -12.81 38.61
N LEU I 22 10.09 -12.10 38.32
CA LEU I 22 9.87 -10.77 38.86
C LEU I 22 9.06 -10.89 40.15
N LYS I 23 9.69 -10.55 41.27
CA LYS I 23 9.00 -10.55 42.55
C LYS I 23 7.98 -9.41 42.60
N ALA I 24 6.96 -9.59 43.45
CA ALA I 24 5.93 -8.59 43.63
C ALA I 24 5.42 -8.67 45.05
N PRO I 25 5.19 -7.53 45.71
CA PRO I 25 4.65 -7.55 47.07
C PRO I 25 3.17 -7.89 47.14
N LEU I 26 2.53 -8.12 46.00
CA LEU I 26 1.11 -8.40 45.95
C LEU I 26 0.72 -9.48 46.96
N THR I 27 -0.30 -9.19 47.75
CA THR I 27 -0.79 -10.10 48.79
C THR I 27 -2.26 -10.44 48.64
N LYS I 28 -3.11 -9.47 48.25
CA LYS I 28 -4.53 -9.73 48.07
C LYS I 28 -4.80 -10.19 46.64
N PRO I 29 -5.50 -11.30 46.42
CA PRO I 29 -5.76 -11.73 45.04
C PRO I 29 -6.40 -10.61 44.24
N LEU I 30 -5.81 -10.31 43.09
CA LEU I 30 -6.17 -9.11 42.34
C LEU I 30 -7.54 -9.29 41.71
N LYS I 31 -8.50 -8.43 42.12
CA LYS I 31 -9.77 -8.32 41.43
C LYS I 31 -9.71 -7.37 40.25
N ALA I 32 -8.57 -6.71 40.05
CA ALA I 32 -8.40 -5.76 38.95
C ALA I 32 -6.92 -5.45 38.85
N PHE I 33 -6.44 -5.24 37.62
CA PHE I 33 -5.03 -4.99 37.42
C PHE I 33 -4.81 -4.41 36.03
N THR I 34 -3.54 -3.97 35.84
CA THR I 34 -3.12 -3.50 34.54
C THR I 34 -1.62 -3.71 34.40
N VAL I 35 -1.19 -4.48 33.35
CA VAL I 35 0.23 -4.62 33.07
C VAL I 35 0.56 -3.84 31.81
N CYS I 36 1.51 -2.93 31.93
CA CYS I 36 2.08 -2.17 30.82
C CYS I 36 3.53 -2.57 30.64
N LEU I 37 3.93 -2.78 29.39
CA LEU I 37 5.32 -3.13 29.14
C LEU I 37 5.67 -2.80 27.70
N HIS I 38 6.86 -2.27 27.51
CA HIS I 38 7.38 -1.95 26.18
C HIS I 38 8.36 -3.04 25.81
N PHE I 39 7.98 -3.89 24.85
CA PHE I 39 8.82 -4.98 24.41
C PHE I 39 9.08 -4.85 22.92
N TYR I 40 9.98 -5.69 22.43
CA TYR I 40 10.35 -5.64 21.03
C TYR I 40 11.02 -6.96 20.64
N THR I 41 10.55 -7.57 19.57
CA THR I 41 11.10 -8.83 19.08
C THR I 41 10.64 -9.01 17.65
N GLU I 42 11.44 -9.76 16.89
CA GLU I 42 11.11 -10.01 15.50
C GLU I 42 10.57 -11.42 15.34
N LEU I 43 10.36 -12.15 16.44
CA LEU I 43 9.73 -13.45 16.28
C LEU I 43 8.28 -13.34 15.82
N SER I 44 7.72 -12.14 15.80
CA SER I 44 6.33 -11.97 15.40
C SER I 44 6.06 -12.66 14.07
N SER I 45 7.04 -12.64 13.17
CA SER I 45 6.93 -13.26 11.86
C SER I 45 7.64 -14.61 11.77
N THR I 46 8.04 -15.19 12.90
CA THR I 46 8.62 -16.53 12.90
C THR I 46 7.84 -17.48 13.78
N ARG I 47 7.38 -17.00 14.94
CA ARG I 47 6.58 -17.83 15.84
C ARG I 47 6.06 -16.95 16.97
N GLY I 48 5.26 -17.55 17.83
CA GLY I 48 4.75 -16.85 18.98
C GLY I 48 5.77 -16.77 20.10
N TYR I 49 5.44 -15.96 21.12
CA TYR I 49 6.36 -15.79 22.23
C TYR I 49 5.58 -15.32 23.44
N SER I 50 6.08 -15.67 24.63
CA SER I 50 5.46 -15.21 25.86
C SER I 50 5.92 -13.79 26.12
N ILE I 51 5.05 -12.81 25.84
CA ILE I 51 5.37 -11.40 26.07
C ILE I 51 5.43 -11.13 27.55
N PHE I 52 4.49 -11.70 28.30
CA PHE I 52 4.50 -11.55 29.75
C PHE I 52 3.75 -12.73 30.34
N SER I 53 4.30 -13.30 31.42
CA SER I 53 3.74 -14.50 32.04
C SER I 53 3.53 -14.28 33.53
N TYR I 54 2.42 -14.83 34.04
CA TYR I 54 1.99 -14.68 35.41
C TYR I 54 1.31 -15.98 35.82
N ALA I 55 1.91 -16.71 36.75
CA ALA I 55 1.42 -18.02 37.14
C ALA I 55 0.91 -18.00 38.57
N THR I 56 0.14 -19.05 38.88
CA THR I 56 -0.35 -19.30 40.22
C THR I 56 -0.29 -20.81 40.49
N LYS I 57 -0.40 -21.20 41.75
CA LYS I 57 -0.30 -22.61 42.07
C LYS I 57 -1.49 -23.35 41.48
N ARG I 58 -2.58 -22.64 41.20
CA ARG I 58 -3.73 -23.23 40.53
C ARG I 58 -3.69 -23.08 39.03
N GLN I 59 -3.25 -21.92 38.53
CA GLN I 59 -3.23 -21.63 37.10
C GLN I 59 -1.81 -21.30 36.67
N ASP I 60 -1.34 -21.99 35.64
CA ASP I 60 -0.01 -21.71 35.10
C ASP I 60 0.01 -20.39 34.34
N ASN I 61 -1.05 -20.05 33.62
CA ASN I 61 -1.11 -18.79 32.87
C ASN I 61 -2.16 -17.88 33.46
N GLU I 62 -2.09 -17.69 34.76
CA GLU I 62 -3.03 -16.81 35.43
C GLU I 62 -3.15 -15.46 34.73
N ILE I 63 -2.07 -14.90 34.22
CA ILE I 63 -2.15 -13.68 33.43
C ILE I 63 -1.02 -13.79 32.42
N LEU I 64 -1.33 -13.84 31.16
CA LEU I 64 -0.31 -14.04 30.15
C LEU I 64 -0.56 -13.41 28.82
N ILE I 65 0.33 -12.49 28.44
CA ILE I 65 0.26 -11.85 27.13
C ILE I 65 1.19 -12.64 26.26
N PHE I 66 0.73 -13.09 25.09
CA PHE I 66 1.50 -13.95 24.22
C PHE I 66 1.26 -13.51 22.79
N TRP I 67 2.25 -13.75 21.94
CA TRP I 67 2.08 -13.46 20.52
C TRP I 67 1.45 -14.67 19.86
N SER I 68 0.16 -14.56 19.54
CA SER I 68 -0.46 -15.62 18.78
C SER I 68 0.17 -15.46 17.41
N LYS I 69 0.88 -16.48 16.97
CA LYS I 69 1.65 -16.43 15.73
C LYS I 69 0.64 -16.16 14.61
N ASP I 70 0.85 -15.26 13.76
CA ASP I 70 -0.07 -15.01 12.65
C ASP I 70 -1.47 -14.55 13.14
N ILE I 71 -1.65 -14.16 14.40
CA ILE I 71 -2.96 -13.57 14.80
C ILE I 71 -2.87 -12.41 15.82
N GLY I 72 -1.68 -12.03 16.29
CA GLY I 72 -1.58 -10.86 17.14
C GLY I 72 -1.28 -11.15 18.60
N TYR I 73 -2.06 -10.59 19.52
CA TYR I 73 -1.78 -10.71 20.95
C TYR I 73 -2.89 -11.52 21.63
N SER I 74 -2.57 -12.73 22.04
CA SER I 74 -3.47 -13.53 22.87
C SER I 74 -3.22 -13.17 24.33
N PHE I 75 -4.22 -12.57 24.98
CA PHE I 75 -4.13 -12.20 26.38
C PHE I 75 -5.07 -13.10 27.17
N THR I 76 -4.51 -13.69 28.22
CA THR I 76 -5.24 -14.65 29.02
C THR I 76 -5.26 -14.30 30.48
N VAL I 77 -6.40 -14.59 31.12
CA VAL I 77 -6.55 -14.33 32.55
C VAL I 77 -7.13 -15.59 33.19
N GLY I 78 -6.51 -16.11 34.24
CA GLY I 78 -7.09 -17.24 34.95
C GLY I 78 -7.34 -18.44 34.06
N GLY I 79 -6.43 -18.74 33.16
CA GLY I 79 -6.63 -19.82 32.21
C GLY I 79 -7.45 -19.43 31.00
N SER I 80 -8.57 -18.76 31.20
CA SER I 80 -9.37 -18.31 30.07
C SER I 80 -8.58 -17.30 29.25
N GLU I 81 -8.91 -17.20 27.97
CA GLU I 81 -8.07 -16.47 27.04
C GLU I 81 -8.91 -15.78 25.98
N ILE I 82 -8.43 -14.59 25.60
CA ILE I 82 -9.07 -13.80 24.56
C ILE I 82 -7.95 -13.42 23.59
N LEU I 83 -8.27 -12.89 22.41
CA LEU I 83 -7.27 -12.63 21.39
C LEU I 83 -7.55 -11.31 20.70
N PHE I 84 -6.52 -10.47 20.63
CA PHE I 84 -6.52 -9.20 19.91
C PHE I 84 -5.80 -9.41 18.59
N GLU I 85 -6.70 -9.19 17.49
CA GLU I 85 -6.18 -9.34 16.14
C GLU I 85 -5.24 -8.24 15.71
N VAL I 86 -3.91 -8.69 15.38
CA VAL I 86 -3.03 -7.66 14.87
C VAL I 86 -2.99 -7.79 13.35
N PRO I 87 -3.57 -6.85 12.60
CA PRO I 87 -3.64 -7.03 11.14
C PRO I 87 -2.28 -7.18 10.49
N GLU I 88 -1.29 -6.48 11.03
CA GLU I 88 0.05 -6.54 10.48
C GLU I 88 0.97 -6.18 11.62
N VAL I 89 2.02 -6.96 11.80
CA VAL I 89 2.95 -6.73 12.89
C VAL I 89 4.21 -6.14 12.26
N THR I 90 4.62 -4.98 12.75
CA THR I 90 5.80 -4.30 12.26
C THR I 90 7.00 -4.63 13.13
N VAL I 91 8.19 -4.60 12.52
CA VAL I 91 9.44 -4.78 13.25
C VAL I 91 9.61 -3.39 13.85
N ALA I 92 9.28 -3.26 15.13
CA ALA I 92 9.46 -2.02 15.86
C ALA I 92 9.01 -2.22 17.31
N PRO I 93 9.67 -1.60 18.28
CA PRO I 93 9.25 -1.78 19.67
C PRO I 93 7.81 -1.31 19.86
N VAL I 94 7.08 -2.09 20.67
CA VAL I 94 5.69 -1.80 20.93
C VAL I 94 5.42 -1.80 22.42
N HIS I 95 4.58 -0.89 22.86
CA HIS I 95 4.24 -0.75 24.27
C HIS I 95 2.81 -1.24 24.46
N ILE I 96 2.67 -2.40 25.09
CA ILE I 96 1.35 -2.99 25.31
C ILE I 96 0.89 -2.63 26.71
N CYS I 97 -0.43 -2.67 26.90
CA CYS I 97 -1.04 -2.34 28.20
C CYS I 97 -2.35 -3.10 28.18
N THR I 98 -2.48 -4.12 29.04
CA THR I 98 -3.74 -4.83 29.22
C THR I 98 -4.28 -4.62 30.63
N SER I 99 -5.60 -4.50 30.73
CA SER I 99 -6.27 -3.96 31.91
C SER I 99 -7.48 -4.83 32.31
N TRP I 100 -7.29 -6.14 32.39
CA TRP I 100 -8.36 -7.01 32.85
C TRP I 100 -8.89 -6.63 34.23
N GLU I 101 -10.19 -6.84 34.42
CA GLU I 101 -10.82 -6.50 35.69
C GLU I 101 -11.72 -7.66 36.07
N SER I 102 -11.95 -7.84 37.38
CA SER I 102 -12.80 -8.93 37.90
C SER I 102 -14.22 -8.57 38.18
N ALA I 103 -14.77 -7.63 37.46
CA ALA I 103 -16.17 -7.36 37.70
C ALA I 103 -16.82 -7.38 36.39
N SER I 104 -16.27 -6.63 35.46
CA SER I 104 -16.83 -6.56 34.13
C SER I 104 -15.97 -7.37 33.16
N GLY I 105 -14.91 -8.00 33.67
CA GLY I 105 -14.02 -8.78 32.82
C GLY I 105 -13.44 -7.91 31.73
N ILE I 106 -13.38 -6.60 31.97
CA ILE I 106 -12.94 -5.70 30.90
C ILE I 106 -11.46 -5.58 30.75
N VAL I 107 -10.99 -5.51 29.51
CA VAL I 107 -9.56 -5.50 29.20
C VAL I 107 -9.33 -4.37 28.22
N GLU I 108 -8.72 -3.28 28.68
CA GLU I 108 -8.27 -2.19 27.81
C GLU I 108 -6.86 -2.52 27.37
N PHE I 109 -6.72 -3.27 26.28
CA PHE I 109 -5.39 -3.70 25.85
C PHE I 109 -4.77 -2.61 24.98
N TRP I 110 -4.30 -1.56 25.62
CA TRP I 110 -3.64 -0.50 24.85
C TRP I 110 -2.35 -1.02 24.26
N VAL I 111 -2.20 -0.86 22.94
CA VAL I 111 -1.05 -1.35 22.19
C VAL I 111 -0.39 -0.17 21.51
N ASP I 112 0.93 -0.05 21.66
CA ASP I 112 1.69 1.02 21.01
C ASP I 112 1.07 2.38 21.30
N GLY I 113 0.47 2.52 22.48
CA GLY I 113 -0.22 3.75 22.84
C GLY I 113 -1.63 3.86 22.30
N LYS I 114 -2.03 2.97 21.39
CA LYS I 114 -3.39 2.98 20.86
C LYS I 114 -4.24 1.93 21.57
N PRO I 115 -5.55 2.12 21.64
CA PRO I 115 -6.41 1.17 22.36
C PRO I 115 -6.86 0.01 21.50
N ARG I 116 -6.98 -1.14 22.14
CA ARG I 116 -7.72 -2.28 21.60
C ARG I 116 -9.08 -2.35 22.28
N VAL I 117 -10.11 -2.56 21.49
CA VAL I 117 -11.47 -2.56 22.02
C VAL I 117 -11.71 -3.48 23.20
N ARG I 118 -12.31 -2.93 24.24
CA ARG I 118 -12.56 -3.70 25.44
C ARG I 118 -13.36 -4.95 25.12
N LYS I 119 -12.95 -6.08 25.70
CA LYS I 119 -13.63 -7.35 25.50
C LYS I 119 -13.62 -8.11 26.81
N SER I 120 -14.72 -8.81 27.09
CA SER I 120 -14.84 -9.51 28.36
C SER I 120 -13.77 -10.60 28.49
N LEU I 121 -13.44 -10.91 29.74
CA LEU I 121 -12.56 -12.03 30.03
C LEU I 121 -12.72 -12.37 31.50
N LYS I 122 -12.86 -13.66 31.80
CA LYS I 122 -12.86 -14.16 33.16
C LYS I 122 -13.68 -13.39 34.19
N LYS I 123 -14.82 -12.87 33.74
CA LYS I 123 -15.66 -12.03 34.57
C LYS I 123 -16.01 -12.48 35.99
N GLY I 124 -15.73 -11.60 36.95
CA GLY I 124 -15.94 -11.94 38.35
C GLY I 124 -14.97 -12.98 38.84
N TYR I 125 -13.70 -12.82 38.51
CA TYR I 125 -12.67 -13.79 38.83
C TYR I 125 -11.55 -13.09 39.59
N THR I 126 -10.95 -13.82 40.54
CA THR I 126 -9.89 -13.28 41.37
C THR I 126 -8.56 -13.86 40.93
N VAL I 127 -7.59 -13.00 40.66
CA VAL I 127 -6.24 -13.43 40.27
C VAL I 127 -5.46 -13.76 41.52
N GLY I 128 -4.87 -14.95 41.56
CA GLY I 128 -4.10 -15.38 42.72
C GLY I 128 -2.99 -14.42 43.07
N ALA I 129 -2.94 -14.00 44.33
CA ALA I 129 -1.91 -13.05 44.75
C ALA I 129 -0.51 -13.64 44.56
N GLU I 130 -0.29 -14.83 45.08
CA GLU I 130 1.00 -15.49 44.89
C GLU I 130 1.25 -15.71 43.41
N ALA I 131 2.45 -15.34 42.95
CA ALA I 131 2.74 -15.39 41.54
C ALA I 131 4.22 -15.63 41.31
N SER I 132 4.53 -16.21 40.14
CA SER I 132 5.93 -16.45 39.74
C SER I 132 6.11 -15.77 38.39
N ILE I 133 5.74 -14.49 38.29
CA ILE I 133 5.86 -13.73 37.05
C ILE I 133 7.20 -14.03 36.42
N ILE I 134 7.15 -14.31 35.11
CA ILE I 134 8.34 -14.60 34.37
C ILE I 134 8.21 -14.03 32.98
N LEU I 135 9.35 -13.80 32.32
CA LEU I 135 9.35 -13.29 30.96
C LEU I 135 10.19 -14.20 30.08
N GLY I 136 9.76 -14.45 28.84
CA GLY I 136 10.48 -15.31 27.94
C GLY I 136 10.01 -16.74 27.92
N GLN I 137 9.04 -17.06 28.78
CA GLN I 137 8.55 -18.44 28.90
C GLN I 137 7.07 -18.54 29.19
N GLU I 138 6.32 -19.30 28.40
CA GLU I 138 4.92 -19.57 28.67
C GLU I 138 5.07 -20.71 29.67
N GLN I 139 4.94 -20.37 30.95
CA GLN I 139 5.05 -21.38 31.99
C GLN I 139 3.78 -22.22 32.05
N ASP I 140 3.95 -23.54 31.92
CA ASP I 140 2.85 -24.48 32.13
C ASP I 140 2.69 -24.87 33.58
N SER I 141 3.52 -24.33 34.48
CA SER I 141 3.33 -24.49 35.91
C SER I 141 3.81 -23.21 36.58
N PHE I 142 3.92 -23.23 37.90
CA PHE I 142 4.39 -22.06 38.64
C PHE I 142 5.88 -21.90 38.41
N GLY I 143 6.25 -21.08 37.44
CA GLY I 143 7.64 -20.87 37.10
C GLY I 143 8.35 -22.13 36.66
N GLY I 144 7.73 -22.91 35.77
CA GLY I 144 8.36 -24.12 35.29
C GLY I 144 7.77 -24.58 33.99
N ASN I 145 8.35 -25.60 33.37
CA ASN I 145 7.82 -26.15 32.13
C ASN I 145 7.96 -25.15 30.99
N PHE I 146 9.15 -24.59 30.83
CA PHE I 146 9.36 -23.59 29.80
C PHE I 146 9.66 -24.22 28.45
N GLU I 147 9.24 -23.56 27.39
CA GLU I 147 9.41 -24.08 26.03
C GLU I 147 10.01 -22.99 25.16
N GLY I 148 11.07 -23.33 24.43
CA GLY I 148 11.69 -22.36 23.54
C GLY I 148 10.73 -21.83 22.49
N SER I 149 9.90 -22.70 21.92
CA SER I 149 8.94 -22.28 20.89
C SER I 149 7.99 -21.23 21.42
N GLN I 150 7.62 -21.34 22.68
CA GLN I 150 6.75 -20.36 23.33
C GLN I 150 7.54 -19.26 24.01
N SER I 151 8.83 -19.15 23.69
CA SER I 151 9.69 -18.19 24.38
C SER I 151 9.97 -16.90 23.63
N LEU I 152 10.14 -15.83 24.38
CA LEU I 152 10.46 -14.54 23.79
C LEU I 152 11.97 -14.42 23.62
N VAL I 153 12.40 -14.05 22.41
CA VAL I 153 13.82 -14.01 22.08
C VAL I 153 14.16 -12.62 21.56
N GLY I 154 13.45 -11.61 22.07
CA GLY I 154 13.78 -10.24 21.75
C GLY I 154 14.28 -9.49 22.96
N ASP I 155 13.46 -8.61 23.50
CA ASP I 155 13.75 -7.92 24.75
C ASP I 155 12.48 -7.23 25.22
N ILE I 156 12.43 -6.91 26.50
CA ILE I 156 11.23 -6.31 27.07
C ILE I 156 11.60 -5.50 28.29
N GLY I 157 10.82 -4.48 28.58
CA GLY I 157 11.07 -3.62 29.72
C GLY I 157 9.84 -2.80 30.03
N ASN I 158 10.03 -1.80 30.89
CA ASN I 158 8.93 -0.95 31.36
C ASN I 158 7.79 -1.80 31.93
N VAL I 159 8.12 -3.00 32.40
CA VAL I 159 7.11 -3.92 32.91
C VAL I 159 6.59 -3.35 34.23
N ASN I 160 5.35 -2.85 34.19
CA ASN I 160 4.73 -2.28 35.37
C ASN I 160 3.39 -2.94 35.59
N MET I 161 3.06 -3.26 36.83
CA MET I 161 1.77 -3.85 37.19
C MET I 161 1.08 -2.98 38.22
N TRP I 162 -0.18 -2.67 37.96
CA TRP I 162 -1.05 -1.94 38.87
C TRP I 162 -2.19 -2.84 39.30
N ASP I 163 -2.70 -2.61 40.51
CA ASP I 163 -3.84 -3.36 41.02
C ASP I 163 -5.17 -2.72 40.61
N PHE I 164 -5.11 -1.71 39.77
CA PHE I 164 -6.31 -1.05 39.31
C PHE I 164 -6.23 -0.82 37.82
N VAL I 165 -7.39 -0.73 37.18
CA VAL I 165 -7.42 -0.40 35.76
C VAL I 165 -7.11 1.08 35.61
N LEU I 166 -5.96 1.40 35.03
CA LEU I 166 -5.57 2.79 34.82
C LEU I 166 -6.52 3.48 33.87
N SER I 167 -6.79 4.76 34.12
CA SER I 167 -7.60 5.52 33.19
C SER I 167 -6.88 5.59 31.84
N PRO I 168 -7.63 5.66 30.74
CA PRO I 168 -6.99 5.73 29.43
C PRO I 168 -5.96 6.84 29.31
N ASP I 169 -6.21 8.01 29.90
CA ASP I 169 -5.18 9.03 29.95
C ASP I 169 -3.97 8.54 30.74
N GLU I 170 -4.22 7.81 31.83
CA GLU I 170 -3.11 7.25 32.59
C GLU I 170 -2.29 6.28 31.74
N ILE I 171 -2.97 5.43 30.95
CA ILE I 171 -2.25 4.49 30.08
C ILE I 171 -1.45 5.26 29.04
N ASN I 172 -2.03 6.33 28.53
CA ASN I 172 -1.30 7.15 27.58
C ASN I 172 -0.02 7.62 28.24
N THR I 173 -0.15 8.14 29.46
CA THR I 173 1.02 8.64 30.16
C THR I 173 2.07 7.55 30.36
N ILE I 174 1.64 6.33 30.70
CA ILE I 174 2.60 5.23 30.81
C ILE I 174 3.34 5.07 29.49
N TYR I 175 2.62 5.18 28.37
CA TYR I 175 3.28 5.13 27.08
C TYR I 175 4.27 6.27 26.93
N LEU I 176 3.90 7.47 27.38
CA LEU I 176 4.78 8.62 27.27
C LEU I 176 5.99 8.53 28.20
N GLY I 177 6.00 7.59 29.14
CA GLY I 177 7.11 7.42 30.04
C GLY I 177 7.09 8.30 31.27
N GLY I 178 6.00 9.03 31.51
CA GLY I 178 5.89 9.86 32.67
C GLY I 178 5.96 9.04 33.96
N PRO I 179 5.80 9.70 35.10
CA PRO I 179 5.82 8.95 36.37
C PRO I 179 4.56 8.14 36.57
N PHE I 180 4.69 7.10 37.40
CA PHE I 180 3.55 6.25 37.77
C PHE I 180 3.92 5.51 39.04
N SER I 181 2.92 4.85 39.62
CA SER I 181 3.07 4.08 40.86
C SER I 181 2.55 2.68 40.64
N PRO I 182 3.33 1.82 39.98
CA PRO I 182 2.89 0.42 39.79
C PRO I 182 3.01 -0.38 41.06
N ASN I 183 1.99 -0.30 41.92
CA ASN I 183 2.04 -0.93 43.23
C ASN I 183 2.39 -2.41 43.12
N VAL I 184 1.71 -3.14 42.24
CA VAL I 184 1.88 -4.58 42.17
C VAL I 184 3.30 -4.93 41.72
N LEU I 185 3.78 -4.30 40.67
CA LEU I 185 5.14 -4.51 40.22
C LEU I 185 5.47 -3.25 39.47
N ASN I 186 6.68 -2.73 39.62
CA ASN I 186 7.05 -1.47 38.99
C ASN I 186 8.42 -1.59 38.39
N TRP I 187 8.54 -1.30 37.10
CA TRP I 187 9.83 -1.39 36.43
C TRP I 187 10.86 -0.51 37.12
N ARG I 188 10.47 0.72 37.49
CA ARG I 188 11.39 1.66 38.14
C ARG I 188 11.70 1.26 39.58
N ALA I 189 10.92 0.37 40.17
CA ALA I 189 11.12 -0.14 41.53
C ALA I 189 10.99 -1.64 41.53
N LEU I 190 11.70 -2.30 40.63
CA LEU I 190 11.46 -3.69 40.28
C LEU I 190 12.29 -4.61 41.15
N LYS I 191 11.62 -5.56 41.81
CA LYS I 191 12.27 -6.65 42.54
C LYS I 191 12.25 -7.88 41.65
N TYR I 192 13.42 -8.39 41.33
CA TYR I 192 13.45 -9.59 40.52
C TYR I 192 14.76 -10.32 40.55
N GLU I 193 14.74 -11.51 39.98
CA GLU I 193 15.92 -12.37 39.89
C GLU I 193 15.94 -12.94 38.47
N VAL I 194 17.13 -13.25 37.98
CA VAL I 194 17.31 -13.67 36.59
C VAL I 194 17.86 -15.09 36.56
N GLN I 195 17.32 -15.91 35.66
CA GLN I 195 17.79 -17.27 35.45
C GLN I 195 18.02 -17.48 33.96
N GLY I 196 18.97 -18.34 33.64
CA GLY I 196 19.30 -18.60 32.25
C GLY I 196 20.27 -17.57 31.69
N GLU I 197 20.19 -17.33 30.38
CA GLU I 197 21.13 -16.44 29.70
C GLU I 197 20.54 -15.05 29.47
N VAL I 198 19.51 -14.67 30.23
CA VAL I 198 18.94 -13.34 30.12
C VAL I 198 19.90 -12.33 30.72
N PHE I 199 20.28 -11.33 29.93
CA PHE I 199 21.07 -10.22 30.45
C PHE I 199 20.15 -9.04 30.80
N THR I 200 20.72 -7.85 30.96
CA THR I 200 19.91 -6.66 31.16
C THR I 200 20.77 -5.46 30.79
N LYS I 201 20.32 -4.65 29.86
CA LYS I 201 21.08 -3.52 29.36
C LYS I 201 20.11 -2.47 28.83
N PRO I 202 20.58 -1.23 28.69
CA PRO I 202 19.70 -0.14 28.23
C PRO I 202 18.65 -0.37 27.14
N GLN I 203 17.38 -0.16 27.47
CA GLN I 203 16.30 -0.40 26.53
C GLN I 203 16.40 0.34 25.20
N LEU I 204 16.10 -0.39 24.11
CA LEU I 204 16.21 0.22 22.78
C LEU I 204 15.13 1.27 22.57
N TRP I 205 13.89 0.97 22.95
CA TRP I 205 12.80 1.86 22.63
C TRP I 205 12.97 3.19 23.33
N PRO I 206 12.42 4.29 22.77
CA PRO I 206 12.56 5.62 23.37
C PRO I 206 12.09 5.68 24.81
N HIS J 3 -11.72 -40.52 25.71
CA HIS J 3 -13.02 -40.27 26.33
C HIS J 3 -13.53 -38.89 25.95
N VAL J 4 -12.62 -38.03 25.49
CA VAL J 4 -12.98 -36.65 25.17
C VAL J 4 -14.04 -36.61 24.08
N GLN J 5 -13.78 -37.29 22.96
CA GLN J 5 -14.76 -37.50 21.90
C GLN J 5 -15.49 -36.24 21.40
N LEU J 6 -14.69 -35.27 21.00
CA LEU J 6 -15.26 -34.02 20.50
C LEU J 6 -16.39 -34.42 19.56
N VAL J 7 -17.57 -33.90 19.83
CA VAL J 7 -18.69 -34.12 18.94
C VAL J 7 -18.41 -33.49 17.59
N GLU J 8 -18.58 -34.27 16.55
CA GLU J 8 -18.37 -33.78 15.19
C GLU J 8 -19.75 -34.10 14.61
N SER J 9 -20.55 -33.06 14.41
CA SER J 9 -21.84 -33.19 13.74
C SER J 9 -22.22 -31.83 13.20
N GLY J 10 -23.41 -31.74 12.62
CA GLY J 10 -23.81 -30.55 11.88
C GLY J 10 -23.12 -30.44 10.53
N GLY J 11 -22.93 -31.56 9.84
CA GLY J 11 -22.33 -31.55 8.53
C GLY J 11 -23.25 -32.09 7.47
N GLY J 12 -22.75 -32.25 6.25
CA GLY J 12 -23.58 -32.78 5.18
C GLY J 12 -23.35 -32.11 3.84
N LEU J 13 -24.37 -32.13 2.99
CA LEU J 13 -24.30 -31.58 1.65
C LEU J 13 -25.03 -30.24 1.62
N VAL J 14 -24.39 -29.22 1.05
CA VAL J 14 -25.00 -27.91 0.92
C VAL J 14 -24.52 -27.31 -0.39
N GLN J 15 -25.42 -26.62 -1.09
CA GLN J 15 -25.04 -25.98 -2.34
C GLN J 15 -24.15 -24.79 -2.04
N ALA J 16 -23.24 -24.50 -2.96
CA ALA J 16 -22.12 -23.62 -2.67
C ALA J 16 -22.58 -22.22 -2.27
N GLY J 17 -21.95 -21.68 -1.22
CA GLY J 17 -22.36 -20.40 -0.68
C GLY J 17 -23.53 -20.44 0.26
N GLY J 18 -23.93 -21.63 0.70
CA GLY J 18 -25.00 -21.78 1.66
C GLY J 18 -24.51 -21.67 3.09
N SER J 19 -25.41 -22.09 3.98
CA SER J 19 -25.11 -22.04 5.39
C SER J 19 -25.32 -23.41 6.05
N LEU J 20 -24.41 -23.79 6.94
CA LEU J 20 -24.54 -25.07 7.61
C LEU J 20 -23.95 -24.92 9.02
N ARG J 21 -24.62 -25.50 10.00
CA ARG J 21 -24.24 -25.34 11.41
C ARG J 21 -23.48 -26.59 11.84
N LEU J 22 -22.19 -26.42 12.08
CA LEU J 22 -21.38 -27.51 12.58
C LEU J 22 -21.37 -27.50 14.09
N SER J 23 -21.58 -28.64 14.70
CA SER J 23 -21.60 -28.76 16.15
C SER J 23 -20.25 -29.21 16.69
N CYS J 24 -19.98 -28.82 17.94
CA CYS J 24 -18.75 -29.24 18.60
C CYS J 24 -19.00 -29.40 20.09
N ALA J 25 -19.61 -30.51 20.51
CA ALA J 25 -19.94 -30.76 21.90
C ALA J 25 -18.78 -31.44 22.60
N ALA J 26 -18.59 -31.09 23.87
CA ALA J 26 -17.49 -31.60 24.67
C ALA J 26 -18.03 -32.38 25.87
N SER J 27 -17.44 -33.54 26.10
CA SER J 27 -17.69 -34.24 27.36
C SER J 27 -17.31 -33.34 28.52
N ARG J 28 -18.03 -33.46 29.62
CA ARG J 28 -17.83 -32.57 30.76
C ARG J 28 -17.80 -31.12 30.28
N ASP J 29 -16.93 -30.30 30.87
CA ASP J 29 -16.80 -28.89 30.50
C ASP J 29 -15.45 -28.56 29.85
N ILE J 30 -14.74 -29.58 29.38
CA ILE J 30 -13.39 -29.36 28.87
C ILE J 30 -13.12 -28.14 28.00
N PHE J 31 -14.01 -27.83 27.05
CA PHE J 31 -13.69 -26.73 26.15
C PHE J 31 -13.52 -25.41 26.89
N SER J 32 -13.99 -25.33 28.14
CA SER J 32 -13.79 -24.13 28.94
C SER J 32 -12.32 -23.73 28.96
N ARG J 33 -11.44 -24.69 29.21
CA ARG J 33 -10.01 -24.40 29.22
C ARG J 33 -9.40 -24.50 27.82
N TYR J 34 -9.93 -25.36 26.96
CA TYR J 34 -9.42 -25.47 25.60
C TYR J 34 -9.81 -24.26 24.76
N THR J 35 -8.88 -23.82 23.92
CA THR J 35 -9.17 -22.87 22.84
C THR J 35 -9.50 -23.70 21.61
N VAL J 36 -10.80 -24.00 21.45
CA VAL J 36 -11.22 -24.94 20.41
C VAL J 36 -11.21 -24.36 19.00
N GLY J 37 -10.91 -25.23 18.04
CA GLY J 37 -10.69 -24.81 16.67
C GLY J 37 -11.17 -25.79 15.62
N TRP J 38 -11.66 -25.25 14.52
CA TRP J 38 -12.09 -26.05 13.39
C TRP J 38 -10.97 -26.11 12.36
N TYR J 39 -10.61 -27.33 11.96
CA TYR J 39 -9.59 -27.62 10.97
C TYR J 39 -10.28 -28.17 9.73
N ARG J 40 -9.76 -27.84 8.54
CA ARG J 40 -10.28 -28.39 7.30
C ARG J 40 -9.29 -29.42 6.76
N GLN J 41 -9.65 -30.69 6.88
CA GLN J 41 -8.81 -31.76 6.36
C GLN J 41 -9.36 -32.17 5.01
N ALA J 42 -9.33 -31.25 4.06
CA ALA J 42 -9.87 -31.50 2.74
C ALA J 42 -9.08 -32.62 2.05
N PRO J 43 -9.72 -33.37 1.16
CA PRO J 43 -9.03 -34.48 0.51
C PRO J 43 -7.80 -33.99 -0.24
N GLY J 44 -6.68 -34.67 -0.02
CA GLY J 44 -5.42 -34.26 -0.61
C GLY J 44 -4.90 -32.96 -0.02
N LYS J 45 -5.65 -32.47 0.98
CA LYS J 45 -5.28 -31.22 1.64
C LYS J 45 -4.76 -31.44 3.05
N GLN J 46 -4.47 -30.37 3.75
CA GLN J 46 -3.79 -30.45 5.02
C GLN J 46 -4.79 -30.54 6.17
N ARG J 47 -4.27 -30.67 7.40
CA ARG J 47 -5.08 -30.55 8.60
C ARG J 47 -5.10 -29.10 9.07
N ASP J 48 -5.37 -28.20 8.14
CA ASP J 48 -5.33 -26.77 8.45
C ASP J 48 -6.57 -26.27 9.15
N LEU J 49 -6.37 -25.35 10.08
CA LEU J 49 -7.48 -24.80 10.86
C LEU J 49 -8.27 -23.82 10.00
N VAL J 50 -9.55 -24.13 9.79
CA VAL J 50 -10.43 -23.14 9.17
C VAL J 50 -10.58 -21.93 10.08
N ALA J 51 -10.73 -22.17 11.38
CA ALA J 51 -10.91 -21.07 12.32
C ALA J 51 -10.62 -21.57 13.73
N LEU J 52 -10.69 -20.65 14.68
CA LEU J 52 -10.47 -20.99 16.09
C LEU J 52 -11.15 -19.93 16.94
N ILE J 53 -11.39 -20.31 18.21
CA ILE J 53 -12.00 -19.38 19.18
C ILE J 53 -11.34 -19.50 20.53
N THR J 54 -11.03 -18.36 21.14
CA THR J 54 -10.39 -18.33 22.44
C THR J 54 -11.32 -18.70 23.57
N ASN J 55 -10.75 -19.02 24.73
CA ASN J 55 -11.57 -19.34 25.89
C ASN J 55 -12.52 -18.20 26.22
N GLY J 56 -12.01 -16.96 26.20
CA GLY J 56 -12.85 -15.84 26.55
C GLY J 56 -14.01 -15.65 25.60
N GLY J 57 -13.80 -15.91 24.32
CA GLY J 57 -14.86 -15.77 23.35
C GLY J 57 -14.40 -15.21 22.03
N SER J 58 -13.27 -14.51 22.04
CA SER J 58 -12.74 -13.96 20.80
C SER J 58 -12.40 -15.08 19.83
N THR J 59 -12.52 -14.79 18.53
CA THR J 59 -12.37 -15.79 17.49
C THR J 59 -11.52 -15.22 16.36
N HIS J 60 -10.91 -16.12 15.61
CA HIS J 60 -10.20 -15.77 14.39
C HIS J 60 -10.51 -16.76 13.29
N TYR J 61 -10.52 -16.27 12.06
CA TYR J 61 -10.78 -17.07 10.87
C TYR J 61 -9.67 -16.81 9.87
N VAL J 62 -9.12 -17.88 9.30
CA VAL J 62 -8.06 -17.72 8.32
C VAL J 62 -8.50 -16.89 7.11
N ASP J 63 -7.56 -16.19 6.52
CA ASP J 63 -7.86 -15.33 5.39
C ASP J 63 -8.80 -15.99 4.38
N SER J 64 -8.53 -17.25 4.04
CA SER J 64 -9.38 -17.97 3.10
C SER J 64 -10.81 -18.12 3.61
N VAL J 65 -11.05 -17.97 4.91
CA VAL J 65 -12.37 -18.14 5.50
C VAL J 65 -12.90 -16.84 6.09
N LYS J 66 -12.21 -15.72 5.87
CA LYS J 66 -12.63 -14.44 6.44
C LYS J 66 -14.08 -14.16 6.13
N GLY J 67 -14.90 -14.07 7.17
CA GLY J 67 -16.32 -13.78 6.99
C GLY J 67 -17.10 -15.00 6.53
N ARG J 68 -16.39 -15.97 5.94
CA ARG J 68 -17.05 -17.16 5.42
C ARG J 68 -17.83 -17.88 6.51
N PHE J 69 -17.17 -18.08 7.64
CA PHE J 69 -17.82 -18.74 8.75
C PHE J 69 -17.67 -17.94 10.05
N THR J 70 -18.49 -18.32 11.03
CA THR J 70 -18.48 -17.67 12.33
C THR J 70 -18.49 -18.74 13.41
N ILE J 71 -17.43 -18.82 14.20
CA ILE J 71 -17.35 -19.80 15.28
C ILE J 71 -17.67 -19.12 16.60
N SER J 72 -18.57 -19.71 17.38
CA SER J 72 -18.97 -19.18 18.67
C SER J 72 -18.90 -20.28 19.71
N ARG J 73 -18.67 -19.87 20.96
CA ARG J 73 -18.57 -20.82 22.05
C ARG J 73 -19.89 -21.02 22.77
N ASP J 74 -20.43 -22.22 22.69
CA ASP J 74 -21.68 -22.54 23.39
C ASP J 74 -21.30 -23.18 24.72
N ASN J 75 -21.08 -22.32 25.72
CA ASN J 75 -20.69 -22.78 27.05
C ASN J 75 -21.84 -23.45 27.80
N ALA J 76 -23.07 -23.34 27.31
CA ALA J 76 -24.19 -23.96 28.00
C ALA J 76 -24.03 -25.47 28.07
N LYS J 77 -23.60 -26.10 26.98
CA LYS J 77 -23.40 -27.54 26.94
C LYS J 77 -22.05 -27.95 26.35
N ASN J 78 -21.12 -27.02 26.17
CA ASN J 78 -19.82 -27.26 25.54
C ASN J 78 -19.94 -27.44 24.03
N THR J 79 -21.14 -27.12 23.57
CA THR J 79 -21.43 -27.28 22.17
C THR J 79 -21.06 -26.07 21.31
N VAL J 80 -19.76 -25.75 21.22
CA VAL J 80 -19.34 -24.63 20.40
C VAL J 80 -19.87 -24.82 18.98
N TYR J 81 -20.48 -23.78 18.44
CA TYR J 81 -21.17 -23.87 17.18
C TYR J 81 -20.35 -23.15 16.11
N LEU J 82 -20.49 -23.59 14.87
CA LEU J 82 -19.80 -22.97 13.74
C LEU J 82 -20.81 -22.79 12.61
N GLN J 83 -21.18 -21.53 12.36
CA GLN J 83 -22.06 -21.25 11.25
C GLN J 83 -21.26 -20.98 10.01
N MET J 84 -21.46 -21.81 9.01
CA MET J 84 -20.76 -21.66 7.73
C MET J 84 -21.69 -20.95 6.74
N ASN J 85 -21.23 -19.80 6.27
CA ASN J 85 -22.00 -19.07 5.29
C ASN J 85 -21.16 -18.96 4.03
N SER J 86 -21.81 -18.70 2.91
CA SER J 86 -21.11 -18.57 1.63
C SER J 86 -20.09 -19.67 1.33
N LEU J 87 -20.51 -20.91 1.50
CA LEU J 87 -19.60 -22.05 1.36
C LEU J 87 -19.20 -22.21 -0.10
N LYS J 88 -17.96 -21.84 -0.38
CA LYS J 88 -17.44 -22.05 -1.72
C LYS J 88 -17.01 -23.49 -1.85
N SER J 89 -16.62 -23.92 -3.04
CA SER J 89 -16.31 -25.32 -3.27
C SER J 89 -15.10 -25.76 -2.47
N GLU J 90 -14.09 -24.92 -2.38
CA GLU J 90 -12.90 -25.25 -1.60
C GLU J 90 -13.33 -25.74 -0.24
N ASP J 91 -14.28 -25.06 0.38
CA ASP J 91 -14.75 -25.45 1.70
C ASP J 91 -15.10 -26.93 1.78
N THR J 92 -15.56 -27.52 0.68
CA THR J 92 -15.86 -28.94 0.67
C THR J 92 -14.68 -29.72 1.24
N ALA J 93 -14.90 -30.38 2.38
CA ALA J 93 -13.85 -31.12 3.06
C ALA J 93 -14.47 -31.74 4.31
N ILE J 94 -13.66 -32.53 5.02
CA ILE J 94 -14.04 -33.02 6.33
C ILE J 94 -13.47 -32.05 7.36
N TYR J 95 -14.35 -31.50 8.20
CA TYR J 95 -13.94 -30.53 9.21
C TYR J 95 -13.73 -31.25 10.53
N TYR J 96 -12.51 -31.19 11.03
CA TYR J 96 -12.15 -31.77 12.33
C TYR J 96 -12.25 -30.67 13.38
N CYS J 97 -13.21 -30.81 14.28
CA CYS J 97 -13.35 -29.88 15.39
C CYS J 97 -12.50 -30.37 16.55
N ASN J 98 -11.31 -29.78 16.70
CA ASN J 98 -10.39 -30.22 17.74
C ASN J 98 -10.32 -29.20 18.87
N ALA J 99 -9.78 -29.66 19.99
CA ALA J 99 -9.67 -28.84 21.21
C ALA J 99 -8.25 -28.96 21.75
N PHE J 100 -7.42 -27.99 21.38
CA PHE J 100 -6.15 -27.77 22.06
C PHE J 100 -6.39 -26.81 23.22
N ARG J 101 -5.37 -26.64 24.07
CA ARG J 101 -5.62 -25.96 25.33
C ARG J 101 -5.58 -24.43 25.36
N ALA J 102 -4.51 -23.84 24.83
CA ALA J 102 -4.40 -22.38 24.76
C ALA J 102 -4.30 -21.92 23.31
N SER J 103 -4.42 -20.61 23.11
CA SER J 103 -4.53 -20.06 21.76
C SER J 103 -3.21 -20.04 21.02
N PHE J 104 -2.10 -19.79 21.71
CA PHE J 104 -0.80 -19.75 21.05
C PHE J 104 -0.46 -21.10 20.42
N ASP J 105 -0.75 -22.19 21.13
CA ASP J 105 -0.36 -23.53 20.67
C ASP J 105 -1.43 -24.12 19.77
N ARG J 106 -1.51 -23.57 18.55
CA ARG J 106 -2.45 -24.08 17.57
C ARG J 106 -2.08 -25.50 17.15
N THR J 107 -0.80 -25.76 16.92
CA THR J 107 -0.37 -27.07 16.43
C THR J 107 -0.79 -28.20 17.33
N PRO J 108 -0.60 -28.15 18.64
CA PRO J 108 -1.04 -29.26 19.50
C PRO J 108 -2.55 -29.42 19.43
N LEU J 109 -2.99 -30.68 19.53
CA LEU J 109 -4.41 -31.00 19.47
C LEU J 109 -4.91 -31.80 20.66
N TYR J 110 -4.06 -32.53 21.37
CA TYR J 110 -4.51 -33.36 22.47
C TYR J 110 -5.68 -34.23 22.03
N SER J 111 -6.83 -34.06 22.67
CA SER J 111 -8.01 -34.84 22.32
C SER J 111 -8.30 -34.73 20.83
N TRP J 112 -8.55 -35.88 20.21
CA TRP J 112 -8.85 -35.97 18.79
C TRP J 112 -10.22 -36.61 18.59
N GLY J 113 -10.91 -36.19 17.53
CA GLY J 113 -12.23 -36.70 17.25
C GLY J 113 -12.32 -37.45 15.93
N GLN J 114 -13.47 -37.31 15.24
CA GLN J 114 -13.72 -37.99 13.98
C GLN J 114 -14.04 -37.04 12.85
N GLY J 115 -14.57 -35.85 13.15
CA GLY J 115 -14.85 -34.85 12.13
C GLY J 115 -16.25 -34.99 11.54
N THR J 116 -16.61 -34.00 10.72
CA THR J 116 -17.90 -34.00 10.04
C THR J 116 -17.68 -33.63 8.58
N LEU J 117 -18.31 -34.37 7.68
CA LEU J 117 -18.15 -34.11 6.27
C LEU J 117 -18.90 -32.84 5.86
N VAL J 118 -18.43 -32.24 4.77
CA VAL J 118 -19.04 -31.04 4.22
C VAL J 118 -18.87 -31.23 2.72
N THR J 119 -19.97 -31.08 1.99
CA THR J 119 -19.92 -31.14 0.52
C THR J 119 -20.53 -29.90 -0.08
N VAL J 120 -19.69 -29.03 -0.62
CA VAL J 120 -20.18 -27.81 -1.26
C VAL J 120 -20.46 -28.14 -2.71
N SER J 121 -21.72 -28.12 -3.09
CA SER J 121 -22.14 -28.46 -4.46
C SER J 121 -22.38 -27.19 -5.28
#